data_1J7N
#
_entry.id   1J7N
#
_cell.length_a   96.201
_cell.length_b   137.461
_cell.length_c   98.547
_cell.angle_alpha   90.00
_cell.angle_beta   98.35
_cell.angle_gamma   90.00
#
_symmetry.space_group_name_H-M   'P 1 21 1'
#
loop_
_entity.id
_entity.type
_entity.pdbx_description
1 polymer 'Lethal Factor precursor'
2 non-polymer 'SULFATE ION'
3 non-polymer 'ZINC ION'
4 water water
#
_entity_poly.entity_id   1
_entity_poly.type   'polypeptide(L)'
_entity_poly.pdbx_seq_one_letter_code
;AGGHGDVGMHVKEKEKNKDENKRKDEERNKTQEEHLKEIMKHIVKIEVKGEEAVKKEAAEKLLEKVPSDVLEMYKAIGGK
IYIVDGDITKHISLEALSEDKKKIKDIYGKDALLHEHYVYAKEGYEPVLVIQSSEDYVENTEKALNVYYEIGKILSRDIL
SKINQPYQKFLDVLNTIKNASDSDGQDLLFTNQLKEHPTDFSVEFLEQNSNEVQEVFAKAFAYYIEPQHRDVLQLYAPEA
FNYMDKFNEQEINLSLEELKDQRMLSRYEKWEKIKQHYQHWSDSLSEEGRGLLKKLQIPIEPKKDDIIHSLSQEEKELLK
RIQIDSSDFLSTEEKEFLKKLQIDIRDSLSEEEKELLNRIQVDSSNPLSEKEKEFLKKLKLDIQPYDINQRLQDTGGLID
SPSINLDVRKQYKRDIQNIDALLHQSIGSTLYNKIYLYENMNINNLTATLGADLVDSTDNTKINRGIFNEFKKNFKYSIS
SNYMIVDINERPALDNERLKWRIQLSPDTRAGYLENGKLILQRNIGLEIKDVQIIKQSEKEYIRIDAKVVPKSKIDTKIQ
EAQLNINQEWNKALGLPKYTKLITFNVHNRYASNIVESAYLILNEWKNNIQSDLIKKVTNYLVDGNGRFVFTDITLPNIA
EQYTHQDEIYEQVHSKGLYVPESRSILLHGPSKGVELRNDSEGFIHEFGHAVDDYAGYLLDKNQSDLVTNSKKFIDIFKE
EGSNLTSYGRTNEAEFFAEAFRLMHSTDHAERLKVQKNAPKTFQFINDQIKFIINS
;
_entity_poly.pdbx_strand_id   A,B
#
loop_
_chem_comp.id
_chem_comp.type
_chem_comp.name
_chem_comp.formula
SO4 non-polymer 'SULFATE ION' 'O4 S -2'
ZN non-polymer 'ZINC ION' 'Zn 2'
#
# COMPACT_ATOMS: atom_id res chain seq x y z
N GLU A 27 -10.80 41.54 -12.70
CA GLU A 27 -9.83 41.04 -11.67
C GLU A 27 -10.39 39.76 -11.04
N ARG A 28 -11.45 39.91 -10.24
CA ARG A 28 -12.10 38.80 -9.57
C ARG A 28 -13.19 38.21 -10.48
N ASN A 29 -14.21 39.01 -10.76
CA ASN A 29 -15.32 38.60 -11.61
C ASN A 29 -14.94 38.59 -13.08
N LYS A 30 -13.67 38.88 -13.36
CA LYS A 30 -13.18 38.92 -14.74
C LYS A 30 -13.15 37.51 -15.34
N THR A 31 -12.89 36.52 -14.49
CA THR A 31 -12.82 35.14 -14.93
C THR A 31 -13.94 34.30 -14.31
N GLN A 32 -14.86 34.96 -13.60
CA GLN A 32 -15.97 34.29 -12.94
C GLN A 32 -17.27 34.32 -13.77
N GLU A 33 -17.74 35.53 -14.05
CA GLU A 33 -18.97 35.71 -14.83
C GLU A 33 -18.85 35.04 -16.20
N GLU A 34 -17.73 35.29 -16.87
CA GLU A 34 -17.48 34.72 -18.19
C GLU A 34 -17.34 33.20 -18.08
N HIS A 35 -16.88 32.74 -16.93
CA HIS A 35 -16.70 31.31 -16.67
C HIS A 35 -18.05 30.61 -16.49
N LEU A 36 -18.84 31.10 -15.54
CA LEU A 36 -20.15 30.54 -15.25
C LEU A 36 -21.02 30.48 -16.50
N LYS A 37 -20.92 31.51 -17.35
CA LYS A 37 -21.69 31.58 -18.59
C LYS A 37 -21.27 30.46 -19.54
N GLU A 38 -20.00 30.06 -19.46
CA GLU A 38 -19.51 28.99 -20.32
C GLU A 38 -20.12 27.65 -19.90
N ILE A 39 -20.45 27.54 -18.62
CA ILE A 39 -21.06 26.33 -18.08
C ILE A 39 -22.53 26.30 -18.51
N MET A 40 -23.22 27.42 -18.27
CA MET A 40 -24.63 27.56 -18.63
C MET A 40 -24.81 27.22 -20.10
N LYS A 41 -23.81 27.61 -20.90
CA LYS A 41 -23.78 27.39 -22.33
C LYS A 41 -23.81 25.90 -22.68
N HIS A 42 -22.97 25.13 -22.00
CA HIS A 42 -22.84 23.70 -22.25
C HIS A 42 -23.92 22.80 -21.65
N ILE A 43 -24.27 23.02 -20.38
CA ILE A 43 -25.25 22.16 -19.72
C ILE A 43 -26.70 22.60 -19.61
N VAL A 44 -27.01 23.84 -19.99
CA VAL A 44 -28.39 24.31 -19.90
C VAL A 44 -29.13 24.37 -21.24
N LYS A 45 -30.01 23.40 -21.47
CA LYS A 45 -30.80 23.35 -22.70
C LYS A 45 -32.22 23.83 -22.45
N ILE A 46 -32.62 24.91 -23.12
CA ILE A 46 -33.97 25.45 -22.96
C ILE A 46 -34.84 24.89 -24.09
N GLU A 47 -35.85 24.10 -23.72
CA GLU A 47 -36.73 23.50 -24.71
C GLU A 47 -38.17 23.92 -24.47
N VAL A 48 -38.47 25.19 -24.72
CA VAL A 48 -39.81 25.71 -24.51
C VAL A 48 -40.47 26.25 -25.78
N LYS A 49 -41.75 26.60 -25.65
CA LYS A 49 -42.58 27.13 -26.73
C LYS A 49 -41.82 28.03 -27.71
N GLY A 50 -41.77 29.32 -27.38
CA GLY A 50 -41.08 30.28 -28.22
C GLY A 50 -40.70 31.52 -27.46
N GLU A 51 -41.04 31.55 -26.17
CA GLU A 51 -40.72 32.68 -25.31
C GLU A 51 -39.30 32.49 -24.80
N GLU A 52 -38.46 31.88 -25.64
CA GLU A 52 -37.06 31.64 -25.29
C GLU A 52 -36.31 32.96 -25.11
N ALA A 53 -36.53 33.58 -23.96
CA ALA A 53 -35.89 34.84 -23.63
C ALA A 53 -36.21 35.11 -22.17
N VAL A 54 -37.49 35.00 -21.84
CA VAL A 54 -37.96 35.21 -20.48
C VAL A 54 -37.78 33.91 -19.71
N LYS A 55 -38.11 32.79 -20.38
CA LYS A 55 -37.97 31.47 -19.79
C LYS A 55 -36.50 31.19 -19.45
N LYS A 56 -35.64 31.43 -20.44
CA LYS A 56 -34.21 31.21 -20.28
C LYS A 56 -33.61 32.09 -19.19
N GLU A 57 -34.07 33.34 -19.13
CA GLU A 57 -33.57 34.29 -18.15
C GLU A 57 -34.02 33.93 -16.73
N ALA A 58 -35.23 33.37 -16.62
CA ALA A 58 -35.77 32.96 -15.33
C ALA A 58 -34.92 31.85 -14.74
N ALA A 59 -34.65 30.83 -15.55
CA ALA A 59 -33.85 29.69 -15.12
C ALA A 59 -32.47 30.17 -14.68
N GLU A 60 -31.89 31.07 -15.45
CA GLU A 60 -30.58 31.63 -15.15
C GLU A 60 -30.59 32.27 -13.76
N LYS A 61 -31.66 32.98 -13.45
CA LYS A 61 -31.79 33.63 -12.15
C LYS A 61 -31.87 32.55 -11.09
N LEU A 62 -32.60 31.48 -11.39
CA LEU A 62 -32.77 30.36 -10.47
C LEU A 62 -31.44 29.66 -10.19
N LEU A 63 -30.80 29.17 -11.25
CA LEU A 63 -29.52 28.47 -11.12
C LEU A 63 -28.43 29.35 -10.53
N GLU A 64 -28.65 30.67 -10.61
CA GLU A 64 -27.72 31.66 -10.10
C GLU A 64 -27.41 31.46 -8.61
N LYS A 65 -28.47 31.28 -7.81
CA LYS A 65 -28.31 31.10 -6.37
C LYS A 65 -27.40 29.92 -6.00
N VAL A 66 -27.18 29.01 -6.95
CA VAL A 66 -26.35 27.85 -6.70
C VAL A 66 -24.88 28.17 -6.88
N PRO A 67 -24.02 27.67 -5.98
CA PRO A 67 -22.58 27.95 -6.09
C PRO A 67 -22.09 27.45 -7.45
N SER A 68 -21.35 28.30 -8.16
CA SER A 68 -20.84 27.95 -9.47
C SER A 68 -20.15 26.57 -9.55
N ASP A 69 -19.38 26.22 -8.52
CA ASP A 69 -18.67 24.96 -8.50
C ASP A 69 -19.55 23.72 -8.60
N VAL A 70 -20.79 23.79 -8.12
CA VAL A 70 -21.67 22.63 -8.21
C VAL A 70 -22.00 22.39 -9.69
N LEU A 71 -22.31 23.46 -10.40
CA LEU A 71 -22.63 23.36 -11.82
C LEU A 71 -21.43 22.87 -12.60
N GLU A 72 -20.23 23.30 -12.24
CA GLU A 72 -19.05 22.84 -12.95
C GLU A 72 -18.80 21.37 -12.67
N MET A 73 -19.08 20.94 -11.44
CA MET A 73 -18.88 19.54 -11.07
C MET A 73 -19.92 18.69 -11.79
N TYR A 74 -21.16 19.18 -11.86
CA TYR A 74 -22.21 18.44 -12.57
C TYR A 74 -21.76 18.25 -14.02
N LYS A 75 -21.28 19.32 -14.63
CA LYS A 75 -20.81 19.26 -16.01
C LYS A 75 -19.73 18.19 -16.14
N ALA A 76 -18.83 18.14 -15.17
CA ALA A 76 -17.73 17.18 -15.15
C ALA A 76 -18.18 15.71 -15.14
N ILE A 77 -19.33 15.41 -14.53
CA ILE A 77 -19.79 14.02 -14.49
C ILE A 77 -20.77 13.72 -15.63
N GLY A 78 -20.80 14.61 -16.63
CA GLY A 78 -21.67 14.41 -17.78
C GLY A 78 -23.11 14.83 -17.60
N GLY A 79 -23.40 15.58 -16.55
CA GLY A 79 -24.76 16.01 -16.31
C GLY A 79 -25.27 17.09 -17.22
N LYS A 80 -26.59 17.10 -17.44
CA LYS A 80 -27.24 18.09 -18.30
C LYS A 80 -28.47 18.64 -17.58
N ILE A 81 -28.83 19.87 -17.90
CA ILE A 81 -30.00 20.50 -17.29
C ILE A 81 -30.98 20.92 -18.36
N TYR A 82 -32.24 20.52 -18.20
CA TYR A 82 -33.27 20.86 -19.17
C TYR A 82 -34.44 21.65 -18.58
N ILE A 83 -34.74 22.78 -19.20
CA ILE A 83 -35.86 23.61 -18.80
C ILE A 83 -36.98 23.28 -19.81
N VAL A 84 -38.09 22.77 -19.30
CA VAL A 84 -39.18 22.39 -20.19
C VAL A 84 -40.56 22.89 -19.77
N ASP A 85 -41.54 22.67 -20.65
CA ASP A 85 -42.93 23.06 -20.44
C ASP A 85 -43.76 21.79 -20.30
N GLY A 86 -44.86 21.89 -19.56
CA GLY A 86 -45.74 20.76 -19.39
C GLY A 86 -45.19 19.61 -18.57
N ASP A 87 -45.75 18.42 -18.80
CA ASP A 87 -45.34 17.20 -18.10
C ASP A 87 -43.89 16.84 -18.35
N ILE A 88 -43.05 17.05 -17.34
CA ILE A 88 -41.63 16.77 -17.42
C ILE A 88 -41.28 15.33 -17.79
N THR A 89 -42.12 14.38 -17.38
CA THR A 89 -41.87 12.98 -17.70
C THR A 89 -42.02 12.70 -19.18
N LYS A 90 -42.49 13.69 -19.92
CA LYS A 90 -42.67 13.52 -21.37
C LYS A 90 -41.38 13.94 -22.10
N HIS A 91 -40.31 14.18 -21.36
CA HIS A 91 -39.05 14.58 -21.98
C HIS A 91 -38.27 13.33 -22.36
N ILE A 92 -37.51 13.44 -23.46
CA ILE A 92 -36.74 12.32 -23.97
C ILE A 92 -35.83 11.70 -22.91
N SER A 93 -35.16 12.55 -22.14
CA SER A 93 -34.24 12.11 -21.09
C SER A 93 -34.89 11.21 -20.06
N LEU A 94 -36.15 11.48 -19.73
CA LEU A 94 -36.88 10.68 -18.75
C LEU A 94 -37.87 9.75 -19.45
N GLU A 95 -37.65 9.54 -20.75
CA GLU A 95 -38.53 8.69 -21.55
C GLU A 95 -38.44 7.24 -21.10
N ALA A 96 -37.22 6.78 -20.83
CA ALA A 96 -36.99 5.41 -20.40
C ALA A 96 -37.27 5.18 -18.92
N LEU A 97 -37.65 6.25 -18.22
CA LEU A 97 -37.94 6.15 -16.79
C LEU A 97 -38.94 5.05 -16.43
N SER A 98 -38.59 4.24 -15.43
CA SER A 98 -39.47 3.16 -15.00
C SER A 98 -40.65 3.76 -14.22
N GLU A 99 -41.81 3.13 -14.34
CA GLU A 99 -43.01 3.61 -13.66
C GLU A 99 -42.80 3.83 -12.17
N ASP A 100 -42.02 2.94 -11.55
CA ASP A 100 -41.75 3.03 -10.12
C ASP A 100 -41.05 4.34 -9.72
N LYS A 101 -40.08 4.75 -10.52
CA LYS A 101 -39.34 5.97 -10.25
C LYS A 101 -40.17 7.24 -10.45
N LYS A 102 -41.32 7.11 -11.10
CA LYS A 102 -42.18 8.26 -11.34
C LYS A 102 -42.86 8.68 -10.03
N LYS A 103 -42.67 7.86 -9.00
CA LYS A 103 -43.22 8.13 -7.68
C LYS A 103 -42.13 8.81 -6.88
N ILE A 104 -42.37 10.06 -6.50
CA ILE A 104 -41.38 10.83 -5.75
C ILE A 104 -41.91 11.43 -4.46
N LYS A 105 -41.00 11.76 -3.55
CA LYS A 105 -41.34 12.39 -2.28
C LYS A 105 -40.68 13.75 -2.26
N ASP A 106 -41.46 14.80 -2.04
CA ASP A 106 -40.91 16.16 -2.01
C ASP A 106 -40.00 16.34 -0.79
N ILE A 107 -39.51 17.56 -0.61
CA ILE A 107 -38.62 17.88 0.50
C ILE A 107 -39.25 17.60 1.86
N TYR A 108 -40.55 17.81 1.98
CA TYR A 108 -41.25 17.60 3.24
C TYR A 108 -41.68 16.14 3.48
N GLY A 109 -41.36 15.25 2.54
CA GLY A 109 -41.72 13.86 2.70
C GLY A 109 -43.08 13.47 2.13
N LYS A 110 -43.78 14.43 1.54
CA LYS A 110 -45.09 14.18 0.95
C LYS A 110 -44.90 13.60 -0.46
N ASP A 111 -45.77 12.66 -0.84
CA ASP A 111 -45.67 12.06 -2.17
C ASP A 111 -46.05 13.04 -3.27
N ALA A 112 -45.74 12.65 -4.50
CA ALA A 112 -46.04 13.47 -5.66
C ALA A 112 -45.77 12.64 -6.90
N LEU A 113 -46.48 12.96 -7.98
CA LEU A 113 -46.31 12.25 -9.23
C LEU A 113 -45.50 13.11 -10.19
N LEU A 114 -44.43 12.54 -10.71
CA LEU A 114 -43.58 13.27 -11.64
C LEU A 114 -44.36 13.95 -12.74
N HIS A 115 -45.41 13.30 -13.25
CA HIS A 115 -46.19 13.89 -14.32
C HIS A 115 -46.96 15.12 -13.82
N GLU A 116 -46.91 15.34 -12.52
CA GLU A 116 -47.57 16.49 -11.89
C GLU A 116 -46.57 17.39 -11.18
N HIS A 117 -45.31 16.95 -11.13
CA HIS A 117 -44.27 17.72 -10.46
C HIS A 117 -43.52 18.67 -11.40
N TYR A 118 -42.70 19.54 -10.82
CA TYR A 118 -41.93 20.51 -11.60
C TYR A 118 -40.42 20.28 -11.65
N VAL A 119 -39.92 19.29 -10.91
CA VAL A 119 -38.48 19.01 -10.93
C VAL A 119 -38.14 17.54 -10.70
N TYR A 120 -37.00 17.11 -11.25
CA TYR A 120 -36.55 15.73 -11.06
C TYR A 120 -35.09 15.57 -11.47
N ALA A 121 -34.31 14.92 -10.61
CA ALA A 121 -32.90 14.69 -10.91
C ALA A 121 -32.71 13.20 -11.17
N LYS A 122 -32.44 12.85 -12.42
CA LYS A 122 -32.24 11.45 -12.78
C LYS A 122 -30.84 10.99 -12.45
N GLU A 123 -30.76 9.94 -11.63
CA GLU A 123 -29.50 9.37 -11.21
C GLU A 123 -28.95 8.54 -12.38
N GLY A 124 -27.68 8.14 -12.30
CA GLY A 124 -27.13 7.33 -13.39
C GLY A 124 -25.87 7.86 -14.05
N TYR A 125 -25.24 7.00 -14.86
CA TYR A 125 -24.00 7.35 -15.56
C TYR A 125 -24.17 8.50 -16.56
N GLU A 126 -25.42 8.90 -16.79
CA GLU A 126 -25.71 10.04 -17.67
C GLU A 126 -26.79 10.82 -16.93
N PRO A 127 -26.41 11.44 -15.80
CA PRO A 127 -27.31 12.24 -14.97
C PRO A 127 -27.97 13.38 -15.71
N VAL A 128 -29.21 13.66 -15.33
CA VAL A 128 -29.98 14.72 -15.94
C VAL A 128 -30.84 15.40 -14.90
N LEU A 129 -31.07 16.70 -15.09
CA LEU A 129 -31.93 17.46 -14.20
C LEU A 129 -33.00 18.10 -15.08
N VAL A 130 -34.26 17.90 -14.72
CA VAL A 130 -35.36 18.47 -15.51
C VAL A 130 -36.16 19.44 -14.64
N ILE A 131 -36.33 20.66 -15.13
CA ILE A 131 -37.05 21.70 -14.42
C ILE A 131 -38.17 22.30 -15.27
N GLN A 132 -39.37 22.37 -14.69
CA GLN A 132 -40.53 22.95 -15.36
C GLN A 132 -40.43 24.48 -15.25
N SER A 133 -40.34 25.14 -16.40
CA SER A 133 -40.21 26.61 -16.44
C SER A 133 -41.35 27.41 -15.79
N SER A 134 -40.96 28.33 -14.91
CA SER A 134 -41.90 29.21 -14.21
C SER A 134 -41.24 30.55 -13.93
N GLU A 135 -42.04 31.60 -13.77
CA GLU A 135 -41.52 32.94 -13.52
C GLU A 135 -41.74 33.38 -12.09
N ASP A 136 -42.41 32.56 -11.29
CA ASP A 136 -42.69 32.89 -9.89
C ASP A 136 -41.91 32.07 -8.88
N TYR A 137 -40.75 31.56 -9.28
CA TYR A 137 -39.92 30.77 -8.39
C TYR A 137 -39.43 31.63 -7.23
N VAL A 138 -39.28 32.92 -7.49
CA VAL A 138 -38.84 33.85 -6.46
C VAL A 138 -39.95 34.02 -5.43
N GLU A 139 -41.20 34.00 -5.93
CA GLU A 139 -42.36 34.15 -5.06
C GLU A 139 -42.77 32.84 -4.39
N ASN A 140 -42.87 31.77 -5.19
CA ASN A 140 -43.26 30.47 -4.66
C ASN A 140 -42.05 29.74 -4.09
N THR A 141 -41.59 30.23 -2.95
CA THR A 141 -40.43 29.68 -2.27
C THR A 141 -40.44 28.19 -1.99
N GLU A 142 -41.62 27.61 -1.78
CA GLU A 142 -41.69 26.17 -1.51
C GLU A 142 -41.31 25.34 -2.74
N LYS A 143 -41.56 25.87 -3.93
CA LYS A 143 -41.20 25.14 -5.13
C LYS A 143 -39.74 25.38 -5.45
N ALA A 144 -39.24 26.58 -5.12
CA ALA A 144 -37.83 26.90 -5.35
C ALA A 144 -37.02 26.04 -4.39
N LEU A 145 -37.53 25.91 -3.18
CA LEU A 145 -36.88 25.10 -2.15
C LEU A 145 -36.75 23.66 -2.64
N ASN A 146 -37.79 23.16 -3.31
CA ASN A 146 -37.76 21.81 -3.83
C ASN A 146 -36.74 21.62 -4.96
N VAL A 147 -36.58 22.64 -5.81
CA VAL A 147 -35.61 22.53 -6.91
C VAL A 147 -34.21 22.48 -6.30
N TYR A 148 -33.93 23.37 -5.36
CA TYR A 148 -32.62 23.41 -4.70
C TYR A 148 -32.39 22.10 -3.97
N TYR A 149 -33.46 21.52 -3.44
CA TYR A 149 -33.38 20.24 -2.75
C TYR A 149 -32.96 19.16 -3.74
N GLU A 150 -33.46 19.24 -4.96
CA GLU A 150 -33.12 18.23 -5.97
C GLU A 150 -31.68 18.44 -6.44
N ILE A 151 -31.23 19.70 -6.44
CA ILE A 151 -29.87 19.99 -6.85
C ILE A 151 -28.97 19.52 -5.71
N GLY A 152 -29.43 19.73 -4.48
CA GLY A 152 -28.66 19.30 -3.32
C GLY A 152 -28.50 17.79 -3.34
N LYS A 153 -29.47 17.12 -3.96
CA LYS A 153 -29.44 15.66 -4.07
C LYS A 153 -28.39 15.26 -5.11
N ILE A 154 -28.29 16.06 -6.17
CA ILE A 154 -27.30 15.79 -7.20
C ILE A 154 -25.92 15.92 -6.57
N LEU A 155 -25.77 16.92 -5.71
CA LEU A 155 -24.51 17.18 -5.04
C LEU A 155 -24.06 16.03 -4.14
N SER A 156 -24.95 15.58 -3.26
CA SER A 156 -24.60 14.49 -2.35
C SER A 156 -24.63 13.09 -2.97
N ARG A 157 -25.63 12.83 -3.81
CA ARG A 157 -25.77 11.52 -4.42
C ARG A 157 -25.00 11.28 -5.72
N ASP A 158 -24.93 12.30 -6.58
CA ASP A 158 -24.25 12.13 -7.87
C ASP A 158 -22.82 12.66 -7.94
N ILE A 159 -22.55 13.77 -7.26
CA ILE A 159 -21.21 14.38 -7.28
C ILE A 159 -20.29 13.90 -6.16
N LEU A 160 -20.57 14.35 -4.94
CA LEU A 160 -19.75 14.00 -3.79
C LEU A 160 -19.52 12.51 -3.59
N SER A 161 -20.50 11.68 -3.96
CA SER A 161 -20.34 10.24 -3.77
C SER A 161 -19.16 9.71 -4.58
N LYS A 162 -18.83 10.40 -5.67
CA LYS A 162 -17.72 9.96 -6.49
C LYS A 162 -16.36 10.18 -5.80
N ILE A 163 -16.33 11.00 -4.75
CA ILE A 163 -15.10 11.21 -4.01
C ILE A 163 -15.27 10.78 -2.55
N ASN A 164 -16.13 9.80 -2.32
CA ASN A 164 -16.37 9.27 -0.98
C ASN A 164 -16.86 10.25 0.08
N GLN A 165 -17.72 11.16 -0.33
CA GLN A 165 -18.28 12.14 0.58
C GLN A 165 -19.80 12.19 0.36
N PRO A 166 -20.56 12.65 1.35
CA PRO A 166 -20.15 13.14 2.67
C PRO A 166 -19.53 12.03 3.50
N TYR A 167 -18.79 12.38 4.54
CA TYR A 167 -18.21 11.36 5.40
C TYR A 167 -18.19 11.83 6.85
N GLN A 168 -17.11 11.53 7.58
CA GLN A 168 -17.04 11.88 8.99
C GLN A 168 -17.32 13.33 9.36
N LYS A 169 -16.80 14.27 8.59
CA LYS A 169 -17.05 15.67 8.91
C LYS A 169 -18.56 15.95 8.94
N PHE A 170 -19.27 15.53 7.90
CA PHE A 170 -20.72 15.78 7.86
C PHE A 170 -21.42 15.02 8.98
N LEU A 171 -20.98 13.79 9.25
CA LEU A 171 -21.57 12.99 10.31
C LEU A 171 -21.53 13.71 11.66
N ASP A 172 -20.44 14.43 11.92
CA ASP A 172 -20.32 15.15 13.18
C ASP A 172 -21.43 16.18 13.26
N VAL A 173 -21.71 16.83 12.14
CA VAL A 173 -22.78 17.82 12.09
C VAL A 173 -24.09 17.13 12.46
N LEU A 174 -24.37 16.00 11.81
CA LEU A 174 -25.59 15.28 12.10
C LEU A 174 -25.72 14.99 13.58
N ASN A 175 -24.69 14.37 14.16
CA ASN A 175 -24.69 14.05 15.58
C ASN A 175 -24.82 15.26 16.47
N THR A 176 -24.25 16.39 16.06
CA THR A 176 -24.34 17.59 16.87
C THR A 176 -25.77 18.13 16.82
N ILE A 177 -26.53 17.68 15.82
CA ILE A 177 -27.92 18.09 15.65
C ILE A 177 -28.85 17.21 16.48
N LYS A 178 -28.66 15.90 16.41
CA LYS A 178 -29.50 15.00 17.17
C LYS A 178 -29.21 15.00 18.67
N ASN A 179 -28.09 15.62 19.05
CA ASN A 179 -27.73 15.69 20.47
C ASN A 179 -27.68 17.12 20.97
N ALA A 180 -28.34 18.04 20.26
CA ALA A 180 -28.38 19.43 20.67
C ALA A 180 -29.49 19.59 21.72
N SER A 181 -29.34 20.55 22.62
CA SER A 181 -30.34 20.78 23.66
C SER A 181 -31.76 20.74 23.12
N ASP A 182 -32.03 21.61 22.14
CA ASP A 182 -33.34 21.69 21.53
C ASP A 182 -33.46 20.72 20.36
N SER A 183 -34.61 20.05 20.25
CA SER A 183 -34.84 19.11 19.16
C SER A 183 -35.43 19.81 17.95
N ASP A 184 -35.25 21.12 17.88
CA ASP A 184 -35.73 21.94 16.76
C ASP A 184 -35.15 21.40 15.46
N GLY A 185 -33.82 21.38 15.39
CA GLY A 185 -33.12 20.91 14.22
C GLY A 185 -33.59 19.56 13.72
N GLN A 186 -33.80 18.61 14.63
CA GLN A 186 -34.25 17.28 14.24
C GLN A 186 -35.59 17.37 13.51
N ASP A 187 -36.54 18.06 14.13
CA ASP A 187 -37.87 18.24 13.57
C ASP A 187 -37.81 18.80 12.15
N LEU A 188 -36.86 19.70 11.94
CA LEU A 188 -36.70 20.35 10.64
C LEU A 188 -35.94 19.55 9.57
N LEU A 189 -34.95 18.76 9.98
CA LEU A 189 -34.16 18.03 9.01
C LEU A 189 -34.16 16.51 9.05
N PHE A 190 -34.50 15.92 10.19
CA PHE A 190 -34.47 14.47 10.32
C PHE A 190 -35.79 13.73 10.07
N THR A 191 -35.69 12.56 9.46
CA THR A 191 -36.86 11.73 9.20
C THR A 191 -37.06 10.91 10.48
N ASN A 192 -37.97 9.95 10.45
CA ASN A 192 -38.20 9.13 11.63
C ASN A 192 -37.04 8.15 11.82
N GLN A 193 -36.55 7.61 10.71
CA GLN A 193 -35.44 6.67 10.74
C GLN A 193 -34.26 7.22 11.52
N LEU A 194 -34.01 8.52 11.38
CA LEU A 194 -32.90 9.17 12.06
C LEU A 194 -33.17 9.47 13.53
N LYS A 195 -34.35 10.02 13.82
CA LYS A 195 -34.69 10.35 15.20
C LYS A 195 -34.73 9.12 16.09
N GLU A 196 -35.28 8.02 15.56
CA GLU A 196 -35.40 6.79 16.31
C GLU A 196 -34.08 6.08 16.59
N HIS A 197 -32.99 6.57 16.00
CA HIS A 197 -31.70 5.94 16.22
C HIS A 197 -31.33 6.07 17.69
N PRO A 198 -31.05 4.94 18.36
CA PRO A 198 -30.69 4.86 19.79
C PRO A 198 -29.32 5.44 20.15
N THR A 199 -28.39 5.38 19.21
CA THR A 199 -27.04 5.88 19.44
C THR A 199 -26.69 6.99 18.44
N ASP A 200 -25.43 7.41 18.43
CA ASP A 200 -24.96 8.43 17.51
C ASP A 200 -24.73 7.79 16.15
N PHE A 201 -24.80 8.58 15.09
CA PHE A 201 -24.60 8.06 13.75
C PHE A 201 -23.12 7.74 13.54
N SER A 202 -22.82 6.46 13.32
CA SER A 202 -21.45 6.03 13.10
C SER A 202 -21.22 5.80 11.61
N VAL A 203 -19.95 5.67 11.23
CA VAL A 203 -19.59 5.43 9.84
C VAL A 203 -20.32 4.20 9.31
N GLU A 204 -20.64 3.26 10.19
CA GLU A 204 -21.35 2.06 9.80
C GLU A 204 -22.78 2.40 9.38
N PHE A 205 -23.43 3.28 10.15
CA PHE A 205 -24.78 3.69 9.83
C PHE A 205 -24.84 4.37 8.47
N LEU A 206 -23.89 5.28 8.23
CA LEU A 206 -23.83 6.01 6.98
C LEU A 206 -23.64 5.08 5.79
N GLU A 207 -22.93 3.99 6.02
CA GLU A 207 -22.66 3.03 4.96
C GLU A 207 -23.89 2.21 4.57
N GLN A 208 -24.83 2.05 5.50
CA GLN A 208 -26.05 1.29 5.23
C GLN A 208 -27.30 2.16 5.28
N ASN A 209 -27.12 3.47 5.13
CA ASN A 209 -28.22 4.42 5.12
C ASN A 209 -27.78 5.62 4.29
N SER A 210 -27.00 5.35 3.25
CA SER A 210 -26.49 6.41 2.39
C SER A 210 -27.60 7.30 1.85
N ASN A 211 -28.73 6.71 1.49
CA ASN A 211 -29.85 7.48 0.98
C ASN A 211 -30.29 8.49 2.04
N GLU A 212 -30.41 8.02 3.28
CA GLU A 212 -30.83 8.88 4.39
C GLU A 212 -29.88 10.06 4.62
N VAL A 213 -28.57 9.77 4.64
CA VAL A 213 -27.56 10.80 4.86
C VAL A 213 -27.54 11.77 3.70
N GLN A 214 -27.52 11.22 2.48
CA GLN A 214 -27.51 12.04 1.28
C GLN A 214 -28.74 12.94 1.29
N GLU A 215 -29.84 12.42 1.83
CA GLU A 215 -31.09 13.16 1.89
C GLU A 215 -31.00 14.36 2.84
N VAL A 216 -30.53 14.12 4.06
CA VAL A 216 -30.40 15.19 5.04
C VAL A 216 -29.48 16.28 4.49
N PHE A 217 -28.42 15.84 3.82
CA PHE A 217 -27.46 16.78 3.23
C PHE A 217 -28.20 17.68 2.22
N ALA A 218 -28.89 17.05 1.28
CA ALA A 218 -29.63 17.79 0.26
C ALA A 218 -30.59 18.78 0.92
N LYS A 219 -31.27 18.29 1.94
CA LYS A 219 -32.22 19.10 2.69
C LYS A 219 -31.56 20.34 3.29
N ALA A 220 -30.44 20.13 4.00
CA ALA A 220 -29.73 21.25 4.61
C ALA A 220 -29.28 22.20 3.51
N PHE A 221 -28.74 21.64 2.43
CA PHE A 221 -28.28 22.43 1.31
C PHE A 221 -29.42 23.32 0.80
N ALA A 222 -30.59 22.72 0.59
CA ALA A 222 -31.75 23.45 0.09
C ALA A 222 -32.18 24.64 0.97
N TYR A 223 -32.35 24.39 2.26
CA TYR A 223 -32.76 25.47 3.16
C TYR A 223 -31.75 26.61 3.18
N TYR A 224 -30.48 26.29 2.95
CA TYR A 224 -29.42 27.30 2.94
C TYR A 224 -29.41 28.10 1.64
N ILE A 225 -29.67 27.44 0.52
CA ILE A 225 -29.66 28.12 -0.77
C ILE A 225 -30.88 29.00 -1.00
N GLU A 226 -32.06 28.50 -0.65
CA GLU A 226 -33.28 29.29 -0.80
C GLU A 226 -33.15 30.44 0.17
N PRO A 227 -32.90 31.66 -0.33
CA PRO A 227 -32.75 32.83 0.53
C PRO A 227 -33.74 32.97 1.68
N GLN A 228 -35.04 32.89 1.36
CA GLN A 228 -36.08 33.02 2.37
C GLN A 228 -36.01 31.92 3.42
N HIS A 229 -35.42 30.79 3.07
CA HIS A 229 -35.32 29.66 4.00
C HIS A 229 -34.04 29.61 4.83
N ARG A 230 -33.06 30.44 4.48
CA ARG A 230 -31.78 30.45 5.19
C ARG A 230 -31.91 30.74 6.69
N ASP A 231 -32.77 31.68 7.05
CA ASP A 231 -32.98 32.03 8.46
C ASP A 231 -33.55 30.88 9.27
N VAL A 232 -34.52 30.18 8.71
CA VAL A 232 -35.13 29.05 9.41
C VAL A 232 -34.06 28.02 9.76
N LEU A 233 -33.20 27.70 8.79
CA LEU A 233 -32.13 26.73 9.00
C LEU A 233 -31.22 27.22 10.13
N GLN A 234 -30.74 28.45 10.00
CA GLN A 234 -29.87 29.03 11.00
C GLN A 234 -30.55 29.07 12.36
N LEU A 235 -31.86 29.23 12.35
CA LEU A 235 -32.63 29.31 13.60
C LEU A 235 -32.81 27.99 14.35
N TYR A 236 -33.24 26.94 13.65
CA TYR A 236 -33.47 25.64 14.29
C TYR A 236 -32.33 24.63 14.16
N ALA A 237 -31.46 24.82 13.16
CA ALA A 237 -30.33 23.91 12.96
C ALA A 237 -29.06 24.72 12.71
N PRO A 238 -28.51 25.35 13.76
CA PRO A 238 -27.29 26.16 13.70
C PRO A 238 -26.10 25.43 13.07
N GLU A 239 -25.80 24.25 13.58
CA GLU A 239 -24.69 23.46 13.07
C GLU A 239 -24.79 23.18 11.57
N ALA A 240 -26.01 22.89 11.12
CA ALA A 240 -26.23 22.61 9.71
C ALA A 240 -25.97 23.87 8.90
N PHE A 241 -26.42 25.00 9.42
CA PHE A 241 -26.22 26.27 8.71
C PHE A 241 -24.73 26.62 8.59
N ASN A 242 -24.00 26.46 9.69
CA ASN A 242 -22.58 26.76 9.69
C ASN A 242 -21.83 25.88 8.70
N TYR A 243 -22.14 24.59 8.71
CA TYR A 243 -21.51 23.65 7.81
C TYR A 243 -21.75 24.03 6.35
N MET A 244 -23.00 24.29 6.01
CA MET A 244 -23.34 24.67 4.63
C MET A 244 -22.77 26.04 4.27
N ASP A 245 -22.65 26.91 5.26
CA ASP A 245 -22.11 28.24 5.01
C ASP A 245 -20.64 28.14 4.64
N LYS A 246 -19.88 27.39 5.41
CA LYS A 246 -18.46 27.25 5.15
C LYS A 246 -18.20 26.38 3.91
N PHE A 247 -19.13 25.49 3.60
CA PHE A 247 -18.97 24.61 2.44
C PHE A 247 -19.18 25.32 1.09
N ASN A 248 -20.31 26.01 0.95
CA ASN A 248 -20.64 26.70 -0.29
C ASN A 248 -19.87 27.99 -0.52
N GLU A 249 -19.11 28.43 0.48
CA GLU A 249 -18.36 29.66 0.36
C GLU A 249 -16.88 29.46 0.11
N GLN A 250 -16.39 28.24 0.29
CA GLN A 250 -14.98 27.98 0.07
C GLN A 250 -14.60 26.51 -0.01
N GLU A 251 -15.04 25.72 0.97
CA GLU A 251 -14.69 24.31 0.98
C GLU A 251 -15.09 23.55 -0.29
N ILE A 252 -16.18 23.95 -0.93
CA ILE A 252 -16.61 23.28 -2.14
C ILE A 252 -15.53 23.34 -3.22
N ASN A 253 -14.72 24.40 -3.18
CA ASN A 253 -13.64 24.54 -4.15
C ASN A 253 -12.71 23.35 -4.08
N LEU A 254 -12.56 22.79 -2.88
CA LEU A 254 -11.70 21.64 -2.71
C LEU A 254 -12.39 20.38 -3.24
N SER A 255 -13.73 20.38 -3.19
CA SER A 255 -14.49 19.24 -3.70
C SER A 255 -14.26 19.15 -5.21
N LEU A 256 -14.33 20.31 -5.87
CA LEU A 256 -14.11 20.36 -7.31
C LEU A 256 -12.70 19.87 -7.60
N GLU A 257 -11.74 20.34 -6.81
CA GLU A 257 -10.34 19.95 -7.02
C GLU A 257 -10.16 18.44 -6.91
N GLU A 258 -10.79 17.84 -5.90
CA GLU A 258 -10.66 16.40 -5.72
C GLU A 258 -11.38 15.65 -6.86
N LEU A 259 -12.50 16.19 -7.32
CA LEU A 259 -13.25 15.54 -8.42
C LEU A 259 -12.36 15.55 -9.66
N LYS A 260 -11.74 16.70 -9.95
CA LYS A 260 -10.85 16.81 -11.11
C LYS A 260 -9.69 15.84 -10.99
N ASP A 261 -9.24 15.58 -9.77
CA ASP A 261 -8.10 14.68 -9.52
C ASP A 261 -8.43 13.21 -9.80
N GLN A 262 -9.69 12.93 -10.14
CA GLN A 262 -10.13 11.57 -10.46
C GLN A 262 -10.09 11.36 -11.97
N ARG A 263 -10.13 12.47 -12.72
CA ARG A 263 -10.16 12.42 -14.17
C ARG A 263 -8.83 12.23 -14.85
N MET A 264 -8.75 11.17 -15.66
CA MET A 264 -7.52 10.85 -16.37
C MET A 264 -6.96 12.04 -17.15
N LEU A 265 -7.80 12.66 -17.96
CA LEU A 265 -7.38 13.78 -18.78
C LEU A 265 -7.04 15.06 -18.00
N SER A 266 -7.74 15.28 -16.89
CA SER A 266 -7.45 16.46 -16.07
C SER A 266 -6.09 16.29 -15.40
N ARG A 267 -5.79 15.08 -14.94
CA ARG A 267 -4.52 14.78 -14.28
C ARG A 267 -3.35 14.96 -15.22
N TYR A 268 -3.52 14.46 -16.44
CA TYR A 268 -2.47 14.55 -17.42
C TYR A 268 -2.27 15.95 -17.99
N GLU A 269 -3.34 16.74 -17.99
CA GLU A 269 -3.28 18.12 -18.48
C GLU A 269 -2.48 18.98 -17.48
N LYS A 270 -2.72 18.74 -16.18
CA LYS A 270 -2.04 19.47 -15.12
C LYS A 270 -0.56 19.09 -15.14
N TRP A 271 -0.30 17.80 -15.31
CA TRP A 271 1.04 17.26 -15.37
C TRP A 271 1.80 17.88 -16.54
N GLU A 272 1.13 18.00 -17.68
CA GLU A 272 1.74 18.55 -18.88
C GLU A 272 2.06 20.04 -18.81
N LYS A 273 1.24 20.82 -18.13
CA LYS A 273 1.52 22.24 -18.01
C LYS A 273 2.74 22.43 -17.12
N ILE A 274 2.81 21.68 -16.02
CA ILE A 274 3.93 21.80 -15.10
C ILE A 274 5.20 21.31 -15.79
N LYS A 275 5.06 20.28 -16.61
CA LYS A 275 6.19 19.73 -17.33
C LYS A 275 6.74 20.79 -18.30
N GLN A 276 5.83 21.47 -18.98
CA GLN A 276 6.17 22.52 -19.95
C GLN A 276 6.87 23.68 -19.24
N HIS A 277 6.32 24.09 -18.10
CA HIS A 277 6.91 25.19 -17.34
C HIS A 277 8.37 24.92 -16.96
N TYR A 278 8.69 23.67 -16.65
CA TYR A 278 10.04 23.28 -16.25
C TYR A 278 10.87 22.68 -17.37
N GLN A 279 10.39 22.79 -18.60
CA GLN A 279 11.11 22.19 -19.72
C GLN A 279 12.53 22.69 -19.93
N HIS A 280 12.73 24.00 -19.90
CA HIS A 280 14.10 24.51 -20.07
C HIS A 280 14.96 24.04 -18.91
N TRP A 281 14.43 24.13 -17.68
CA TRP A 281 15.16 23.68 -16.50
C TRP A 281 15.58 22.23 -16.71
N SER A 282 14.63 21.40 -17.11
CA SER A 282 14.93 19.99 -17.33
C SER A 282 15.97 19.76 -18.43
N ASP A 283 15.80 20.41 -19.58
CA ASP A 283 16.76 20.23 -20.68
C ASP A 283 18.17 20.72 -20.34
N SER A 284 18.29 21.64 -19.39
CA SER A 284 19.60 22.15 -19.02
C SER A 284 20.26 21.39 -17.87
N LEU A 285 19.57 20.39 -17.33
CA LEU A 285 20.14 19.60 -16.25
C LEU A 285 21.41 18.86 -16.69
N SER A 286 22.41 18.84 -15.82
CA SER A 286 23.65 18.15 -16.15
C SER A 286 23.57 16.74 -15.62
N GLU A 287 24.64 15.97 -15.81
CA GLU A 287 24.70 14.61 -15.32
C GLU A 287 24.80 14.65 -13.80
N GLU A 288 25.57 15.61 -13.30
CA GLU A 288 25.76 15.78 -11.85
C GLU A 288 24.47 16.20 -11.17
N GLY A 289 23.74 17.11 -11.81
CA GLY A 289 22.49 17.58 -11.24
C GLY A 289 21.53 16.41 -11.10
N ARG A 290 21.36 15.65 -12.17
CA ARG A 290 20.49 14.48 -12.17
C ARG A 290 20.93 13.49 -11.10
N GLY A 291 22.25 13.32 -10.96
CA GLY A 291 22.77 12.42 -9.94
C GLY A 291 22.34 12.83 -8.54
N LEU A 292 22.33 14.14 -8.26
CA LEU A 292 21.92 14.63 -6.94
C LEU A 292 20.45 14.36 -6.67
N LEU A 293 19.60 14.67 -7.64
CA LEU A 293 18.18 14.44 -7.48
C LEU A 293 17.89 12.96 -7.21
N LYS A 294 18.69 12.08 -7.82
CA LYS A 294 18.53 10.65 -7.65
C LYS A 294 18.82 10.18 -6.23
N LYS A 295 20.04 10.42 -5.75
CA LYS A 295 20.39 9.99 -4.40
C LYS A 295 19.54 10.65 -3.32
N LEU A 296 18.90 11.75 -3.68
CA LEU A 296 18.02 12.46 -2.76
C LEU A 296 16.78 11.60 -2.56
N GLN A 297 16.36 10.92 -3.63
CA GLN A 297 15.17 10.05 -3.58
C GLN A 297 15.49 8.68 -2.98
N ILE A 298 16.69 8.17 -3.26
CA ILE A 298 17.08 6.87 -2.73
C ILE A 298 18.41 6.91 -2.00
N PRO A 299 18.36 6.82 -0.67
CA PRO A 299 19.55 6.84 0.19
C PRO A 299 20.53 5.72 -0.19
N ILE A 300 21.79 5.92 0.14
CA ILE A 300 22.83 4.95 -0.16
C ILE A 300 23.24 4.21 1.11
N GLU A 301 22.88 2.93 1.20
CA GLU A 301 23.25 2.12 2.37
C GLU A 301 24.76 1.90 2.39
N PRO A 302 25.32 1.69 3.59
CA PRO A 302 26.76 1.46 3.73
C PRO A 302 27.16 0.10 3.16
N LYS A 303 28.35 0.05 2.54
CA LYS A 303 28.86 -1.18 1.96
C LYS A 303 29.74 -1.94 2.95
N LYS A 304 29.48 -3.24 3.08
CA LYS A 304 30.25 -4.09 3.99
C LYS A 304 31.74 -4.01 3.67
N ASP A 305 32.08 -4.24 2.40
CA ASP A 305 33.46 -4.21 1.96
C ASP A 305 34.17 -2.92 2.36
N ASP A 306 33.41 -1.82 2.40
CA ASP A 306 33.96 -0.53 2.78
C ASP A 306 34.22 -0.41 4.28
N ILE A 307 33.25 -0.85 5.08
CA ILE A 307 33.37 -0.78 6.53
C ILE A 307 34.47 -1.70 7.04
N ILE A 308 34.45 -2.96 6.60
CA ILE A 308 35.44 -3.95 7.02
C ILE A 308 36.87 -3.47 6.76
N HIS A 309 37.10 -2.94 5.57
CA HIS A 309 38.42 -2.46 5.20
C HIS A 309 38.91 -1.28 6.05
N SER A 310 38.01 -0.71 6.85
CA SER A 310 38.38 0.42 7.71
C SER A 310 38.82 -0.04 9.10
N LEU A 311 38.66 -1.33 9.38
CA LEU A 311 39.04 -1.90 10.68
C LEU A 311 40.45 -2.48 10.58
N SER A 312 40.57 -3.61 9.88
CA SER A 312 41.84 -4.28 9.63
C SER A 312 42.59 -4.90 10.82
N GLN A 313 43.42 -4.10 11.50
CA GLN A 313 44.21 -4.58 12.63
C GLN A 313 43.41 -5.02 13.85
N GLU A 314 43.64 -4.35 14.97
CA GLU A 314 42.94 -4.67 16.21
C GLU A 314 41.45 -4.36 16.11
N GLU A 315 41.11 -3.35 15.31
CA GLU A 315 39.71 -2.98 15.12
C GLU A 315 38.88 -4.17 14.68
N LYS A 316 39.44 -5.01 13.81
CA LYS A 316 38.73 -6.20 13.37
C LYS A 316 38.67 -7.19 14.53
N GLU A 317 39.77 -7.29 15.25
CA GLU A 317 39.87 -8.19 16.40
C GLU A 317 38.74 -7.92 17.39
N LEU A 318 38.58 -6.67 17.77
CA LEU A 318 37.54 -6.27 18.72
C LEU A 318 36.15 -6.69 18.23
N LEU A 319 35.87 -6.39 16.97
CA LEU A 319 34.59 -6.71 16.36
C LEU A 319 34.39 -8.23 16.36
N LYS A 320 35.48 -8.94 16.10
CA LYS A 320 35.50 -10.40 16.06
C LYS A 320 34.62 -11.11 17.09
N ARG A 321 34.86 -10.86 18.38
CA ARG A 321 34.10 -11.52 19.44
C ARG A 321 33.35 -10.60 20.40
N ILE A 322 32.24 -10.03 19.93
CA ILE A 322 31.44 -9.14 20.75
C ILE A 322 29.97 -9.54 20.78
N GLN A 323 29.36 -9.41 21.96
CA GLN A 323 27.95 -9.73 22.13
C GLN A 323 27.11 -8.63 21.46
N ILE A 324 26.83 -8.85 20.18
CA ILE A 324 26.06 -7.88 19.39
C ILE A 324 24.70 -7.54 19.98
N ASP A 325 23.83 -8.54 20.09
CA ASP A 325 22.49 -8.35 20.62
C ASP A 325 22.46 -8.11 22.13
N SER A 326 23.28 -7.18 22.60
CA SER A 326 23.34 -6.88 24.03
C SER A 326 23.09 -5.40 24.28
N SER A 327 23.91 -4.54 23.66
CA SER A 327 23.79 -3.10 23.83
C SER A 327 22.42 -2.57 23.42
N ASP A 328 22.03 -1.46 24.04
CA ASP A 328 20.75 -0.82 23.76
C ASP A 328 21.00 0.45 22.96
N PHE A 329 22.23 0.59 22.45
CA PHE A 329 22.61 1.75 21.68
C PHE A 329 22.36 1.54 20.18
N LEU A 330 22.21 0.28 19.80
CA LEU A 330 21.96 -0.06 18.40
C LEU A 330 20.49 -0.41 18.15
N SER A 331 20.10 -0.40 16.88
CA SER A 331 18.74 -0.73 16.49
C SER A 331 18.73 -2.09 15.83
N THR A 332 17.55 -2.60 15.53
CA THR A 332 17.43 -3.90 14.89
C THR A 332 18.17 -3.92 13.56
N GLU A 333 17.88 -2.94 12.71
CA GLU A 333 18.51 -2.84 11.41
C GLU A 333 20.02 -2.70 11.55
N GLU A 334 20.45 -2.08 12.64
CA GLU A 334 21.87 -1.87 12.91
C GLU A 334 22.56 -3.11 13.50
N LYS A 335 21.78 -3.94 14.18
CA LYS A 335 22.31 -5.17 14.77
C LYS A 335 22.63 -6.15 13.65
N GLU A 336 21.67 -6.33 12.75
CA GLU A 336 21.83 -7.24 11.61
C GLU A 336 23.06 -6.91 10.78
N PHE A 337 23.21 -5.64 10.43
CA PHE A 337 24.34 -5.20 9.63
C PHE A 337 25.65 -5.56 10.33
N LEU A 338 25.73 -5.24 11.62
CA LEU A 338 26.91 -5.52 12.40
C LEU A 338 27.13 -7.04 12.50
N LYS A 339 26.10 -7.75 12.92
CA LYS A 339 26.19 -9.20 13.04
C LYS A 339 26.63 -9.82 11.71
N LYS A 340 26.31 -9.13 10.62
CA LYS A 340 26.69 -9.60 9.30
C LYS A 340 28.14 -9.29 9.01
N LEU A 341 28.67 -8.26 9.67
CA LEU A 341 30.07 -7.89 9.50
C LEU A 341 30.94 -8.96 10.14
N GLN A 342 30.42 -9.59 11.19
CA GLN A 342 31.16 -10.63 11.89
C GLN A 342 31.31 -11.85 11.00
N ILE A 343 30.21 -12.26 10.37
CA ILE A 343 30.22 -13.41 9.48
C ILE A 343 30.93 -13.11 8.16
N ASP A 344 31.76 -12.08 8.16
CA ASP A 344 32.51 -11.67 6.98
C ASP A 344 33.97 -11.38 7.34
N ILE A 345 34.38 -11.79 8.54
CA ILE A 345 35.74 -11.57 9.00
C ILE A 345 36.54 -12.87 9.00
N LEU A 368 29.64 -7.21 25.12
CA LEU A 368 30.63 -6.56 25.96
C LEU A 368 30.09 -5.26 26.54
N SER A 369 30.52 -4.93 27.74
CA SER A 369 30.06 -3.71 28.40
C SER A 369 31.19 -2.84 28.95
N GLU A 370 32.34 -2.87 28.29
CA GLU A 370 33.47 -2.07 28.72
C GLU A 370 33.86 -1.04 27.65
N LYS A 371 35.16 -0.76 27.54
CA LYS A 371 35.65 0.19 26.54
C LYS A 371 35.42 -0.34 25.13
N GLU A 372 34.82 -1.52 25.03
CA GLU A 372 34.55 -2.11 23.73
C GLU A 372 33.16 -1.72 23.25
N LYS A 373 32.28 -1.38 24.19
CA LYS A 373 30.93 -0.95 23.81
C LYS A 373 31.08 0.48 23.30
N GLU A 374 32.25 1.05 23.56
CA GLU A 374 32.58 2.39 23.12
C GLU A 374 32.91 2.26 21.64
N PHE A 375 33.42 1.09 21.27
CA PHE A 375 33.78 0.81 19.88
C PHE A 375 32.51 0.75 19.04
N LEU A 376 31.40 0.40 19.68
CA LEU A 376 30.13 0.31 18.97
C LEU A 376 29.55 1.71 18.77
N LYS A 377 29.84 2.61 19.70
CA LYS A 377 29.37 3.99 19.59
C LYS A 377 30.00 4.62 18.35
N LYS A 378 31.31 4.45 18.21
CA LYS A 378 32.03 4.99 17.07
C LYS A 378 31.50 4.38 15.77
N LEU A 379 31.38 3.06 15.77
CA LEU A 379 30.91 2.32 14.61
C LEU A 379 29.49 2.70 14.20
N LYS A 380 28.65 3.01 15.18
CA LYS A 380 27.27 3.39 14.90
C LYS A 380 27.18 4.57 13.94
N LEU A 381 28.14 5.50 14.05
CA LEU A 381 28.16 6.67 13.19
C LEU A 381 28.58 6.32 11.77
N ASP A 382 29.44 5.31 11.64
CA ASP A 382 29.95 4.85 10.36
C ASP A 382 29.01 3.96 9.55
N ILE A 383 27.95 3.44 10.16
CA ILE A 383 27.05 2.55 9.44
C ILE A 383 25.71 3.16 9.03
N GLN A 384 25.55 4.47 9.18
CA GLN A 384 24.29 5.11 8.79
C GLN A 384 24.22 5.29 7.27
N PRO A 385 23.01 5.18 6.70
CA PRO A 385 22.85 5.35 5.24
C PRO A 385 23.10 6.81 4.88
N TYR A 386 23.68 7.07 3.72
CA TYR A 386 23.91 8.45 3.32
C TYR A 386 22.54 8.93 2.88
N ASP A 387 21.89 9.72 3.73
CA ASP A 387 20.54 10.19 3.47
C ASP A 387 20.41 11.70 3.67
N ILE A 388 20.51 12.45 2.58
CA ILE A 388 20.45 13.90 2.63
C ILE A 388 19.22 14.44 3.36
N ASN A 389 18.02 14.03 2.97
CA ASN A 389 16.82 14.52 3.64
C ASN A 389 16.78 14.19 5.15
N GLN A 390 17.32 13.04 5.54
CA GLN A 390 17.31 12.67 6.96
C GLN A 390 18.26 13.58 7.74
N ARG A 391 19.40 13.87 7.14
CA ARG A 391 20.39 14.75 7.76
C ARG A 391 19.75 16.12 7.99
N LEU A 392 18.98 16.60 7.02
CA LEU A 392 18.35 17.92 7.17
C LEU A 392 17.25 17.89 8.23
N GLN A 393 16.54 16.76 8.32
CA GLN A 393 15.48 16.67 9.32
C GLN A 393 16.08 16.48 10.71
N ASP A 394 17.18 15.73 10.82
CA ASP A 394 17.78 15.53 12.14
C ASP A 394 18.38 16.83 12.72
N THR A 395 18.92 17.68 11.84
CA THR A 395 19.56 18.92 12.27
C THR A 395 18.66 20.12 12.21
N GLY A 396 17.47 19.96 11.64
CA GLY A 396 16.56 21.08 11.53
C GLY A 396 17.09 22.11 10.55
N GLY A 397 17.99 21.70 9.66
CA GLY A 397 18.53 22.63 8.68
C GLY A 397 19.88 23.23 9.04
N LEU A 398 20.37 22.93 10.25
CA LEU A 398 21.67 23.42 10.72
C LEU A 398 22.71 22.43 10.24
N ILE A 399 23.14 22.57 8.99
CA ILE A 399 24.09 21.65 8.40
C ILE A 399 25.52 21.65 8.94
N ASP A 400 25.87 22.65 9.73
CA ASP A 400 27.21 22.72 10.31
C ASP A 400 27.27 21.98 11.64
N SER A 401 26.13 21.47 12.10
CA SER A 401 26.04 20.74 13.36
C SER A 401 27.08 19.64 13.46
N PRO A 402 27.91 19.66 14.52
CA PRO A 402 28.96 18.67 14.75
C PRO A 402 28.53 17.30 15.28
N SER A 403 27.40 16.79 14.80
CA SER A 403 26.87 15.49 15.24
C SER A 403 27.39 14.27 14.48
N ILE A 404 28.08 14.49 13.38
CA ILE A 404 28.65 13.37 12.62
C ILE A 404 30.09 13.75 12.25
N ASN A 405 30.87 12.78 11.80
CA ASN A 405 32.27 13.07 11.44
C ASN A 405 32.42 14.15 10.36
N LEU A 406 33.53 14.86 10.44
CA LEU A 406 33.84 15.97 9.53
C LEU A 406 33.77 15.60 8.04
N ASP A 407 34.30 14.44 7.69
CA ASP A 407 34.28 14.00 6.30
C ASP A 407 32.86 13.91 5.73
N VAL A 408 31.95 13.32 6.49
CA VAL A 408 30.57 13.18 6.02
C VAL A 408 29.81 14.48 6.15
N ARG A 409 30.14 15.26 7.19
CA ARG A 409 29.48 16.53 7.40
C ARG A 409 29.70 17.43 6.17
N LYS A 410 30.93 17.45 5.69
CA LYS A 410 31.29 18.27 4.52
C LYS A 410 30.65 17.75 3.24
N GLN A 411 30.56 16.43 3.11
CA GLN A 411 29.95 15.82 1.94
C GLN A 411 28.47 16.25 1.88
N TYR A 412 27.78 16.21 3.03
CA TYR A 412 26.38 16.59 3.07
C TYR A 412 26.17 18.07 2.74
N LYS A 413 27.06 18.93 3.26
CA LYS A 413 26.97 20.38 3.03
C LYS A 413 27.12 20.73 1.54
N ARG A 414 28.09 20.10 0.88
CA ARG A 414 28.31 20.32 -0.54
C ARG A 414 27.08 19.90 -1.36
N ASP A 415 26.56 18.70 -1.11
CA ASP A 415 25.38 18.20 -1.84
C ASP A 415 24.19 19.11 -1.61
N ILE A 416 24.00 19.53 -0.36
CA ILE A 416 22.88 20.39 -0.01
C ILE A 416 22.98 21.76 -0.67
N GLN A 417 24.18 22.36 -0.63
CA GLN A 417 24.37 23.65 -1.27
C GLN A 417 24.12 23.50 -2.77
N ASN A 418 24.60 22.40 -3.35
CA ASN A 418 24.36 22.20 -4.76
C ASN A 418 22.88 22.03 -5.08
N ILE A 419 22.15 21.29 -4.25
CA ILE A 419 20.72 21.11 -4.48
C ILE A 419 19.97 22.43 -4.35
N ASP A 420 20.34 23.25 -3.38
CA ASP A 420 19.68 24.54 -3.19
C ASP A 420 19.77 25.42 -4.43
N ALA A 421 20.90 25.33 -5.14
CA ALA A 421 21.11 26.13 -6.34
C ALA A 421 20.33 25.55 -7.52
N LEU A 422 20.21 24.22 -7.60
CA LEU A 422 19.47 23.57 -8.69
C LEU A 422 18.00 23.92 -8.68
N LEU A 423 17.42 23.99 -7.50
CA LEU A 423 16.02 24.29 -7.33
C LEU A 423 15.84 25.80 -7.22
N HIS A 424 16.08 26.48 -8.33
CA HIS A 424 15.98 27.94 -8.33
C HIS A 424 14.72 28.48 -9.00
N GLN A 425 14.02 27.64 -9.77
CA GLN A 425 12.83 28.12 -10.45
C GLN A 425 11.55 27.85 -9.70
N SER A 426 10.78 28.91 -9.48
CA SER A 426 9.52 28.82 -8.75
C SER A 426 8.39 28.35 -9.67
N ILE A 427 7.36 27.78 -9.05
CA ILE A 427 6.21 27.20 -9.76
C ILE A 427 5.36 28.25 -10.47
N GLY A 428 5.35 29.48 -9.94
CA GLY A 428 4.58 30.55 -10.54
C GLY A 428 4.68 30.51 -12.06
N SER A 429 3.53 30.53 -12.73
CA SER A 429 3.50 30.46 -14.18
C SER A 429 2.25 31.10 -14.75
N THR A 430 2.27 31.39 -16.05
CA THR A 430 1.11 31.98 -16.71
C THR A 430 0.16 30.88 -17.21
N LEU A 431 0.61 29.62 -17.11
CA LEU A 431 -0.18 28.48 -17.57
C LEU A 431 -1.24 28.01 -16.57
N TYR A 432 -1.16 28.45 -15.31
CA TYR A 432 -2.13 28.01 -14.31
C TYR A 432 -2.19 28.91 -13.09
N ASN A 433 -3.29 28.82 -12.34
CA ASN A 433 -3.43 29.62 -11.12
C ASN A 433 -3.07 28.74 -9.91
N LYS A 434 -3.95 28.68 -8.90
CA LYS A 434 -3.72 27.89 -7.69
C LYS A 434 -3.35 26.43 -7.99
N ILE A 435 -2.17 26.02 -7.55
CA ILE A 435 -1.67 24.67 -7.74
C ILE A 435 -1.67 23.91 -6.41
N TYR A 436 -2.22 22.70 -6.41
CA TYR A 436 -2.21 21.88 -5.21
C TYR A 436 -1.31 20.69 -5.48
N LEU A 437 -0.51 20.31 -4.50
CA LEU A 437 0.38 19.17 -4.66
C LEU A 437 0.07 18.21 -3.51
N TYR A 438 0.47 16.95 -3.64
CA TYR A 438 0.13 15.95 -2.64
C TYR A 438 1.26 15.19 -2.02
N GLU A 439 1.03 14.72 -0.79
CA GLU A 439 2.04 13.95 -0.07
C GLU A 439 1.43 12.97 0.95
N ASN A 440 1.84 11.70 0.84
CA ASN A 440 1.39 10.64 1.75
C ASN A 440 2.49 10.57 2.80
N MET A 441 2.09 10.56 4.07
CA MET A 441 3.06 10.56 5.17
C MET A 441 2.80 9.57 6.32
N ASN A 442 3.87 9.03 6.87
CA ASN A 442 3.74 8.12 8.02
C ASN A 442 3.54 9.03 9.23
N ILE A 443 2.47 8.81 9.98
CA ILE A 443 2.21 9.66 11.14
C ILE A 443 3.33 9.63 12.18
N ASN A 444 4.07 8.52 12.23
CA ASN A 444 5.17 8.38 13.19
C ASN A 444 6.27 9.42 12.97
N ASN A 445 6.22 10.11 11.83
CA ASN A 445 7.20 11.14 11.50
C ASN A 445 6.82 12.41 12.27
N LEU A 446 5.54 12.53 12.61
CA LEU A 446 5.01 13.68 13.34
C LEU A 446 4.94 13.40 14.85
N THR A 447 4.45 12.22 15.21
CA THR A 447 4.32 11.83 16.60
C THR A 447 4.14 10.33 16.71
N ALA A 448 5.22 9.64 17.05
CA ALA A 448 5.18 8.20 17.15
C ALA A 448 4.41 7.73 18.37
N THR A 449 4.11 8.62 19.32
CA THR A 449 3.37 8.19 20.50
C THR A 449 1.90 8.04 20.12
N LEU A 450 1.36 8.99 19.38
CA LEU A 450 -0.03 8.88 18.94
C LEU A 450 -0.05 7.85 17.82
N GLY A 451 1.02 7.81 17.03
CA GLY A 451 1.10 6.88 15.92
C GLY A 451 0.95 5.43 16.31
N ALA A 452 1.19 5.11 17.58
CA ALA A 452 1.10 3.73 18.06
C ALA A 452 -0.34 3.25 18.19
N ASP A 453 -1.27 4.18 18.40
CA ASP A 453 -2.68 3.84 18.57
C ASP A 453 -3.60 4.49 17.53
N LEU A 454 -3.04 5.07 16.48
CA LEU A 454 -3.87 5.72 15.47
C LEU A 454 -4.80 4.74 14.73
N VAL A 455 -4.27 3.57 14.39
CA VAL A 455 -5.04 2.56 13.67
C VAL A 455 -5.80 1.63 14.63
N ASP A 456 -7.09 1.43 14.34
CA ASP A 456 -7.95 0.55 15.14
C ASP A 456 -7.31 -0.83 15.30
N SER A 457 -7.19 -1.28 16.54
CA SER A 457 -6.56 -2.58 16.83
C SER A 457 -7.20 -3.79 16.13
N THR A 458 -8.52 -3.78 15.96
CA THR A 458 -9.19 -4.88 15.29
C THR A 458 -9.33 -4.67 13.79
N ASP A 459 -9.86 -3.52 13.40
CA ASP A 459 -10.05 -3.20 11.99
C ASP A 459 -9.05 -2.13 11.52
N ASN A 460 -7.99 -2.55 10.85
CA ASN A 460 -6.96 -1.63 10.39
C ASN A 460 -7.41 -0.64 9.31
N THR A 461 -8.62 -0.83 8.79
CA THR A 461 -9.13 0.08 7.76
C THR A 461 -9.71 1.29 8.45
N LYS A 462 -9.83 1.21 9.77
CA LYS A 462 -10.41 2.30 10.55
C LYS A 462 -9.38 3.05 11.39
N ILE A 463 -9.70 4.31 11.67
CA ILE A 463 -8.84 5.18 12.47
C ILE A 463 -9.52 5.40 13.82
N ASN A 464 -8.77 5.27 14.89
CA ASN A 464 -9.32 5.49 16.23
C ASN A 464 -9.64 6.96 16.39
N ARG A 465 -10.92 7.29 16.59
CA ARG A 465 -11.35 8.68 16.75
C ARG A 465 -10.71 9.43 17.91
N GLY A 466 -10.38 8.70 18.99
CA GLY A 466 -9.78 9.33 20.15
C GLY A 466 -8.40 9.89 19.88
N ILE A 467 -7.56 9.11 19.21
CA ILE A 467 -6.22 9.55 18.89
C ILE A 467 -6.29 10.64 17.82
N PHE A 468 -7.26 10.52 16.92
CA PHE A 468 -7.45 11.50 15.86
C PHE A 468 -7.66 12.89 16.42
N ASN A 469 -8.58 13.00 17.38
CA ASN A 469 -8.89 14.29 17.99
C ASN A 469 -7.67 14.86 18.72
N GLU A 470 -6.85 13.97 19.29
CA GLU A 470 -5.66 14.40 20.01
C GLU A 470 -4.62 14.94 19.02
N PHE A 471 -4.40 14.18 17.95
CA PHE A 471 -3.45 14.55 16.91
C PHE A 471 -3.80 15.91 16.29
N LYS A 472 -5.09 16.13 16.09
CA LYS A 472 -5.59 17.35 15.46
C LYS A 472 -5.67 18.59 16.34
N LYS A 473 -5.83 18.39 17.65
CA LYS A 473 -5.98 19.52 18.57
C LYS A 473 -5.15 20.79 18.38
N ASN A 474 -3.83 20.69 18.48
CA ASN A 474 -3.01 21.88 18.31
C ASN A 474 -2.17 21.86 17.04
N PHE A 475 -2.72 21.31 15.96
CA PHE A 475 -1.99 21.24 14.69
C PHE A 475 -2.41 22.46 13.86
N LYS A 476 -1.62 23.53 13.96
CA LYS A 476 -1.92 24.78 13.25
C LYS A 476 -0.87 25.25 12.24
N TYR A 477 0.36 24.82 12.42
CA TYR A 477 1.42 25.19 11.49
C TYR A 477 2.47 24.12 11.49
N SER A 478 3.22 24.06 10.40
CA SER A 478 4.23 23.03 10.20
C SER A 478 5.40 23.59 9.38
N ILE A 479 6.57 22.98 9.53
CA ILE A 479 7.76 23.41 8.81
C ILE A 479 8.47 22.24 8.17
N SER A 480 8.99 22.45 6.97
CA SER A 480 9.75 21.42 6.28
C SER A 480 11.21 21.86 6.24
N SER A 481 12.08 21.17 6.95
CA SER A 481 13.50 21.52 6.93
C SER A 481 14.23 20.79 5.80
N ASN A 482 13.67 19.68 5.33
CA ASN A 482 14.30 18.95 4.25
C ASN A 482 13.54 19.21 2.94
N TYR A 483 13.85 18.45 1.90
CA TYR A 483 13.18 18.68 0.61
C TYR A 483 11.94 17.81 0.43
N MET A 484 10.77 18.44 0.48
CA MET A 484 9.51 17.70 0.29
C MET A 484 9.39 17.14 -1.13
N ILE A 485 9.10 15.85 -1.22
CA ILE A 485 8.90 15.20 -2.52
C ILE A 485 7.40 14.97 -2.62
N VAL A 486 6.75 15.74 -3.49
CA VAL A 486 5.32 15.69 -3.65
C VAL A 486 4.85 15.21 -5.03
N ASP A 487 3.61 14.73 -5.09
CA ASP A 487 2.99 14.23 -6.33
C ASP A 487 2.18 15.32 -6.99
N ILE A 488 2.26 15.43 -8.32
CA ILE A 488 1.47 16.44 -9.04
C ILE A 488 -0.02 16.09 -8.90
N ASN A 489 -0.36 14.82 -9.07
CA ASN A 489 -1.74 14.35 -8.94
C ASN A 489 -1.72 13.34 -7.79
N GLU A 490 -2.76 13.33 -6.95
CA GLU A 490 -2.72 12.42 -5.80
C GLU A 490 -2.66 10.95 -6.16
N ARG A 491 -1.87 10.20 -5.41
CA ARG A 491 -1.69 8.78 -5.63
C ARG A 491 -1.84 7.99 -4.32
N PRO A 492 -2.12 6.68 -4.43
CA PRO A 492 -2.31 5.78 -3.29
C PRO A 492 -1.13 5.70 -2.33
N ALA A 493 -1.44 5.58 -1.04
CA ALA A 493 -0.44 5.51 0.01
C ALA A 493 0.00 4.11 0.40
N LEU A 494 1.18 4.00 1.03
CA LEU A 494 1.71 2.72 1.51
C LEU A 494 0.94 2.40 2.80
N ASP A 495 1.07 1.18 3.32
CA ASP A 495 0.36 0.80 4.53
C ASP A 495 0.62 1.68 5.74
N ASN A 496 1.87 2.00 6.03
CA ASN A 496 2.16 2.82 7.20
C ASN A 496 1.95 4.33 6.99
N GLU A 497 1.34 4.69 5.85
CA GLU A 497 1.08 6.11 5.56
C GLU A 497 -0.43 6.35 5.61
N ARG A 498 -0.90 6.96 6.70
CA ARG A 498 -2.33 7.22 6.84
C ARG A 498 -2.64 8.71 6.79
N LEU A 499 -1.64 9.54 6.52
CA LEU A 499 -1.85 10.99 6.40
C LEU A 499 -1.79 11.35 4.91
N LYS A 500 -2.78 12.08 4.42
CA LYS A 500 -2.77 12.48 3.01
C LYS A 500 -2.83 14.00 2.92
N TRP A 501 -1.66 14.60 2.68
CA TRP A 501 -1.57 16.06 2.58
C TRP A 501 -1.98 16.58 1.19
N ARG A 502 -2.72 17.67 1.19
CA ARG A 502 -3.12 18.36 -0.04
C ARG A 502 -2.57 19.76 0.21
N ILE A 503 -1.49 20.11 -0.46
CA ILE A 503 -0.80 21.39 -0.26
C ILE A 503 -0.96 22.46 -1.35
N GLN A 504 -1.38 23.65 -0.95
CA GLN A 504 -1.55 24.77 -1.88
C GLN A 504 -0.22 25.52 -1.96
N LEU A 505 0.49 25.36 -3.06
CA LEU A 505 1.77 26.06 -3.21
C LEU A 505 1.63 27.56 -3.37
N SER A 506 2.75 28.23 -3.24
CA SER A 506 2.78 29.67 -3.41
C SER A 506 3.51 29.84 -4.73
N PRO A 507 3.12 30.85 -5.52
CA PRO A 507 3.78 31.07 -6.81
C PRO A 507 5.29 31.24 -6.63
N ASP A 508 5.71 31.64 -5.44
CA ASP A 508 7.12 31.85 -5.07
C ASP A 508 7.88 30.59 -4.66
N THR A 509 7.17 29.50 -4.41
CA THR A 509 7.83 28.25 -4.01
C THR A 509 8.68 27.71 -5.14
N ARG A 510 9.94 27.46 -4.85
CA ARG A 510 10.89 26.93 -5.81
C ARG A 510 10.85 25.40 -5.78
N ALA A 511 11.05 24.78 -6.94
CA ALA A 511 10.96 23.33 -7.05
C ALA A 511 11.67 22.77 -8.27
N GLY A 512 11.92 21.48 -8.26
CA GLY A 512 12.53 20.81 -9.38
C GLY A 512 11.51 19.80 -9.91
N TYR A 513 11.50 19.56 -11.22
CA TYR A 513 10.57 18.61 -11.82
C TYR A 513 11.22 17.24 -12.00
N LEU A 514 10.45 16.19 -11.74
CA LEU A 514 10.94 14.81 -11.93
C LEU A 514 10.09 14.14 -13.04
N GLU A 515 10.71 13.26 -13.81
CA GLU A 515 10.00 12.59 -14.89
C GLU A 515 8.81 11.71 -14.47
N ASN A 516 8.76 11.30 -13.21
CA ASN A 516 7.68 10.45 -12.75
C ASN A 516 6.47 11.19 -12.17
N GLY A 517 6.25 12.41 -12.63
CA GLY A 517 5.11 13.16 -12.14
C GLY A 517 5.18 13.72 -10.72
N LYS A 518 6.38 13.99 -10.22
CA LYS A 518 6.53 14.54 -8.87
C LYS A 518 7.38 15.83 -8.91
N LEU A 519 7.30 16.62 -7.84
CA LEU A 519 8.12 17.82 -7.75
C LEU A 519 8.92 17.73 -6.46
N ILE A 520 10.18 18.20 -6.49
CA ILE A 520 11.00 18.24 -5.30
C ILE A 520 11.00 19.71 -4.95
N LEU A 521 10.43 20.04 -3.80
CA LEU A 521 10.36 21.42 -3.37
C LEU A 521 11.62 21.84 -2.60
N GLN A 522 11.89 23.15 -2.61
CA GLN A 522 13.02 23.76 -1.91
C GLN A 522 12.85 23.46 -0.42
N ARG A 523 13.96 23.47 0.33
CA ARG A 523 13.90 23.24 1.77
C ARG A 523 13.45 24.53 2.42
N ASN A 524 13.23 24.47 3.73
CA ASN A 524 12.77 25.62 4.52
C ASN A 524 11.41 26.15 4.07
N ILE A 525 10.43 25.26 4.03
CA ILE A 525 9.07 25.59 3.62
C ILE A 525 8.24 25.83 4.89
N GLY A 526 7.37 26.84 4.84
CA GLY A 526 6.48 27.12 5.96
C GLY A 526 5.06 26.71 5.57
N LEU A 527 4.32 26.13 6.50
CA LEU A 527 2.95 25.68 6.22
C LEU A 527 1.91 26.02 7.29
N GLU A 528 0.77 26.54 6.87
CA GLU A 528 -0.33 26.83 7.78
C GLU A 528 -1.35 25.70 7.55
N ILE A 529 -1.80 25.07 8.62
CA ILE A 529 -2.76 23.99 8.51
C ILE A 529 -4.15 24.59 8.42
N LYS A 530 -4.85 24.35 7.31
CA LYS A 530 -6.19 24.91 7.11
C LYS A 530 -7.34 24.01 7.55
N ASP A 531 -7.16 22.70 7.46
CA ASP A 531 -8.23 21.78 7.84
C ASP A 531 -7.67 20.38 8.03
N VAL A 532 -8.27 19.63 8.95
CA VAL A 532 -7.84 18.26 9.22
C VAL A 532 -9.11 17.45 9.44
N GLN A 533 -9.34 16.44 8.61
CA GLN A 533 -10.53 15.62 8.75
C GLN A 533 -10.26 14.17 8.39
N ILE A 534 -11.18 13.28 8.76
CA ILE A 534 -11.05 11.86 8.45
C ILE A 534 -11.80 11.61 7.14
N ILE A 535 -11.16 10.90 6.22
CA ILE A 535 -11.78 10.61 4.93
C ILE A 535 -11.63 9.13 4.62
N LYS A 536 -12.36 8.70 3.61
CA LYS A 536 -12.31 7.31 3.17
C LYS A 536 -11.79 7.25 1.74
N GLN A 537 -10.91 6.29 1.48
CA GLN A 537 -10.37 6.14 0.15
C GLN A 537 -9.98 4.67 -0.02
N SER A 538 -10.46 4.07 -1.10
CA SER A 538 -10.17 2.67 -1.39
C SER A 538 -10.42 1.73 -0.20
N GLU A 539 -11.58 1.84 0.42
CA GLU A 539 -11.95 0.98 1.56
C GLU A 539 -11.18 1.22 2.86
N LYS A 540 -10.30 2.22 2.89
CA LYS A 540 -9.53 2.54 4.09
C LYS A 540 -9.74 3.99 4.47
N GLU A 541 -9.68 4.25 5.77
CA GLU A 541 -9.82 5.61 6.28
C GLU A 541 -8.44 6.27 6.34
N TYR A 542 -8.41 7.58 6.19
CA TYR A 542 -7.16 8.35 6.22
C TYR A 542 -7.39 9.69 6.87
N ILE A 543 -6.29 10.41 7.07
CA ILE A 543 -6.36 11.75 7.63
C ILE A 543 -5.96 12.73 6.52
N ARG A 544 -6.92 13.54 6.10
CA ARG A 544 -6.71 14.54 5.08
C ARG A 544 -6.23 15.81 5.77
N ILE A 545 -5.08 16.30 5.34
CA ILE A 545 -4.55 17.54 5.89
C ILE A 545 -4.45 18.56 4.77
N ASP A 546 -5.24 19.61 4.88
CA ASP A 546 -5.22 20.68 3.90
C ASP A 546 -4.30 21.76 4.47
N ALA A 547 -3.21 22.02 3.77
CA ALA A 547 -2.22 23.01 4.19
C ALA A 547 -1.90 24.03 3.10
N LYS A 548 -1.49 25.22 3.52
CA LYS A 548 -1.14 26.30 2.61
C LYS A 548 0.29 26.79 2.88
N VAL A 549 1.09 26.85 1.82
CA VAL A 549 2.46 27.30 1.90
C VAL A 549 2.51 28.81 2.17
N VAL A 550 3.37 29.22 3.11
CA VAL A 550 3.57 30.62 3.45
C VAL A 550 5.07 30.81 3.70
N PRO A 551 5.53 32.06 3.79
CA PRO A 551 6.97 32.26 4.02
C PRO A 551 7.35 31.61 5.36
N LYS A 552 8.44 30.85 5.38
CA LYS A 552 8.85 30.22 6.63
C LYS A 552 9.05 31.26 7.74
N SER A 553 9.53 32.44 7.39
CA SER A 553 9.75 33.50 8.37
C SER A 553 8.49 33.80 9.16
N LYS A 554 7.34 33.67 8.49
CA LYS A 554 6.07 33.93 9.14
C LYS A 554 5.78 32.91 10.25
N ILE A 555 6.21 31.67 10.07
CA ILE A 555 5.99 30.64 11.08
C ILE A 555 7.01 30.79 12.22
N ASP A 556 8.27 31.07 11.88
CA ASP A 556 9.31 31.26 12.89
C ASP A 556 8.90 32.40 13.83
N THR A 557 8.23 33.41 13.27
CA THR A 557 7.78 34.54 14.06
C THR A 557 6.70 34.09 15.07
N LYS A 558 5.87 33.12 14.69
CA LYS A 558 4.85 32.64 15.62
C LYS A 558 5.50 31.88 16.77
N ILE A 559 6.51 31.09 16.43
CA ILE A 559 7.23 30.30 17.41
C ILE A 559 7.99 31.21 18.37
N GLN A 560 8.59 32.27 17.83
CA GLN A 560 9.35 33.22 18.62
C GLN A 560 8.45 33.95 19.61
N GLU A 561 7.28 34.38 19.13
CA GLU A 561 6.34 35.08 20.00
C GLU A 561 5.81 34.14 21.08
N ALA A 562 5.71 32.85 20.76
CA ALA A 562 5.24 31.88 21.73
C ALA A 562 6.31 31.64 22.79
N GLN A 563 7.58 31.64 22.39
CA GLN A 563 8.65 31.41 23.33
C GLN A 563 8.71 32.53 24.37
N LEU A 564 8.47 33.77 23.94
CA LEU A 564 8.49 34.89 24.86
C LEU A 564 7.27 34.81 25.77
N ASN A 565 6.13 34.43 25.19
CA ASN A 565 4.90 34.32 25.95
C ASN A 565 4.98 33.27 27.05
N ILE A 566 5.55 32.11 26.74
CA ILE A 566 5.63 31.05 27.75
C ILE A 566 6.67 31.36 28.83
N ASN A 567 7.73 32.08 28.48
CA ASN A 567 8.74 32.43 29.46
C ASN A 567 8.18 33.50 30.41
N GLN A 568 7.35 34.39 29.87
CA GLN A 568 6.75 35.42 30.68
C GLN A 568 5.82 34.80 31.71
N GLU A 569 5.12 33.75 31.30
CA GLU A 569 4.20 33.05 32.19
C GLU A 569 4.93 32.32 33.32
N TRP A 570 5.98 31.58 32.99
CA TRP A 570 6.70 30.83 34.00
C TRP A 570 7.73 31.60 34.82
N ASN A 571 8.19 32.73 34.30
CA ASN A 571 9.14 33.55 35.04
C ASN A 571 8.33 34.14 36.20
N LYS A 572 7.06 34.46 35.93
CA LYS A 572 6.18 35.04 36.94
C LYS A 572 5.75 33.98 37.96
N ALA A 573 5.35 32.81 37.46
CA ALA A 573 4.91 31.72 38.31
C ALA A 573 6.04 31.12 39.13
N LEU A 574 7.27 31.24 38.66
CA LEU A 574 8.42 30.69 39.36
C LEU A 574 9.22 31.73 40.16
N GLY A 575 8.80 32.99 40.08
CA GLY A 575 9.49 34.05 40.80
C GLY A 575 10.87 34.41 40.26
N LEU A 576 11.12 34.06 39.00
CA LEU A 576 12.41 34.36 38.37
C LEU A 576 12.41 35.77 37.79
N PRO A 577 13.61 36.33 37.52
CA PRO A 577 13.70 37.68 36.94
C PRO A 577 12.79 37.79 35.71
N LYS A 578 12.24 38.98 35.50
CA LYS A 578 11.32 39.25 34.39
C LYS A 578 11.71 38.75 33.00
N TYR A 579 12.96 38.95 32.59
CA TYR A 579 13.38 38.53 31.25
C TYR A 579 14.34 37.36 31.17
N THR A 580 14.23 36.40 32.09
CA THR A 580 15.14 35.26 32.02
C THR A 580 14.70 34.35 30.89
N LYS A 581 15.66 33.66 30.31
CA LYS A 581 15.41 32.73 29.21
C LYS A 581 15.61 31.32 29.72
N LEU A 582 14.52 30.69 30.13
CA LEU A 582 14.54 29.34 30.68
C LEU A 582 14.07 28.34 29.62
N ILE A 583 12.92 28.64 29.03
CA ILE A 583 12.30 27.78 28.03
C ILE A 583 12.65 28.15 26.59
N THR A 584 13.11 27.17 25.82
CA THR A 584 13.44 27.44 24.43
C THR A 584 12.81 26.45 23.44
N PHE A 585 12.18 27.00 22.40
CA PHE A 585 11.54 26.20 21.36
C PHE A 585 12.48 26.03 20.17
N ASN A 586 13.15 24.88 20.09
CA ASN A 586 14.05 24.58 18.98
C ASN A 586 13.19 23.75 18.02
N VAL A 587 12.31 24.45 17.30
CA VAL A 587 11.35 23.85 16.38
C VAL A 587 11.64 24.06 14.89
N HIS A 588 11.77 22.94 14.17
CA HIS A 588 12.11 22.98 12.74
C HIS A 588 11.37 22.00 11.83
N ASN A 589 10.50 21.15 12.38
CA ASN A 589 9.85 20.14 11.53
C ASN A 589 8.33 20.18 11.34
N ARG A 590 7.80 19.18 10.62
CA ARG A 590 6.39 19.13 10.22
C ARG A 590 5.28 19.17 11.27
N TYR A 591 5.58 18.85 12.53
CA TYR A 591 4.54 18.91 13.56
C TYR A 591 4.79 20.12 14.49
N ALA A 592 5.56 21.08 13.96
CA ALA A 592 5.94 22.30 14.66
C ALA A 592 5.03 22.85 15.76
N SER A 593 3.83 23.25 15.39
CA SER A 593 2.90 23.83 16.35
C SER A 593 2.56 22.97 17.57
N ASN A 594 2.61 21.64 17.44
CA ASN A 594 2.30 20.78 18.56
C ASN A 594 3.45 20.77 19.57
N ILE A 595 4.67 20.87 19.07
CA ILE A 595 5.84 20.91 19.95
C ILE A 595 5.67 22.11 20.88
N VAL A 596 5.29 23.23 20.28
CA VAL A 596 5.09 24.48 21.01
C VAL A 596 3.94 24.44 22.03
N GLU A 597 2.74 24.08 21.58
CA GLU A 597 1.60 24.05 22.48
C GLU A 597 1.63 22.99 23.59
N SER A 598 2.26 21.84 23.34
CA SER A 598 2.28 20.81 24.38
C SER A 598 3.30 21.17 25.45
N ALA A 599 4.12 22.19 25.19
CA ALA A 599 5.10 22.62 26.16
C ALA A 599 4.36 23.18 27.37
N TYR A 600 3.30 23.95 27.10
CA TYR A 600 2.50 24.53 28.17
C TYR A 600 1.88 23.42 29.04
N LEU A 601 1.29 22.43 28.37
CA LEU A 601 0.65 21.29 29.03
C LEU A 601 1.65 20.47 29.84
N ILE A 602 2.85 20.28 29.29
CA ILE A 602 3.87 19.51 29.97
C ILE A 602 4.35 20.21 31.25
N LEU A 603 4.47 21.53 31.20
CA LEU A 603 4.93 22.27 32.37
C LEU A 603 3.84 22.37 33.43
N ASN A 604 2.59 22.47 33.00
CA ASN A 604 1.47 22.54 33.93
C ASN A 604 1.39 21.26 34.77
N GLU A 605 1.57 20.12 34.13
CA GLU A 605 1.54 18.84 34.82
C GLU A 605 2.77 18.70 35.72
N TRP A 606 3.83 19.39 35.32
CA TRP A 606 5.09 19.38 36.05
C TRP A 606 4.91 20.13 37.37
N LYS A 607 4.23 21.27 37.30
CA LYS A 607 3.98 22.08 38.48
C LYS A 607 2.96 21.41 39.40
N ASN A 608 1.76 21.17 38.86
CA ASN A 608 0.66 20.56 39.61
C ASN A 608 0.97 19.26 40.33
N ASN A 609 2.07 18.59 39.98
CA ASN A 609 2.42 17.32 40.62
C ASN A 609 3.63 17.39 41.55
N ILE A 610 4.39 18.47 41.49
CA ILE A 610 5.57 18.60 42.34
C ILE A 610 5.50 19.81 43.26
N GLN A 611 6.12 19.67 44.43
CA GLN A 611 6.13 20.75 45.41
C GLN A 611 6.72 22.01 44.81
N SER A 612 5.91 23.06 44.84
CA SER A 612 6.26 24.36 44.32
C SER A 612 7.66 24.82 44.71
N ASP A 613 8.06 24.56 45.96
CA ASP A 613 9.37 24.97 46.44
C ASP A 613 10.51 24.10 45.92
N LEU A 614 10.23 22.84 45.61
CA LEU A 614 11.27 21.98 45.08
C LEU A 614 11.58 22.49 43.68
N ILE A 615 10.51 22.77 42.94
CA ILE A 615 10.59 23.29 41.58
C ILE A 615 11.38 24.60 41.57
N LYS A 616 10.93 25.58 42.34
CA LYS A 616 11.60 26.88 42.41
C LYS A 616 13.10 26.76 42.72
N LYS A 617 13.43 25.99 43.75
CA LYS A 617 14.82 25.80 44.15
C LYS A 617 15.68 25.22 43.03
N VAL A 618 15.25 24.10 42.47
CA VAL A 618 16.01 23.46 41.41
C VAL A 618 16.15 24.32 40.16
N THR A 619 15.07 24.98 39.73
CA THR A 619 15.16 25.80 38.54
C THR A 619 16.06 27.02 38.75
N ASN A 620 15.97 27.66 39.91
CA ASN A 620 16.82 28.82 40.19
C ASN A 620 18.28 28.40 40.00
N TYR A 621 18.58 27.17 40.42
CA TYR A 621 19.93 26.60 40.29
C TYR A 621 20.30 26.38 38.82
N LEU A 622 19.33 25.98 38.01
CA LEU A 622 19.57 25.73 36.59
C LEU A 622 19.81 27.07 35.90
N VAL A 623 18.98 28.05 36.25
CA VAL A 623 19.11 29.37 35.66
C VAL A 623 20.45 30.00 36.06
N ASP A 624 20.89 29.69 37.29
CA ASP A 624 22.15 30.22 37.79
C ASP A 624 23.29 29.80 36.87
N GLY A 625 23.14 28.63 36.27
CA GLY A 625 24.16 28.12 35.35
C GLY A 625 23.72 28.33 33.91
N ASN A 626 22.70 29.17 33.74
CA ASN A 626 22.17 29.50 32.43
C ASN A 626 21.67 28.25 31.67
N GLY A 627 20.93 27.39 32.37
CA GLY A 627 20.41 26.19 31.76
C GLY A 627 19.11 26.46 31.03
N ARG A 628 18.56 25.43 30.38
CA ARG A 628 17.33 25.60 29.64
C ARG A 628 16.42 24.38 29.66
N PHE A 629 15.14 24.63 29.40
CA PHE A 629 14.13 23.58 29.27
C PHE A 629 13.96 23.64 27.74
N VAL A 630 14.60 22.71 27.03
CA VAL A 630 14.53 22.71 25.57
C VAL A 630 13.52 21.73 24.95
N PHE A 631 12.46 22.30 24.36
CA PHE A 631 11.43 21.51 23.68
C PHE A 631 11.76 21.57 22.18
N THR A 632 12.04 20.41 21.59
CA THR A 632 12.45 20.37 20.20
C THR A 632 11.95 19.22 19.35
N ASP A 633 12.15 19.36 18.04
CA ASP A 633 11.77 18.30 17.12
C ASP A 633 12.91 17.89 16.20
N ILE A 634 14.15 18.17 16.61
CA ILE A 634 15.32 17.73 15.84
C ILE A 634 16.00 16.78 16.82
N THR A 635 16.85 15.88 16.36
CA THR A 635 17.45 14.94 17.30
C THR A 635 18.40 15.58 18.32
N LEU A 636 18.37 15.05 19.54
CA LEU A 636 19.19 15.55 20.64
C LEU A 636 20.66 15.80 20.35
N PRO A 637 21.31 14.91 19.59
CA PRO A 637 22.73 15.14 19.29
C PRO A 637 23.01 16.46 18.54
N ASN A 638 21.95 17.14 18.11
CA ASN A 638 22.10 18.39 17.36
C ASN A 638 21.63 19.64 18.11
N ILE A 639 21.32 19.53 19.39
CA ILE A 639 20.84 20.69 20.13
C ILE A 639 21.84 21.80 20.50
N ALA A 640 22.95 21.43 21.14
CA ALA A 640 24.00 22.36 21.56
C ALA A 640 24.21 22.24 23.06
N GLU A 641 23.13 22.34 23.82
CA GLU A 641 23.21 22.20 25.27
C GLU A 641 23.83 20.83 25.54
N GLN A 642 23.84 19.96 24.53
CA GLN A 642 24.46 18.66 24.67
C GLN A 642 25.79 18.57 23.92
N TYR A 643 25.79 18.88 22.63
CA TYR A 643 27.03 18.72 21.87
C TYR A 643 28.20 19.62 22.24
N THR A 644 27.95 20.82 22.73
CA THR A 644 29.07 21.69 23.10
C THR A 644 29.81 21.12 24.31
N HIS A 645 29.17 20.22 25.04
CA HIS A 645 29.79 19.63 26.23
C HIS A 645 30.19 18.16 26.07
N GLN A 646 30.17 17.66 24.85
CA GLN A 646 30.59 16.29 24.63
C GLN A 646 32.10 16.32 24.45
N ASP A 647 32.79 15.29 24.94
CA ASP A 647 34.24 15.25 24.78
C ASP A 647 34.55 14.63 23.42
N GLU A 648 33.66 13.74 22.99
CA GLU A 648 33.81 13.06 21.72
C GLU A 648 32.46 13.06 20.99
N ILE A 649 32.49 13.13 19.66
CA ILE A 649 31.25 13.12 18.88
C ILE A 649 30.42 11.86 19.12
N TYR A 650 31.09 10.71 19.16
CA TYR A 650 30.40 9.42 19.36
C TYR A 650 29.74 9.27 20.73
N GLU A 651 30.04 10.18 21.63
CA GLU A 651 29.44 10.14 22.97
C GLU A 651 28.05 10.75 22.96
N GLN A 652 27.53 11.05 21.78
CA GLN A 652 26.21 11.66 21.66
C GLN A 652 25.08 10.70 22.04
N VAL A 653 24.00 11.28 22.55
CA VAL A 653 22.85 10.50 22.95
C VAL A 653 21.57 11.09 22.37
N HIS A 654 20.73 10.23 21.80
CA HIS A 654 19.45 10.68 21.28
C HIS A 654 18.37 9.81 21.92
N SER A 655 17.29 10.43 22.35
CA SER A 655 16.20 9.71 22.97
C SER A 655 15.08 10.68 23.24
N LYS A 656 14.10 10.22 24.01
CA LYS A 656 12.93 11.04 24.34
C LYS A 656 13.30 12.22 25.23
N GLY A 657 14.27 12.00 26.11
CA GLY A 657 14.69 13.06 27.01
C GLY A 657 16.15 12.94 27.37
N LEU A 658 16.71 14.01 27.92
CA LEU A 658 18.12 14.00 28.29
C LEU A 658 18.38 15.13 29.28
N TYR A 659 19.29 14.91 30.21
CA TYR A 659 19.67 15.94 31.17
C TYR A 659 21.17 16.07 31.10
N VAL A 660 21.64 17.28 30.84
CA VAL A 660 23.07 17.54 30.74
C VAL A 660 23.50 18.40 31.93
N PRO A 661 24.30 17.82 32.85
CA PRO A 661 24.78 18.53 34.04
C PRO A 661 25.60 19.78 33.72
N GLU A 662 26.51 19.65 32.76
CA GLU A 662 27.37 20.75 32.35
C GLU A 662 26.61 22.00 31.93
N SER A 663 25.50 21.83 31.21
CA SER A 663 24.71 22.97 30.75
C SER A 663 23.47 23.18 31.62
N ARG A 664 23.25 22.28 32.57
CA ARG A 664 22.09 22.36 33.45
C ARG A 664 20.83 22.56 32.64
N SER A 665 20.64 21.68 31.66
CA SER A 665 19.48 21.78 30.80
C SER A 665 18.75 20.46 30.60
N ILE A 666 17.45 20.55 30.43
CA ILE A 666 16.62 19.38 30.18
C ILE A 666 16.18 19.46 28.73
N LEU A 667 16.44 18.40 27.98
CA LEU A 667 16.07 18.33 26.56
C LEU A 667 14.94 17.33 26.31
N LEU A 668 13.89 17.77 25.63
CA LEU A 668 12.77 16.88 25.35
C LEU A 668 12.41 16.83 23.84
N HIS A 669 12.67 15.69 23.22
CA HIS A 669 12.38 15.45 21.80
C HIS A 669 10.93 14.98 21.62
N GLY A 670 10.09 15.84 21.08
CA GLY A 670 8.68 15.52 20.88
C GLY A 670 8.28 14.35 20.00
N PRO A 671 8.68 14.32 18.71
CA PRO A 671 8.35 13.27 17.74
C PRO A 671 8.46 11.78 18.13
N SER A 672 9.46 11.42 18.92
CA SER A 672 9.65 10.03 19.27
C SER A 672 8.76 9.51 20.40
N LYS A 673 8.77 8.19 20.58
CA LYS A 673 8.00 7.55 21.64
C LYS A 673 8.98 6.97 22.66
N GLY A 674 8.82 7.35 23.92
CA GLY A 674 9.71 6.83 24.95
C GLY A 674 9.67 5.31 25.00
N VAL A 675 10.84 4.68 24.92
CA VAL A 675 10.94 3.23 24.97
C VAL A 675 10.39 2.67 26.29
N GLU A 676 10.07 3.58 27.21
CA GLU A 676 9.52 3.20 28.51
C GLU A 676 8.36 4.10 28.89
N LEU A 677 8.63 5.39 29.03
CA LEU A 677 7.62 6.37 29.40
C LEU A 677 6.40 6.34 28.49
N ARG A 678 5.23 6.67 29.04
CA ARG A 678 3.99 6.64 28.27
C ARG A 678 3.71 7.93 27.51
N ASN A 679 4.10 9.08 28.07
CA ASN A 679 3.87 10.37 27.40
C ASN A 679 5.03 11.34 27.59
N ASP A 680 4.83 12.58 27.16
CA ASP A 680 5.85 13.62 27.28
C ASP A 680 5.94 14.16 28.71
N SER A 681 4.78 14.34 29.35
CA SER A 681 4.75 14.83 30.72
C SER A 681 5.65 13.97 31.59
N GLU A 682 5.46 12.66 31.48
CA GLU A 682 6.25 11.73 32.25
C GLU A 682 7.71 11.78 31.84
N GLY A 683 7.95 11.95 30.54
CA GLY A 683 9.31 12.03 30.04
C GLY A 683 10.07 13.17 30.67
N PHE A 684 9.39 14.31 30.81
CA PHE A 684 9.96 15.51 31.40
C PHE A 684 10.25 15.29 32.89
N ILE A 685 9.21 14.96 33.65
CA ILE A 685 9.34 14.75 35.08
C ILE A 685 10.48 13.78 35.38
N HIS A 686 10.68 12.81 34.48
CA HIS A 686 11.75 11.84 34.64
C HIS A 686 13.10 12.54 34.60
N GLU A 687 13.28 13.42 33.62
CA GLU A 687 14.52 14.17 33.47
C GLU A 687 14.73 15.13 34.65
N PHE A 688 13.64 15.75 35.10
CA PHE A 688 13.72 16.67 36.23
C PHE A 688 14.32 15.91 37.41
N GLY A 689 13.92 14.65 37.55
CA GLY A 689 14.44 13.83 38.63
C GLY A 689 15.95 13.85 38.58
N HIS A 690 16.49 13.80 37.36
CA HIS A 690 17.94 13.83 37.17
C HIS A 690 18.50 15.18 37.61
N ALA A 691 17.71 16.23 37.41
CA ALA A 691 18.12 17.56 37.81
C ALA A 691 18.22 17.59 39.34
N VAL A 692 17.21 17.06 40.00
CA VAL A 692 17.17 17.00 41.45
C VAL A 692 18.39 16.23 41.95
N ASP A 693 18.66 15.10 41.31
CA ASP A 693 19.80 14.26 41.67
C ASP A 693 21.08 15.09 41.59
N ASP A 694 21.10 16.04 40.66
CA ASP A 694 22.26 16.89 40.44
C ASP A 694 22.41 17.98 41.51
N TYR A 695 21.30 18.62 41.86
CA TYR A 695 21.32 19.68 42.86
C TYR A 695 21.57 19.12 44.27
N ALA A 696 20.86 18.05 44.61
CA ALA A 696 21.01 17.43 45.92
C ALA A 696 22.49 17.12 46.15
N GLY A 697 23.15 16.58 45.13
CA GLY A 697 24.55 16.26 45.25
C GLY A 697 25.38 17.52 45.42
N TYR A 698 24.94 18.60 44.78
CA TYR A 698 25.63 19.88 44.87
C TYR A 698 25.55 20.40 46.30
N LEU A 699 24.46 20.07 46.98
CA LEU A 699 24.25 20.49 48.36
C LEU A 699 24.83 19.47 49.34
N LEU A 700 26.10 19.14 49.13
CA LEU A 700 26.79 18.19 49.99
C LEU A 700 28.28 18.45 49.85
N ASP A 701 28.61 19.23 48.82
CA ASP A 701 29.99 19.59 48.54
C ASP A 701 29.97 20.48 47.30
N LYS A 702 29.68 21.76 47.51
CA LYS A 702 29.60 22.74 46.43
C LYS A 702 30.93 22.98 45.73
N ASN A 703 31.88 22.07 45.94
CA ASN A 703 33.20 22.20 45.32
C ASN A 703 33.77 20.86 44.88
N GLN A 704 32.92 19.83 44.81
CA GLN A 704 33.34 18.49 44.42
C GLN A 704 32.12 17.60 44.15
N SER A 705 32.32 16.51 43.41
CA SER A 705 31.26 15.57 43.06
C SER A 705 30.10 16.32 42.39
N ASP A 706 28.90 15.76 42.46
CA ASP A 706 27.76 16.40 41.84
C ASP A 706 26.45 15.65 42.00
N LEU A 707 26.52 14.32 41.96
CA LEU A 707 25.31 13.51 42.09
C LEU A 707 25.20 12.74 43.40
N VAL A 708 24.06 12.88 44.07
CA VAL A 708 23.83 12.19 45.33
C VAL A 708 23.67 10.70 45.03
N THR A 709 23.26 10.41 43.80
CA THR A 709 23.06 9.03 43.38
C THR A 709 24.42 8.35 43.26
N ASN A 710 25.45 9.13 42.92
CA ASN A 710 26.81 8.62 42.77
C ASN A 710 27.45 8.30 44.12
N SER A 711 26.81 8.73 45.20
CA SER A 711 27.34 8.48 46.53
C SER A 711 27.26 6.99 46.83
N LYS A 712 28.28 6.48 47.52
CA LYS A 712 28.32 5.07 47.88
C LYS A 712 27.22 4.81 48.91
N LYS A 713 26.73 5.89 49.49
CA LYS A 713 25.69 5.83 50.51
C LYS A 713 24.30 5.71 49.90
N PHE A 714 24.24 5.43 48.59
CA PHE A 714 22.98 5.29 47.89
C PHE A 714 23.02 4.03 47.02
N ILE A 715 24.21 3.68 46.56
CA ILE A 715 24.40 2.51 45.74
C ILE A 715 23.77 1.30 46.42
N ASP A 716 24.02 1.15 47.71
CA ASP A 716 23.48 0.05 48.49
C ASP A 716 21.96 0.03 48.40
N ILE A 717 21.34 1.20 48.55
CA ILE A 717 19.89 1.30 48.48
C ILE A 717 19.42 0.77 47.13
N PHE A 718 20.28 0.92 46.13
CA PHE A 718 19.98 0.47 44.77
C PHE A 718 20.18 -1.04 44.64
N LYS A 719 20.92 -1.61 45.58
CA LYS A 719 21.19 -3.05 45.56
C LYS A 719 19.99 -3.85 46.06
N GLU A 720 19.08 -3.18 46.77
CA GLU A 720 17.90 -3.85 47.31
C GLU A 720 16.63 -3.60 46.51
N GLU A 721 16.24 -2.33 46.42
CA GLU A 721 15.02 -1.96 45.70
C GLU A 721 15.26 -1.66 44.22
N GLY A 722 16.52 -1.54 43.83
CA GLY A 722 16.86 -1.24 42.45
C GLY A 722 16.14 -2.06 41.39
N SER A 723 15.72 -3.27 41.77
CA SER A 723 15.03 -4.16 40.85
C SER A 723 13.59 -4.34 41.29
N ASN A 724 13.09 -3.37 42.07
CA ASN A 724 11.73 -3.44 42.60
C ASN A 724 10.75 -2.48 41.93
N LEU A 725 11.18 -1.86 40.84
CA LEU A 725 10.33 -0.92 40.11
C LEU A 725 10.39 -1.18 38.61
N THR A 726 10.25 -0.13 37.81
CA THR A 726 10.30 -0.29 36.36
C THR A 726 11.65 -0.86 35.94
N SER A 727 11.65 -1.59 34.83
CA SER A 727 12.89 -2.18 34.32
C SER A 727 13.84 -1.09 33.85
N TYR A 728 13.29 0.07 33.54
CA TYR A 728 14.08 1.22 33.10
C TYR A 728 14.91 1.70 34.29
N GLY A 729 14.28 1.76 35.46
CA GLY A 729 14.97 2.18 36.66
C GLY A 729 15.99 1.16 37.08
N ARG A 730 15.77 -0.09 36.69
CA ARG A 730 16.67 -1.18 37.03
C ARG A 730 18.04 -1.01 36.38
N THR A 731 18.12 -0.15 35.37
CA THR A 731 19.37 0.09 34.65
C THR A 731 20.52 0.46 35.59
N ASN A 732 20.33 1.54 36.36
CA ASN A 732 21.35 2.00 37.29
C ASN A 732 20.74 2.92 38.34
N GLU A 733 21.57 3.36 39.28
CA GLU A 733 21.14 4.24 40.36
C GLU A 733 20.55 5.57 39.87
N ALA A 734 21.18 6.17 38.86
CA ALA A 734 20.69 7.43 38.31
C ALA A 734 19.30 7.24 37.73
N GLU A 735 19.16 6.23 36.89
CA GLU A 735 17.87 5.94 36.27
C GLU A 735 16.85 5.48 37.30
N PHE A 736 17.30 4.68 38.27
CA PHE A 736 16.41 4.20 39.32
C PHE A 736 15.88 5.41 40.09
N PHE A 737 16.80 6.29 40.48
CA PHE A 737 16.44 7.49 41.22
C PHE A 737 15.46 8.33 40.41
N ALA A 738 15.79 8.55 39.14
CA ALA A 738 14.93 9.33 38.25
C ALA A 738 13.55 8.68 38.11
N GLU A 739 13.54 7.36 37.96
CA GLU A 739 12.30 6.62 37.82
C GLU A 739 11.43 6.69 39.09
N ALA A 740 12.06 6.48 40.24
CA ALA A 740 11.37 6.53 41.53
C ALA A 740 10.78 7.92 41.75
N PHE A 741 11.54 8.94 41.35
CA PHE A 741 11.08 10.31 41.51
C PHE A 741 9.81 10.53 40.70
N ARG A 742 9.83 10.06 39.46
CA ARG A 742 8.69 10.20 38.54
C ARG A 742 7.41 9.59 39.10
N LEU A 743 7.50 8.34 39.53
CA LEU A 743 6.35 7.62 40.05
C LEU A 743 5.72 8.32 41.26
N MET A 744 6.56 8.85 42.14
CA MET A 744 6.09 9.53 43.33
C MET A 744 5.27 10.78 43.08
N HIS A 745 5.38 11.34 41.88
CA HIS A 745 4.64 12.55 41.56
C HIS A 745 3.67 12.31 40.42
N SER A 746 3.38 11.04 40.15
CA SER A 746 2.47 10.65 39.09
C SER A 746 1.06 11.20 39.27
N THR A 747 0.34 11.31 38.16
CA THR A 747 -1.03 11.81 38.18
C THR A 747 -1.94 10.70 38.69
N ASP A 748 -1.43 9.47 38.61
CA ASP A 748 -2.16 8.29 39.06
C ASP A 748 -1.70 7.94 40.47
N HIS A 749 -2.50 8.29 41.46
CA HIS A 749 -2.17 8.02 42.86
C HIS A 749 -1.79 6.57 43.10
N ALA A 750 -2.37 5.67 42.30
CA ALA A 750 -2.06 4.25 42.44
C ALA A 750 -0.56 4.12 42.28
N GLU A 751 -0.04 4.71 41.20
CA GLU A 751 1.39 4.69 40.91
C GLU A 751 2.19 5.16 42.12
N ARG A 752 1.72 6.24 42.74
CA ARG A 752 2.39 6.80 43.90
C ARG A 752 2.46 5.77 45.03
N LEU A 753 1.35 5.09 45.26
CA LEU A 753 1.27 4.09 46.30
C LEU A 753 2.24 2.93 46.12
N LYS A 754 2.37 2.43 44.89
CA LYS A 754 3.27 1.31 44.62
C LYS A 754 4.68 1.52 45.17
N VAL A 755 5.29 2.65 44.85
CA VAL A 755 6.63 2.93 45.32
C VAL A 755 6.69 2.87 46.84
N GLN A 756 5.54 3.10 47.47
CA GLN A 756 5.43 3.08 48.93
C GLN A 756 5.57 1.66 49.48
N LYS A 757 4.77 0.74 48.95
CA LYS A 757 4.80 -0.65 49.40
C LYS A 757 5.78 -1.55 48.64
N ASN A 758 6.37 -1.01 47.58
CA ASN A 758 7.34 -1.75 46.77
C ASN A 758 8.74 -1.21 46.98
N ALA A 759 8.84 0.05 47.37
CA ALA A 759 10.11 0.71 47.61
C ALA A 759 9.97 1.66 48.79
N PRO A 760 9.71 1.11 49.99
CA PRO A 760 9.55 1.92 51.20
C PRO A 760 10.76 2.76 51.59
N LYS A 761 11.96 2.23 51.35
CA LYS A 761 13.18 2.95 51.68
C LYS A 761 13.34 4.15 50.78
N THR A 762 13.34 3.91 49.47
CA THR A 762 13.50 4.97 48.48
C THR A 762 12.45 6.08 48.64
N PHE A 763 11.20 5.68 48.90
CA PHE A 763 10.13 6.66 49.08
C PHE A 763 10.41 7.57 50.27
N GLN A 764 11.05 7.03 51.28
CA GLN A 764 11.39 7.79 52.49
C GLN A 764 12.68 8.56 52.25
N PHE A 765 13.57 8.00 51.45
CA PHE A 765 14.85 8.63 51.14
C PHE A 765 14.65 9.87 50.26
N ILE A 766 13.92 9.70 49.16
CA ILE A 766 13.64 10.80 48.24
C ILE A 766 12.93 11.95 48.96
N ASN A 767 11.93 11.63 49.77
CA ASN A 767 11.21 12.65 50.50
C ASN A 767 12.14 13.40 51.44
N ASP A 768 13.29 12.79 51.73
CA ASP A 768 14.29 13.42 52.61
C ASP A 768 15.22 14.28 51.77
N GLN A 769 15.34 13.96 50.49
CA GLN A 769 16.19 14.72 49.59
C GLN A 769 15.49 16.03 49.25
N ILE A 770 14.18 15.94 49.07
CA ILE A 770 13.38 17.11 48.74
C ILE A 770 13.41 18.03 49.96
N LYS A 771 13.78 17.44 51.10
CA LYS A 771 13.86 18.17 52.36
C LYS A 771 14.88 19.29 52.27
N PHE A 772 16.03 19.00 51.67
CA PHE A 772 17.06 20.00 51.50
C PHE A 772 16.49 21.28 50.88
N ILE A 773 16.15 22.23 51.75
CA ILE A 773 15.60 23.51 51.35
C ILE A 773 15.95 24.52 52.43
N GLU B 27 -22.64 -9.72 -34.02
CA GLU B 27 -21.51 -9.77 -33.04
C GLU B 27 -20.13 -9.75 -33.70
N ARG B 28 -19.88 -10.71 -34.60
CA ARG B 28 -18.58 -10.75 -35.29
C ARG B 28 -18.41 -9.49 -36.14
N ASN B 29 -18.13 -9.66 -37.43
CA ASN B 29 -17.97 -8.50 -38.31
C ASN B 29 -19.32 -7.81 -38.50
N LYS B 30 -20.32 -8.30 -37.77
CA LYS B 30 -21.67 -7.74 -37.83
C LYS B 30 -21.62 -6.26 -37.43
N THR B 31 -21.64 -6.01 -36.13
CA THR B 31 -21.57 -4.63 -35.65
C THR B 31 -20.11 -4.23 -35.40
N GLN B 32 -19.18 -5.06 -35.89
CA GLN B 32 -17.75 -4.79 -35.75
C GLN B 32 -17.40 -3.73 -36.78
N GLU B 33 -17.89 -3.94 -38.01
CA GLU B 33 -17.65 -3.01 -39.11
C GLU B 33 -18.49 -1.77 -38.83
N GLU B 34 -19.56 -1.94 -38.06
CA GLU B 34 -20.45 -0.85 -37.67
C GLU B 34 -19.71 -0.04 -36.60
N HIS B 35 -18.82 -0.72 -35.89
CA HIS B 35 -18.04 -0.11 -34.81
C HIS B 35 -16.97 0.84 -35.36
N LEU B 36 -16.15 0.35 -36.29
CA LEU B 36 -15.09 1.15 -36.88
C LEU B 36 -15.66 2.39 -37.58
N LYS B 37 -16.81 2.24 -38.22
CA LYS B 37 -17.46 3.36 -38.90
C LYS B 37 -17.90 4.44 -37.92
N GLU B 38 -18.11 4.04 -36.67
CA GLU B 38 -18.52 4.98 -35.62
C GLU B 38 -17.34 5.87 -35.22
N ILE B 39 -16.14 5.29 -35.27
CA ILE B 39 -14.92 6.01 -34.92
C ILE B 39 -14.61 7.07 -35.97
N MET B 40 -14.47 6.64 -37.22
CA MET B 40 -14.18 7.54 -38.32
C MET B 40 -15.18 8.69 -38.28
N LYS B 41 -16.41 8.36 -37.91
CA LYS B 41 -17.49 9.32 -37.79
C LYS B 41 -17.09 10.54 -36.97
N HIS B 42 -16.80 10.30 -35.70
CA HIS B 42 -16.43 11.36 -34.76
C HIS B 42 -15.03 11.96 -34.88
N ILE B 43 -14.01 11.13 -34.98
CA ILE B 43 -12.64 11.63 -35.03
C ILE B 43 -12.04 12.06 -36.36
N VAL B 44 -12.61 11.61 -37.48
CA VAL B 44 -12.09 11.98 -38.79
C VAL B 44 -12.88 13.09 -39.46
N LYS B 45 -12.26 14.26 -39.58
CA LYS B 45 -12.90 15.41 -40.21
C LYS B 45 -12.29 15.66 -41.60
N ILE B 46 -13.09 15.42 -42.63
CA ILE B 46 -12.64 15.63 -44.00
C ILE B 46 -12.84 17.09 -44.37
N GLU B 47 -11.80 17.91 -44.19
CA GLU B 47 -11.88 19.34 -44.48
C GLU B 47 -11.04 19.73 -45.69
N VAL B 48 -11.60 19.53 -46.88
CA VAL B 48 -10.91 19.86 -48.12
C VAL B 48 -11.80 20.71 -49.02
N LYS B 49 -11.22 21.25 -50.08
CA LYS B 49 -11.96 22.07 -51.02
C LYS B 49 -12.07 21.40 -52.39
N GLY B 50 -11.23 20.39 -52.62
CA GLY B 50 -11.25 19.68 -53.88
C GLY B 50 -12.33 18.61 -53.95
N GLU B 51 -13.56 19.00 -53.62
CA GLU B 51 -14.71 18.09 -53.63
C GLU B 51 -14.43 16.81 -52.85
N GLU B 52 -14.85 16.81 -51.58
CA GLU B 52 -14.66 15.67 -50.70
C GLU B 52 -15.52 14.48 -51.13
N ALA B 53 -14.87 13.41 -51.57
CA ALA B 53 -15.58 12.21 -52.00
C ALA B 53 -14.58 11.09 -52.26
N VAL B 54 -13.57 11.41 -53.07
CA VAL B 54 -12.53 10.44 -53.39
C VAL B 54 -11.39 10.59 -52.40
N LYS B 55 -11.29 11.76 -51.77
CA LYS B 55 -10.24 12.01 -50.80
C LYS B 55 -10.59 11.34 -49.48
N LYS B 56 -11.88 11.14 -49.26
CA LYS B 56 -12.37 10.51 -48.04
C LYS B 56 -12.16 8.99 -48.11
N GLU B 57 -12.64 8.38 -49.19
CA GLU B 57 -12.50 6.95 -49.38
C GLU B 57 -11.03 6.54 -49.31
N ALA B 58 -10.16 7.41 -49.82
CA ALA B 58 -8.73 7.15 -49.82
C ALA B 58 -8.21 7.02 -48.39
N ALA B 59 -8.53 8.01 -47.56
CA ALA B 59 -8.10 8.01 -46.16
C ALA B 59 -8.68 6.81 -45.41
N GLU B 60 -9.92 6.44 -45.74
CA GLU B 60 -10.58 5.31 -45.11
C GLU B 60 -9.78 4.03 -45.37
N LYS B 61 -9.32 3.88 -46.61
CA LYS B 61 -8.54 2.71 -47.00
C LYS B 61 -7.16 2.79 -46.36
N LEU B 62 -6.75 4.01 -46.02
CA LEU B 62 -5.45 4.24 -45.38
C LEU B 62 -5.48 3.81 -43.92
N LEU B 63 -6.38 4.43 -43.16
CA LEU B 63 -6.53 4.16 -41.75
C LEU B 63 -7.12 2.78 -41.46
N GLU B 64 -7.64 2.13 -42.50
CA GLU B 64 -8.24 0.82 -42.35
C GLU B 64 -7.24 -0.25 -41.94
N LYS B 65 -5.98 -0.06 -42.32
CA LYS B 65 -4.94 -1.04 -41.98
C LYS B 65 -4.53 -0.94 -40.51
N VAL B 66 -4.98 0.12 -39.84
CA VAL B 66 -4.67 0.34 -38.43
C VAL B 66 -5.70 -0.37 -37.55
N PRO B 67 -5.23 -1.10 -36.52
CA PRO B 67 -6.17 -1.80 -35.63
C PRO B 67 -7.23 -0.85 -35.09
N SER B 68 -8.49 -1.26 -35.19
CA SER B 68 -9.62 -0.48 -34.74
C SER B 68 -9.46 0.06 -33.32
N ASP B 69 -8.87 -0.74 -32.43
CA ASP B 69 -8.69 -0.33 -31.03
C ASP B 69 -7.76 0.87 -30.88
N VAL B 70 -6.75 0.98 -31.74
CA VAL B 70 -5.83 2.10 -31.68
C VAL B 70 -6.65 3.37 -31.88
N LEU B 71 -7.57 3.32 -32.85
CA LEU B 71 -8.42 4.46 -33.17
C LEU B 71 -9.40 4.76 -32.04
N GLU B 72 -9.90 3.71 -31.38
CA GLU B 72 -10.83 3.92 -30.30
C GLU B 72 -10.11 4.53 -29.09
N MET B 73 -8.86 4.13 -28.88
CA MET B 73 -8.11 4.68 -27.77
C MET B 73 -7.82 6.16 -28.06
N TYR B 74 -7.54 6.48 -29.32
CA TYR B 74 -7.25 7.87 -29.68
C TYR B 74 -8.47 8.73 -29.36
N LYS B 75 -9.63 8.29 -29.81
CA LYS B 75 -10.87 9.00 -29.55
C LYS B 75 -11.04 9.22 -28.04
N ALA B 76 -10.72 8.20 -27.26
CA ALA B 76 -10.85 8.26 -25.80
C ALA B 76 -9.88 9.29 -25.20
N ILE B 77 -8.79 9.55 -25.91
CA ILE B 77 -7.78 10.48 -25.46
C ILE B 77 -8.09 11.90 -25.95
N GLY B 78 -9.23 12.03 -26.61
CA GLY B 78 -9.65 13.32 -27.14
C GLY B 78 -9.04 13.66 -28.48
N GLY B 79 -8.36 12.69 -29.09
CA GLY B 79 -7.73 12.93 -30.37
C GLY B 79 -8.71 13.19 -31.52
N LYS B 80 -8.20 13.79 -32.58
CA LYS B 80 -8.98 14.12 -33.77
C LYS B 80 -8.08 13.98 -35.00
N ILE B 81 -8.61 13.34 -36.03
CA ILE B 81 -7.85 13.14 -37.27
C ILE B 81 -8.37 14.11 -38.34
N TYR B 82 -7.51 15.05 -38.74
CA TYR B 82 -7.90 16.03 -39.75
C TYR B 82 -7.30 15.75 -41.13
N ILE B 83 -8.20 15.66 -42.12
CA ILE B 83 -7.82 15.42 -43.51
C ILE B 83 -8.02 16.72 -44.28
N VAL B 84 -6.93 17.36 -44.66
CA VAL B 84 -7.01 18.61 -45.39
C VAL B 84 -5.90 18.70 -46.43
N ASP B 85 -6.15 19.44 -47.51
CA ASP B 85 -5.16 19.59 -48.56
C ASP B 85 -4.34 20.87 -48.37
N GLY B 86 -3.25 20.98 -49.12
CA GLY B 86 -2.40 22.14 -49.02
C GLY B 86 -1.35 22.02 -47.93
N ASP B 87 -0.90 23.16 -47.43
CA ASP B 87 0.10 23.19 -46.37
C ASP B 87 -0.56 22.85 -45.05
N ILE B 88 -0.25 21.67 -44.53
CA ILE B 88 -0.82 21.20 -43.28
C ILE B 88 -0.47 22.14 -42.13
N THR B 89 0.70 22.77 -42.22
CA THR B 89 1.15 23.69 -41.18
C THR B 89 0.24 24.90 -41.06
N LYS B 90 -0.72 25.01 -41.99
CA LYS B 90 -1.66 26.12 -41.98
C LYS B 90 -3.02 25.74 -41.43
N HIS B 91 -3.09 24.60 -40.75
CA HIS B 91 -4.36 24.15 -40.18
C HIS B 91 -4.62 24.85 -38.85
N ILE B 92 -5.89 25.01 -38.52
CA ILE B 92 -6.28 25.67 -37.28
C ILE B 92 -5.58 25.04 -36.08
N SER B 93 -5.54 23.71 -36.05
CA SER B 93 -4.92 22.98 -34.94
C SER B 93 -3.41 23.13 -34.82
N LEU B 94 -2.72 23.22 -35.94
CA LEU B 94 -1.27 23.34 -35.92
C LEU B 94 -0.79 24.78 -35.82
N GLU B 95 -1.73 25.72 -35.78
CA GLU B 95 -1.38 27.14 -35.69
C GLU B 95 -1.04 27.56 -34.27
N ALA B 96 0.18 27.22 -33.86
CA ALA B 96 0.68 27.54 -32.52
C ALA B 96 1.99 26.80 -32.32
N LEU B 97 2.33 25.94 -33.27
CA LEU B 97 3.55 25.14 -33.21
C LEU B 97 4.80 26.00 -33.09
N SER B 98 5.73 25.56 -32.27
CA SER B 98 6.99 26.28 -32.08
C SER B 98 7.87 26.06 -33.31
N GLU B 99 8.72 27.04 -33.61
CA GLU B 99 9.61 26.96 -34.76
C GLU B 99 10.43 25.68 -34.79
N ASP B 100 10.84 25.21 -33.61
CA ASP B 100 11.65 24.01 -33.52
C ASP B 100 10.86 22.75 -33.89
N LYS B 101 9.55 22.80 -33.70
CA LYS B 101 8.68 21.67 -34.01
C LYS B 101 8.42 21.51 -35.50
N LYS B 102 8.47 22.61 -36.24
CA LYS B 102 8.27 22.56 -37.69
C LYS B 102 9.47 21.89 -38.35
N LYS B 103 10.57 21.76 -37.60
CA LYS B 103 11.76 21.12 -38.10
C LYS B 103 11.63 19.65 -37.69
N ILE B 104 11.40 18.76 -38.65
CA ILE B 104 11.21 17.35 -38.31
C ILE B 104 12.05 16.36 -39.12
N LYS B 105 11.88 15.06 -38.81
CA LYS B 105 12.58 13.97 -39.49
C LYS B 105 11.55 12.93 -39.92
N ASP B 106 11.89 12.11 -40.92
CA ASP B 106 10.97 11.08 -41.39
C ASP B 106 11.34 9.71 -40.84
N ILE B 107 10.55 8.70 -41.20
CA ILE B 107 10.76 7.34 -40.74
C ILE B 107 12.21 6.86 -40.93
N TYR B 108 12.89 7.38 -41.95
CA TYR B 108 14.27 6.97 -42.21
C TYR B 108 15.32 7.85 -41.53
N GLY B 109 14.88 8.92 -40.89
CA GLY B 109 15.82 9.80 -40.22
C GLY B 109 16.23 11.01 -41.05
N LYS B 110 15.71 11.10 -42.27
CA LYS B 110 16.00 12.21 -43.17
C LYS B 110 15.29 13.46 -42.66
N ASP B 111 15.93 14.61 -42.81
CA ASP B 111 15.33 15.87 -42.37
C ASP B 111 14.28 16.36 -43.35
N ALA B 112 13.38 17.20 -42.86
CA ALA B 112 12.31 17.75 -43.67
C ALA B 112 11.58 18.82 -42.88
N LEU B 113 10.77 19.61 -43.56
CA LEU B 113 10.02 20.68 -42.91
C LEU B 113 8.53 20.40 -42.99
N LEU B 114 7.83 20.61 -41.88
CA LEU B 114 6.39 20.39 -41.82
C LEU B 114 5.71 21.17 -42.93
N HIS B 115 6.17 22.40 -43.12
CA HIS B 115 5.64 23.29 -44.14
C HIS B 115 5.41 22.57 -45.46
N GLU B 116 6.29 21.63 -45.79
CA GLU B 116 6.18 20.89 -47.03
C GLU B 116 6.04 19.40 -46.85
N HIS B 117 5.53 18.98 -45.69
CA HIS B 117 5.34 17.55 -45.43
C HIS B 117 3.85 17.21 -45.51
N TYR B 118 3.55 15.92 -45.48
CA TYR B 118 2.16 15.47 -45.58
C TYR B 118 1.50 14.88 -44.32
N VAL B 119 2.29 14.57 -43.29
CA VAL B 119 1.72 14.01 -42.07
C VAL B 119 2.35 14.50 -40.77
N TYR B 120 1.51 14.79 -39.78
CA TYR B 120 2.02 15.24 -38.49
C TYR B 120 1.09 14.91 -37.34
N ALA B 121 1.69 14.38 -36.27
CA ALA B 121 0.95 14.03 -35.07
C ALA B 121 1.31 15.04 -33.99
N LYS B 122 0.35 15.85 -33.58
CA LYS B 122 0.61 16.86 -32.55
C LYS B 122 0.41 16.33 -31.14
N GLU B 123 1.48 16.38 -30.35
CA GLU B 123 1.41 15.94 -28.96
C GLU B 123 0.55 16.96 -28.25
N GLY B 124 0.49 16.88 -26.93
CA GLY B 124 -0.33 17.82 -26.19
C GLY B 124 -1.55 17.05 -25.77
N TYR B 125 -2.29 17.53 -24.78
CA TYR B 125 -3.43 16.77 -24.35
C TYR B 125 -4.77 17.16 -24.97
N GLU B 126 -4.64 17.54 -26.24
CA GLU B 126 -5.75 17.90 -27.11
C GLU B 126 -5.07 17.60 -28.46
N PRO B 127 -4.57 16.36 -28.60
CA PRO B 127 -3.86 15.84 -29.77
C PRO B 127 -4.64 15.76 -31.09
N VAL B 128 -3.91 15.86 -32.19
CA VAL B 128 -4.52 15.80 -33.51
C VAL B 128 -3.57 15.14 -34.49
N LEU B 129 -4.13 14.49 -35.49
CA LEU B 129 -3.33 13.83 -36.52
C LEU B 129 -3.78 14.49 -37.82
N VAL B 130 -2.88 15.24 -38.44
CA VAL B 130 -3.19 15.92 -39.68
C VAL B 130 -2.56 15.20 -40.86
N ILE B 131 -3.41 14.75 -41.78
CA ILE B 131 -2.96 14.05 -42.97
C ILE B 131 -3.34 14.89 -44.19
N GLN B 132 -2.38 15.06 -45.10
CA GLN B 132 -2.62 15.83 -46.32
C GLN B 132 -3.37 14.95 -47.32
N SER B 133 -4.56 15.39 -47.73
CA SER B 133 -5.39 14.63 -48.67
C SER B 133 -4.59 14.20 -49.89
N SER B 134 -4.86 12.98 -50.36
CA SER B 134 -4.19 12.42 -51.54
C SER B 134 -4.56 10.95 -51.74
N GLU B 135 -4.31 10.45 -52.94
CA GLU B 135 -4.59 9.05 -53.28
C GLU B 135 -3.28 8.31 -53.49
N ASP B 136 -2.17 9.04 -53.39
CA ASP B 136 -0.83 8.47 -53.56
C ASP B 136 -0.58 7.35 -52.56
N TYR B 137 -1.29 7.39 -51.44
CA TYR B 137 -1.16 6.40 -50.38
C TYR B 137 -1.32 4.97 -50.85
N VAL B 138 -2.20 4.77 -51.83
CA VAL B 138 -2.43 3.43 -52.37
C VAL B 138 -1.15 2.91 -53.00
N GLU B 139 -0.53 3.73 -53.85
CA GLU B 139 0.71 3.34 -54.52
C GLU B 139 1.94 3.68 -53.68
N ASN B 140 2.17 4.96 -53.48
CA ASN B 140 3.32 5.44 -52.71
C ASN B 140 3.39 4.78 -51.34
N THR B 141 4.06 3.64 -51.27
CA THR B 141 4.19 2.92 -50.00
C THR B 141 5.14 3.63 -49.04
N GLU B 142 5.85 4.64 -49.53
CA GLU B 142 6.77 5.39 -48.69
C GLU B 142 6.01 6.45 -47.90
N LYS B 143 4.93 6.96 -48.49
CA LYS B 143 4.10 7.97 -47.82
C LYS B 143 3.24 7.26 -46.78
N ALA B 144 2.73 6.10 -47.15
CA ALA B 144 1.88 5.30 -46.26
C ALA B 144 2.70 4.88 -45.04
N LEU B 145 3.87 4.32 -45.30
CA LEU B 145 4.78 3.88 -44.26
C LEU B 145 4.98 4.99 -43.22
N ASN B 146 5.14 6.21 -43.71
CA ASN B 146 5.35 7.37 -42.83
C ASN B 146 4.11 7.75 -42.04
N VAL B 147 2.94 7.61 -42.64
CA VAL B 147 1.69 7.93 -41.96
C VAL B 147 1.50 6.97 -40.79
N TYR B 148 1.85 5.71 -41.02
CA TYR B 148 1.74 4.66 -40.00
C TYR B 148 2.81 4.87 -38.92
N TYR B 149 3.92 5.47 -39.31
CA TYR B 149 5.00 5.73 -38.37
C TYR B 149 4.49 6.78 -37.39
N GLU B 150 3.80 7.77 -37.92
CA GLU B 150 3.28 8.84 -37.09
C GLU B 150 2.17 8.28 -36.18
N ILE B 151 1.35 7.39 -36.72
CA ILE B 151 0.29 6.79 -35.92
C ILE B 151 0.97 5.95 -34.84
N GLY B 152 2.11 5.36 -35.17
CA GLY B 152 2.85 4.58 -34.21
C GLY B 152 3.35 5.46 -33.07
N LYS B 153 3.58 6.73 -33.36
CA LYS B 153 4.05 7.69 -32.36
C LYS B 153 2.87 8.01 -31.46
N ILE B 154 1.70 8.13 -32.06
CA ILE B 154 0.49 8.41 -31.32
C ILE B 154 0.29 7.32 -30.27
N LEU B 155 0.33 6.07 -30.73
CA LEU B 155 0.14 4.90 -29.89
C LEU B 155 1.15 4.83 -28.75
N SER B 156 2.42 4.92 -29.11
CA SER B 156 3.51 4.82 -28.14
C SER B 156 3.66 6.03 -27.20
N ARG B 157 3.52 7.23 -27.74
CA ARG B 157 3.70 8.46 -26.97
C ARG B 157 2.44 9.06 -26.34
N ASP B 158 1.35 9.13 -27.09
CA ASP B 158 0.13 9.73 -26.57
C ASP B 158 -0.87 8.78 -25.92
N ILE B 159 -0.87 7.51 -26.33
CA ILE B 159 -1.83 6.54 -25.80
C ILE B 159 -1.27 5.66 -24.68
N LEU B 160 -0.31 4.81 -25.01
CA LEU B 160 0.27 3.90 -24.04
C LEU B 160 0.93 4.54 -22.83
N SER B 161 1.40 5.78 -22.98
CA SER B 161 2.04 6.47 -21.87
C SER B 161 1.02 6.70 -20.75
N LYS B 162 -0.23 6.86 -21.12
CA LYS B 162 -1.32 7.05 -20.16
C LYS B 162 -1.54 5.80 -19.28
N ILE B 163 -0.91 4.68 -19.65
CA ILE B 163 -1.04 3.48 -18.84
C ILE B 163 0.33 2.88 -18.56
N ASN B 164 1.34 3.73 -18.50
CA ASN B 164 2.69 3.31 -18.19
C ASN B 164 3.31 2.30 -19.15
N GLN B 165 3.06 2.47 -20.44
CA GLN B 165 3.65 1.58 -21.44
C GLN B 165 4.23 2.42 -22.57
N PRO B 166 5.18 1.86 -23.32
CA PRO B 166 5.71 0.51 -23.17
C PRO B 166 6.55 0.40 -21.90
N TYR B 167 6.75 -0.83 -21.42
CA TYR B 167 7.53 -1.04 -20.22
C TYR B 167 8.48 -2.20 -20.37
N GLN B 168 8.69 -2.94 -19.28
CA GLN B 168 9.65 -4.05 -19.30
C GLN B 168 9.49 -5.03 -20.46
N LYS B 169 8.26 -5.34 -20.84
CA LYS B 169 8.03 -6.28 -21.93
C LYS B 169 8.71 -5.79 -23.21
N PHE B 170 8.39 -4.57 -23.62
CA PHE B 170 8.99 -4.03 -24.84
C PHE B 170 10.51 -3.93 -24.67
N LEU B 171 10.97 -3.55 -23.49
CA LEU B 171 12.41 -3.44 -23.25
C LEU B 171 13.12 -4.75 -23.55
N ASP B 172 12.52 -5.87 -23.13
CA ASP B 172 13.14 -7.17 -23.38
C ASP B 172 13.31 -7.39 -24.89
N VAL B 173 12.36 -6.88 -25.67
CA VAL B 173 12.41 -7.00 -27.11
C VAL B 173 13.58 -6.20 -27.65
N LEU B 174 13.75 -4.97 -27.14
CA LEU B 174 14.84 -4.11 -27.56
C LEU B 174 16.19 -4.72 -27.21
N ASN B 175 16.27 -5.34 -26.04
CA ASN B 175 17.52 -5.96 -25.62
C ASN B 175 17.81 -7.24 -26.39
N THR B 176 16.76 -7.93 -26.84
CA THR B 176 16.97 -9.15 -27.61
C THR B 176 17.60 -8.78 -28.95
N ILE B 177 17.20 -7.63 -29.49
CA ILE B 177 17.75 -7.17 -30.75
C ILE B 177 19.15 -6.65 -30.50
N LYS B 178 19.27 -5.76 -29.53
CA LYS B 178 20.56 -5.16 -29.18
C LYS B 178 21.64 -6.18 -28.89
N ASN B 179 21.24 -7.42 -28.58
CA ASN B 179 22.20 -8.47 -28.28
C ASN B 179 22.20 -9.58 -29.31
N ALA B 180 21.31 -9.48 -30.30
CA ALA B 180 21.22 -10.50 -31.33
C ALA B 180 22.55 -10.63 -32.09
N SER B 181 22.76 -11.79 -32.70
CA SER B 181 23.99 -12.04 -33.45
C SER B 181 23.96 -11.24 -34.76
N ASP B 182 22.94 -11.46 -35.57
CA ASP B 182 22.75 -10.76 -36.83
C ASP B 182 22.28 -9.33 -36.53
N SER B 183 23.19 -8.37 -36.62
CA SER B 183 22.85 -6.97 -36.33
C SER B 183 21.90 -6.32 -37.33
N ASP B 184 21.32 -7.12 -38.22
CA ASP B 184 20.39 -6.58 -39.20
C ASP B 184 19.17 -5.91 -38.54
N GLY B 185 18.76 -6.43 -37.40
CA GLY B 185 17.62 -5.87 -36.70
C GLY B 185 17.96 -4.53 -36.09
N GLN B 186 19.17 -4.44 -35.57
CA GLN B 186 19.65 -3.20 -34.94
C GLN B 186 19.69 -2.09 -36.00
N ASP B 187 20.26 -2.41 -37.15
CA ASP B 187 20.38 -1.46 -38.26
C ASP B 187 19.05 -1.00 -38.82
N LEU B 188 18.05 -1.86 -38.76
CA LEU B 188 16.72 -1.52 -39.28
C LEU B 188 15.87 -0.67 -38.35
N LEU B 189 16.13 -0.74 -37.04
CA LEU B 189 15.30 0.01 -36.08
C LEU B 189 16.01 0.92 -35.10
N PHE B 190 17.24 0.61 -34.74
CA PHE B 190 17.97 1.42 -33.77
C PHE B 190 18.67 2.65 -34.33
N THR B 191 18.62 3.74 -33.59
CA THR B 191 19.30 4.96 -33.99
C THR B 191 20.74 4.71 -33.56
N ASN B 192 21.63 5.67 -33.81
CA ASN B 192 23.01 5.47 -33.42
C ASN B 192 23.16 5.49 -31.90
N GLN B 193 22.36 6.31 -31.22
CA GLN B 193 22.44 6.37 -29.76
C GLN B 193 22.16 5.01 -29.14
N LEU B 194 21.06 4.38 -29.57
CA LEU B 194 20.69 3.09 -29.05
C LEU B 194 21.73 2.03 -29.38
N LYS B 195 22.14 2.00 -30.65
CA LYS B 195 23.14 1.05 -31.08
C LYS B 195 24.43 1.18 -30.29
N GLU B 196 24.66 2.36 -29.72
CA GLU B 196 25.88 2.60 -28.97
C GLU B 196 25.78 2.51 -27.45
N HIS B 197 24.59 2.20 -26.93
CA HIS B 197 24.44 2.08 -25.48
C HIS B 197 25.30 0.89 -25.03
N PRO B 198 26.21 1.13 -24.09
CA PRO B 198 27.12 0.11 -23.54
C PRO B 198 26.49 -1.11 -22.86
N THR B 199 25.28 -0.95 -22.34
CA THR B 199 24.60 -2.04 -21.66
C THR B 199 23.15 -2.21 -22.09
N ASP B 200 22.49 -3.22 -21.53
CA ASP B 200 21.09 -3.47 -21.83
C ASP B 200 20.29 -2.23 -21.45
N PHE B 201 19.11 -2.08 -22.03
CA PHE B 201 18.28 -0.93 -21.70
C PHE B 201 17.44 -1.30 -20.48
N SER B 202 17.62 -0.54 -19.39
CA SER B 202 16.86 -0.79 -18.17
C SER B 202 15.66 0.14 -18.14
N VAL B 203 14.80 -0.03 -17.14
CA VAL B 203 13.62 0.81 -17.00
C VAL B 203 14.08 2.24 -16.70
N GLU B 204 15.26 2.38 -16.10
CA GLU B 204 15.82 3.69 -15.80
C GLU B 204 16.05 4.41 -17.13
N PHE B 205 16.69 3.70 -18.07
CA PHE B 205 16.95 4.26 -19.38
C PHE B 205 15.64 4.70 -20.03
N LEU B 206 14.59 3.91 -19.84
CA LEU B 206 13.28 4.21 -20.41
C LEU B 206 12.70 5.52 -19.89
N GLU B 207 12.98 5.84 -18.62
CA GLU B 207 12.46 7.05 -18.02
C GLU B 207 13.11 8.34 -18.52
N GLN B 208 14.43 8.31 -18.74
CA GLN B 208 15.16 9.48 -19.19
C GLN B 208 15.33 9.60 -20.72
N ASN B 209 14.99 8.54 -21.45
CA ASN B 209 15.10 8.56 -22.92
C ASN B 209 13.82 7.96 -23.50
N SER B 210 12.68 8.46 -23.03
CA SER B 210 11.38 7.98 -23.47
C SER B 210 11.19 8.15 -24.97
N ASN B 211 11.58 9.31 -25.49
CA ASN B 211 11.41 9.57 -26.91
C ASN B 211 12.09 8.54 -27.79
N GLU B 212 13.27 8.07 -27.39
CA GLU B 212 14.01 7.07 -28.17
C GLU B 212 13.27 5.74 -28.20
N VAL B 213 12.77 5.31 -27.04
CA VAL B 213 12.04 4.05 -26.97
C VAL B 213 10.74 4.21 -27.75
N GLN B 214 10.10 5.35 -27.59
CA GLN B 214 8.86 5.60 -28.28
C GLN B 214 9.04 5.45 -29.79
N GLU B 215 10.12 6.00 -30.34
CA GLU B 215 10.32 5.92 -31.77
C GLU B 215 10.65 4.52 -32.28
N VAL B 216 11.47 3.78 -31.56
CA VAL B 216 11.77 2.42 -32.00
C VAL B 216 10.44 1.66 -32.11
N PHE B 217 9.54 1.94 -31.18
CA PHE B 217 8.23 1.30 -31.14
C PHE B 217 7.43 1.67 -32.40
N ALA B 218 7.35 2.97 -32.66
CA ALA B 218 6.63 3.47 -33.82
C ALA B 218 7.16 2.89 -35.13
N LYS B 219 8.49 2.82 -35.26
CA LYS B 219 9.08 2.27 -36.48
C LYS B 219 8.62 0.84 -36.69
N ALA B 220 8.84 -0.01 -35.67
CA ALA B 220 8.44 -1.42 -35.73
C ALA B 220 6.95 -1.53 -36.09
N PHE B 221 6.13 -0.73 -35.43
CA PHE B 221 4.69 -0.72 -35.68
C PHE B 221 4.43 -0.38 -37.15
N ALA B 222 5.12 0.65 -37.63
CA ALA B 222 4.98 1.09 -39.01
C ALA B 222 5.35 -0.03 -39.98
N TYR B 223 6.51 -0.63 -39.76
CA TYR B 223 6.95 -1.71 -40.62
C TYR B 223 6.01 -2.91 -40.60
N TYR B 224 5.33 -3.11 -39.48
CA TYR B 224 4.41 -4.25 -39.37
C TYR B 224 3.08 -3.95 -40.08
N ILE B 225 2.56 -2.75 -39.88
CA ILE B 225 1.30 -2.36 -40.47
C ILE B 225 1.36 -2.24 -42.00
N GLU B 226 2.45 -1.71 -42.52
CA GLU B 226 2.61 -1.55 -43.97
C GLU B 226 2.86 -2.93 -44.57
N PRO B 227 1.87 -3.46 -45.31
CA PRO B 227 1.91 -4.77 -45.96
C PRO B 227 3.25 -5.21 -46.55
N GLN B 228 3.84 -4.36 -47.38
CA GLN B 228 5.10 -4.66 -48.03
C GLN B 228 6.30 -4.80 -47.10
N HIS B 229 6.38 -3.93 -46.10
CA HIS B 229 7.51 -3.95 -45.17
C HIS B 229 7.42 -5.01 -44.07
N ARG B 230 6.25 -5.58 -43.85
CA ARG B 230 6.09 -6.58 -42.80
C ARG B 230 7.11 -7.70 -42.91
N ASP B 231 7.34 -8.19 -44.12
CA ASP B 231 8.29 -9.27 -44.35
C ASP B 231 9.71 -8.79 -44.06
N VAL B 232 9.95 -7.51 -44.30
CA VAL B 232 11.25 -6.94 -44.05
C VAL B 232 11.50 -6.95 -42.54
N LEU B 233 10.43 -6.72 -41.78
CA LEU B 233 10.50 -6.70 -40.31
C LEU B 233 10.75 -8.11 -39.78
N GLN B 234 9.94 -9.06 -40.23
CA GLN B 234 10.07 -10.45 -39.81
C GLN B 234 11.39 -11.06 -40.26
N LEU B 235 11.98 -10.48 -41.30
CA LEU B 235 13.23 -10.98 -41.87
C LEU B 235 14.47 -10.50 -41.12
N TYR B 236 14.45 -9.26 -40.66
CA TYR B 236 15.62 -8.71 -39.97
C TYR B 236 15.40 -8.38 -38.50
N ALA B 237 14.14 -8.29 -38.09
CA ALA B 237 13.81 -8.00 -36.69
C ALA B 237 12.72 -8.96 -36.22
N PRO B 238 13.01 -10.27 -36.24
CA PRO B 238 12.08 -11.32 -35.82
C PRO B 238 11.35 -11.02 -34.51
N GLU B 239 12.11 -10.71 -33.47
CA GLU B 239 11.51 -10.41 -32.17
C GLU B 239 10.59 -9.21 -32.20
N ALA B 240 10.91 -8.22 -33.04
CA ALA B 240 10.08 -7.03 -33.14
C ALA B 240 8.80 -7.42 -33.88
N PHE B 241 8.95 -8.29 -34.87
CA PHE B 241 7.80 -8.75 -35.64
C PHE B 241 6.86 -9.56 -34.74
N ASN B 242 7.44 -10.47 -33.95
CA ASN B 242 6.66 -11.32 -33.05
C ASN B 242 5.90 -10.44 -32.05
N TYR B 243 6.61 -9.47 -31.49
CA TYR B 243 6.00 -8.58 -30.53
C TYR B 243 4.84 -7.81 -31.15
N MET B 244 5.05 -7.23 -32.33
CA MET B 244 3.99 -6.47 -32.97
C MET B 244 2.84 -7.34 -33.49
N ASP B 245 3.16 -8.54 -33.94
CA ASP B 245 2.14 -9.45 -34.44
C ASP B 245 1.16 -9.80 -33.32
N LYS B 246 1.70 -10.25 -32.20
CA LYS B 246 0.88 -10.64 -31.06
C LYS B 246 0.19 -9.44 -30.43
N PHE B 247 0.86 -8.29 -30.45
CA PHE B 247 0.29 -7.08 -29.87
C PHE B 247 -0.94 -6.59 -30.63
N ASN B 248 -0.82 -6.52 -31.95
CA ASN B 248 -1.91 -6.03 -32.78
C ASN B 248 -3.05 -7.02 -32.96
N GLU B 249 -2.73 -8.31 -33.05
CA GLU B 249 -3.75 -9.32 -33.26
C GLU B 249 -4.48 -9.71 -31.99
N GLN B 250 -3.84 -9.53 -30.84
CA GLN B 250 -4.44 -9.90 -29.57
C GLN B 250 -4.40 -8.82 -28.51
N GLU B 251 -3.29 -8.82 -27.78
CA GLU B 251 -3.03 -7.93 -26.66
C GLU B 251 -3.47 -6.47 -26.72
N ILE B 252 -3.67 -5.91 -27.91
CA ILE B 252 -4.07 -4.51 -27.96
C ILE B 252 -5.45 -4.25 -27.40
N ASN B 253 -6.29 -5.29 -27.31
CA ASN B 253 -7.62 -5.08 -26.77
C ASN B 253 -7.48 -4.84 -25.26
N LEU B 254 -6.45 -5.44 -24.67
CA LEU B 254 -6.17 -5.27 -23.25
C LEU B 254 -5.74 -3.82 -22.97
N SER B 255 -4.97 -3.23 -23.88
CA SER B 255 -4.51 -1.84 -23.73
C SER B 255 -5.73 -0.94 -23.65
N LEU B 256 -6.67 -1.17 -24.56
CA LEU B 256 -7.91 -0.39 -24.60
C LEU B 256 -8.64 -0.57 -23.28
N GLU B 257 -8.76 -1.82 -22.84
CA GLU B 257 -9.45 -2.10 -21.57
C GLU B 257 -8.77 -1.37 -20.42
N GLU B 258 -7.45 -1.43 -20.37
CA GLU B 258 -6.71 -0.75 -19.31
C GLU B 258 -6.88 0.77 -19.44
N LEU B 259 -6.95 1.29 -20.66
CA LEU B 259 -7.13 2.73 -20.82
C LEU B 259 -8.48 3.13 -20.23
N LYS B 260 -9.52 2.35 -20.53
CA LYS B 260 -10.86 2.61 -20.01
C LYS B 260 -10.91 2.54 -18.49
N ASP B 261 -10.12 1.63 -17.94
CA ASP B 261 -10.06 1.44 -16.48
C ASP B 261 -9.48 2.64 -15.73
N GLN B 262 -8.92 3.62 -16.46
CA GLN B 262 -8.35 4.80 -15.83
C GLN B 262 -9.33 5.97 -15.84
N ARG B 263 -10.49 5.78 -16.47
CA ARG B 263 -11.45 6.86 -16.57
C ARG B 263 -12.56 6.79 -15.53
N MET B 264 -12.76 7.91 -14.84
CA MET B 264 -13.78 7.98 -13.81
C MET B 264 -15.17 7.58 -14.29
N LEU B 265 -15.59 8.12 -15.42
CA LEU B 265 -16.91 7.85 -15.96
C LEU B 265 -17.10 6.45 -16.57
N SER B 266 -16.03 5.83 -17.05
CA SER B 266 -16.15 4.49 -17.61
C SER B 266 -16.18 3.44 -16.50
N ARG B 267 -15.50 3.74 -15.40
CA ARG B 267 -15.46 2.82 -14.26
C ARG B 267 -16.85 2.82 -13.64
N TYR B 268 -17.44 4.01 -13.55
CA TYR B 268 -18.76 4.16 -12.99
C TYR B 268 -19.86 3.53 -13.86
N GLU B 269 -19.74 3.69 -15.18
CA GLU B 269 -20.72 3.13 -16.09
C GLU B 269 -20.69 1.60 -16.03
N LYS B 270 -19.49 1.03 -16.02
CA LYS B 270 -19.33 -0.42 -15.97
C LYS B 270 -19.93 -0.99 -14.68
N TRP B 271 -19.68 -0.30 -13.57
CA TRP B 271 -20.18 -0.72 -12.27
C TRP B 271 -21.71 -0.70 -12.27
N GLU B 272 -22.28 0.36 -12.83
CA GLU B 272 -23.74 0.52 -12.88
C GLU B 272 -24.44 -0.58 -13.70
N LYS B 273 -23.83 -0.99 -14.82
CA LYS B 273 -24.41 -2.01 -15.67
C LYS B 273 -24.36 -3.42 -15.07
N ILE B 274 -23.30 -3.72 -14.32
CA ILE B 274 -23.18 -5.03 -13.69
C ILE B 274 -24.17 -5.10 -12.54
N LYS B 275 -24.29 -4.00 -11.81
CA LYS B 275 -25.23 -3.93 -10.69
C LYS B 275 -26.66 -4.11 -11.18
N GLN B 276 -26.98 -3.43 -12.26
CA GLN B 276 -28.30 -3.50 -12.86
C GLN B 276 -28.61 -4.92 -13.35
N HIS B 277 -27.59 -5.60 -13.85
CA HIS B 277 -27.75 -6.95 -14.37
C HIS B 277 -28.10 -7.92 -13.25
N TYR B 278 -27.57 -7.67 -12.06
CA TYR B 278 -27.83 -8.52 -10.90
C TYR B 278 -28.87 -7.91 -10.00
N GLN B 279 -29.58 -6.91 -10.50
CA GLN B 279 -30.59 -6.24 -9.71
C GLN B 279 -31.70 -7.17 -9.22
N HIS B 280 -32.24 -7.98 -10.13
CA HIS B 280 -33.30 -8.90 -9.74
C HIS B 280 -32.76 -9.90 -8.71
N TRP B 281 -31.56 -10.42 -8.97
CA TRP B 281 -30.93 -11.37 -8.06
C TRP B 281 -30.73 -10.75 -6.68
N SER B 282 -30.27 -9.49 -6.65
CA SER B 282 -30.03 -8.80 -5.38
C SER B 282 -31.30 -8.58 -4.57
N ASP B 283 -32.38 -8.24 -5.26
CA ASP B 283 -33.66 -8.00 -4.58
C ASP B 283 -34.33 -9.30 -4.12
N SER B 284 -33.94 -10.42 -4.70
CA SER B 284 -34.55 -11.69 -4.33
C SER B 284 -33.83 -12.38 -3.19
N LEU B 285 -32.73 -11.78 -2.72
CA LEU B 285 -31.97 -12.36 -1.63
C LEU B 285 -32.71 -12.28 -0.31
N SER B 286 -32.73 -13.39 0.43
CA SER B 286 -33.38 -13.47 1.72
C SER B 286 -32.39 -12.98 2.79
N GLU B 287 -32.86 -12.86 4.02
CA GLU B 287 -32.01 -12.42 5.12
C GLU B 287 -30.92 -13.46 5.34
N GLU B 288 -31.27 -14.72 5.11
CA GLU B 288 -30.32 -15.81 5.28
C GLU B 288 -29.24 -15.74 4.20
N GLY B 289 -29.67 -15.45 2.97
CA GLY B 289 -28.73 -15.36 1.86
C GLY B 289 -27.70 -14.28 2.10
N ARG B 290 -28.18 -13.07 2.41
CA ARG B 290 -27.32 -11.94 2.68
C ARG B 290 -26.33 -12.30 3.79
N GLY B 291 -26.83 -12.95 4.83
CA GLY B 291 -25.99 -13.34 5.96
C GLY B 291 -24.87 -14.28 5.55
N LEU B 292 -25.16 -15.16 4.58
CA LEU B 292 -24.17 -16.11 4.10
C LEU B 292 -23.04 -15.40 3.36
N LEU B 293 -23.38 -14.41 2.55
CA LEU B 293 -22.36 -13.68 1.80
C LEU B 293 -21.49 -12.84 2.71
N LYS B 294 -22.09 -12.31 3.77
CA LYS B 294 -21.36 -11.50 4.73
C LYS B 294 -20.34 -12.33 5.53
N LYS B 295 -20.75 -13.49 6.04
CA LYS B 295 -19.81 -14.31 6.81
C LYS B 295 -18.73 -14.89 5.91
N LEU B 296 -19.03 -14.99 4.62
CA LEU B 296 -18.06 -15.50 3.67
C LEU B 296 -16.96 -14.45 3.51
N GLN B 297 -17.37 -13.19 3.50
CA GLN B 297 -16.46 -12.06 3.38
C GLN B 297 -15.75 -11.75 4.70
N ILE B 298 -16.45 -11.98 5.81
CA ILE B 298 -15.88 -11.69 7.13
C ILE B 298 -15.86 -12.90 8.06
N PRO B 299 -14.75 -13.64 8.10
CA PRO B 299 -14.62 -14.81 8.97
C PRO B 299 -15.05 -14.53 10.41
N ILE B 300 -15.53 -15.56 11.11
CA ILE B 300 -15.97 -15.41 12.50
C ILE B 300 -14.89 -15.81 13.49
N GLU B 301 -14.38 -14.85 14.26
CA GLU B 301 -13.37 -15.15 15.25
C GLU B 301 -14.00 -15.94 16.40
N PRO B 302 -13.22 -16.78 17.09
CA PRO B 302 -13.75 -17.55 18.20
C PRO B 302 -13.98 -16.64 19.41
N LYS B 303 -15.10 -16.81 20.09
CA LYS B 303 -15.35 -15.99 21.26
C LYS B 303 -14.77 -16.61 22.52
N LYS B 304 -13.97 -15.81 23.22
CA LYS B 304 -13.31 -16.22 24.45
C LYS B 304 -14.18 -17.07 25.37
N ASP B 305 -15.38 -16.57 25.68
CA ASP B 305 -16.29 -17.29 26.55
C ASP B 305 -16.70 -18.68 26.03
N ASP B 306 -17.16 -18.75 24.79
CA ASP B 306 -17.59 -20.03 24.21
C ASP B 306 -16.52 -21.12 24.34
N ILE B 307 -15.26 -20.73 24.24
CA ILE B 307 -14.18 -21.70 24.34
C ILE B 307 -14.03 -22.19 25.78
N ILE B 308 -14.13 -21.25 26.72
CA ILE B 308 -14.00 -21.58 28.13
C ILE B 308 -15.09 -22.55 28.62
N HIS B 309 -16.36 -22.22 28.37
CA HIS B 309 -17.45 -23.08 28.80
C HIS B 309 -17.36 -24.48 28.20
N SER B 310 -16.65 -24.62 27.09
CA SER B 310 -16.53 -25.93 26.45
C SER B 310 -15.45 -26.77 27.11
N LEU B 311 -14.69 -26.16 28.00
CA LEU B 311 -13.62 -26.87 28.68
C LEU B 311 -14.09 -27.57 29.95
N SER B 312 -13.44 -28.69 30.27
CA SER B 312 -13.76 -29.44 31.46
C SER B 312 -12.89 -28.89 32.60
N GLN B 313 -13.30 -29.10 33.84
CA GLN B 313 -12.54 -28.60 34.99
C GLN B 313 -11.07 -28.97 34.89
N GLU B 314 -10.79 -30.18 34.42
CA GLU B 314 -9.41 -30.63 34.28
C GLU B 314 -8.67 -29.82 33.21
N GLU B 315 -9.39 -29.42 32.16
CA GLU B 315 -8.79 -28.66 31.08
C GLU B 315 -8.57 -27.21 31.48
N LYS B 316 -9.49 -26.68 32.29
CA LYS B 316 -9.36 -25.29 32.75
C LYS B 316 -8.11 -25.18 33.62
N GLU B 317 -7.87 -26.19 34.43
CA GLU B 317 -6.72 -26.22 35.31
C GLU B 317 -5.44 -26.37 34.50
N LEU B 318 -5.50 -27.21 33.48
CA LEU B 318 -4.36 -27.47 32.62
C LEU B 318 -4.03 -26.18 31.85
N LEU B 319 -5.07 -25.46 31.44
CA LEU B 319 -4.88 -24.23 30.70
C LEU B 319 -4.26 -23.10 31.53
N LYS B 320 -4.89 -22.78 32.65
CA LYS B 320 -4.41 -21.70 33.52
C LYS B 320 -3.01 -21.92 34.09
N ARG B 321 -2.41 -23.08 33.85
CA ARG B 321 -1.07 -23.34 34.37
C ARG B 321 -0.08 -23.77 33.30
N ILE B 322 -0.52 -23.72 32.05
CA ILE B 322 0.32 -24.14 30.93
C ILE B 322 1.18 -22.99 30.37
N GLN B 323 2.43 -23.31 30.03
CA GLN B 323 3.35 -22.34 29.47
C GLN B 323 3.07 -22.20 27.98
N ILE B 324 2.16 -21.31 27.62
CA ILE B 324 1.78 -21.12 26.23
C ILE B 324 2.95 -20.78 25.30
N ASP B 325 3.69 -19.72 25.64
CA ASP B 325 4.82 -19.28 24.82
C ASP B 325 5.99 -20.26 24.83
N SER B 326 5.68 -21.56 24.79
CA SER B 326 6.73 -22.57 24.80
C SER B 326 6.44 -23.66 23.78
N SER B 327 5.28 -23.55 23.13
CA SER B 327 4.88 -24.52 22.12
C SER B 327 5.34 -24.08 20.74
N ASP B 328 5.52 -25.05 19.86
CA ASP B 328 5.96 -24.75 18.50
C ASP B 328 4.83 -25.10 17.54
N PHE B 329 3.73 -25.57 18.10
CA PHE B 329 2.57 -25.96 17.32
C PHE B 329 1.58 -24.80 17.22
N LEU B 330 1.84 -23.75 17.99
CA LEU B 330 0.96 -22.57 18.00
C LEU B 330 1.60 -21.35 17.38
N SER B 331 0.81 -20.59 16.63
CA SER B 331 1.29 -19.38 15.99
C SER B 331 1.16 -18.25 17.00
N THR B 332 1.56 -17.05 16.60
CA THR B 332 1.49 -15.90 17.49
C THR B 332 0.06 -15.50 17.85
N GLU B 333 -0.82 -15.48 16.86
CA GLU B 333 -2.21 -15.12 17.08
C GLU B 333 -2.85 -16.07 18.10
N GLU B 334 -2.65 -17.36 17.85
CA GLU B 334 -3.17 -18.41 18.69
C GLU B 334 -2.64 -18.26 20.12
N LYS B 335 -1.32 -18.15 20.24
CA LYS B 335 -0.70 -17.98 21.56
C LYS B 335 -1.29 -16.78 22.28
N GLU B 336 -1.50 -15.68 21.55
CA GLU B 336 -2.08 -14.48 22.14
C GLU B 336 -3.52 -14.74 22.56
N PHE B 337 -4.26 -15.48 21.75
CA PHE B 337 -5.65 -15.80 22.06
C PHE B 337 -5.73 -16.66 23.32
N LEU B 338 -4.88 -17.68 23.38
CA LEU B 338 -4.87 -18.58 24.53
C LEU B 338 -4.47 -17.83 25.79
N LYS B 339 -3.40 -17.03 25.71
CA LYS B 339 -2.94 -16.26 26.86
C LYS B 339 -4.03 -15.34 27.41
N LYS B 340 -5.00 -14.97 26.58
CA LYS B 340 -6.09 -14.12 27.03
C LYS B 340 -7.12 -14.96 27.77
N LEU B 341 -7.34 -16.19 27.30
CA LEU B 341 -8.28 -17.10 27.95
C LEU B 341 -7.69 -17.45 29.29
N GLN B 342 -6.38 -17.66 29.29
CA GLN B 342 -5.63 -18.01 30.49
C GLN B 342 -5.88 -16.97 31.59
N ILE B 343 -6.09 -15.72 31.18
CA ILE B 343 -6.34 -14.63 32.12
C ILE B 343 -7.77 -14.68 32.68
N ASP B 344 -8.74 -14.88 31.80
CA ASP B 344 -10.14 -14.95 32.20
C ASP B 344 -10.38 -16.03 33.24
N ILE B 345 -9.58 -17.10 33.18
CA ILE B 345 -9.70 -18.19 34.14
C ILE B 345 -9.10 -17.76 35.48
N ARG B 346 -7.99 -17.05 35.41
CA ARG B 346 -7.27 -16.56 36.58
C ARG B 346 -8.06 -15.49 37.33
N ASP B 347 -8.87 -14.72 36.61
CA ASP B 347 -9.67 -13.66 37.22
C ASP B 347 -11.02 -14.14 37.76
N SER B 348 -11.09 -15.43 38.07
CA SER B 348 -12.33 -16.01 38.61
C SER B 348 -12.06 -17.35 39.30
N ASP B 363 20.16 -26.35 33.23
CA ASP B 363 18.93 -25.68 32.83
C ASP B 363 17.84 -26.69 32.47
N SER B 364 16.65 -26.51 33.03
CA SER B 364 15.53 -27.41 32.77
C SER B 364 14.20 -26.67 32.89
N SER B 365 13.11 -27.42 32.90
CA SER B 365 11.76 -26.85 33.01
C SER B 365 11.49 -25.84 31.90
N ASN B 366 11.18 -26.36 30.71
CA ASN B 366 10.87 -25.51 29.56
C ASN B 366 9.91 -26.19 28.59
N PRO B 367 10.10 -27.49 28.33
CA PRO B 367 9.20 -28.19 27.40
C PRO B 367 7.81 -28.45 28.00
N LEU B 368 6.83 -28.54 27.12
CA LEU B 368 5.46 -28.79 27.53
C LEU B 368 5.39 -30.16 28.20
N SER B 369 4.46 -30.34 29.13
CA SER B 369 4.31 -31.60 29.83
C SER B 369 3.74 -32.71 28.94
N GLU B 370 3.63 -33.90 29.50
CA GLU B 370 3.14 -35.06 28.78
C GLU B 370 1.83 -34.80 28.01
N LYS B 371 0.80 -34.36 28.73
CA LYS B 371 -0.50 -34.11 28.12
C LYS B 371 -0.75 -32.66 27.74
N GLU B 372 0.15 -31.76 28.11
CA GLU B 372 -0.02 -30.34 27.76
C GLU B 372 0.09 -30.18 26.25
N LYS B 373 0.91 -31.03 25.64
CA LYS B 373 1.12 -31.00 24.20
C LYS B 373 -0.14 -31.49 23.51
N GLU B 374 -0.73 -32.57 24.01
CA GLU B 374 -1.94 -33.10 23.40
C GLU B 374 -3.09 -32.11 23.57
N PHE B 375 -3.16 -31.50 24.74
CA PHE B 375 -4.21 -30.53 25.04
C PHE B 375 -4.16 -29.33 24.10
N LEU B 376 -2.96 -28.83 23.83
CA LEU B 376 -2.81 -27.69 22.94
C LEU B 376 -3.20 -28.03 21.50
N LYS B 377 -2.85 -29.24 21.05
CA LYS B 377 -3.20 -29.65 19.71
C LYS B 377 -4.72 -29.62 19.55
N LYS B 378 -5.40 -30.25 20.52
CA LYS B 378 -6.85 -30.32 20.53
C LYS B 378 -7.46 -28.92 20.63
N LEU B 379 -6.83 -28.04 21.39
CA LEU B 379 -7.32 -26.67 21.54
C LEU B 379 -7.16 -25.90 20.23
N LYS B 380 -6.07 -26.17 19.52
CA LYS B 380 -5.75 -25.51 18.26
C LYS B 380 -6.92 -25.60 17.28
N LEU B 381 -7.51 -26.79 17.14
CA LEU B 381 -8.61 -26.98 16.22
C LEU B 381 -9.84 -26.16 16.60
N ASP B 382 -10.06 -25.94 17.89
CA ASP B 382 -11.23 -25.19 18.34
C ASP B 382 -11.12 -23.68 18.22
N ILE B 383 -9.90 -23.16 18.15
CA ILE B 383 -9.71 -21.72 18.06
C ILE B 383 -9.56 -21.13 16.65
N GLN B 384 -9.60 -21.97 15.62
CA GLN B 384 -9.48 -21.45 14.25
C GLN B 384 -10.74 -20.67 13.91
N PRO B 385 -10.58 -19.59 13.12
CA PRO B 385 -11.75 -18.79 12.74
C PRO B 385 -12.66 -19.60 11.81
N TYR B 386 -13.96 -19.30 11.82
CA TYR B 386 -14.89 -19.99 10.93
C TYR B 386 -14.78 -19.25 9.60
N ASP B 387 -13.97 -19.81 8.70
CA ASP B 387 -13.68 -19.19 7.40
C ASP B 387 -14.05 -20.08 6.20
N ILE B 388 -15.22 -19.86 5.62
CA ILE B 388 -15.69 -20.66 4.50
C ILE B 388 -14.62 -20.83 3.40
N ASN B 389 -14.18 -19.70 2.83
CA ASN B 389 -13.19 -19.72 1.78
C ASN B 389 -11.89 -20.44 2.16
N GLN B 390 -11.43 -20.24 3.39
CA GLN B 390 -10.19 -20.91 3.81
C GLN B 390 -10.40 -22.41 3.87
N ARG B 391 -11.61 -22.83 4.22
CA ARG B 391 -11.93 -24.26 4.30
C ARG B 391 -11.85 -24.88 2.91
N LEU B 392 -12.39 -24.18 1.92
CA LEU B 392 -12.35 -24.69 0.55
C LEU B 392 -10.92 -24.79 0.03
N GLN B 393 -10.12 -23.76 0.31
CA GLN B 393 -8.74 -23.72 -0.15
C GLN B 393 -7.88 -24.80 0.50
N ASP B 394 -8.03 -24.98 1.81
CA ASP B 394 -7.25 -26.01 2.51
C ASP B 394 -7.64 -27.42 2.07
N THR B 395 -8.89 -27.62 1.70
CA THR B 395 -9.31 -28.95 1.28
C THR B 395 -9.30 -29.15 -0.22
N GLY B 396 -9.19 -28.05 -0.96
CA GLY B 396 -9.19 -28.15 -2.40
C GLY B 396 -10.57 -28.57 -2.88
N GLY B 397 -11.60 -28.23 -2.11
CA GLY B 397 -12.95 -28.60 -2.48
C GLY B 397 -13.44 -29.91 -1.87
N LEU B 398 -12.56 -30.69 -1.27
CA LEU B 398 -12.97 -31.96 -0.65
C LEU B 398 -13.56 -31.63 0.72
N ILE B 399 -14.76 -31.08 0.72
CA ILE B 399 -15.40 -30.66 1.96
C ILE B 399 -15.74 -31.73 3.00
N ASP B 400 -15.71 -33.00 2.60
CA ASP B 400 -15.99 -34.08 3.54
C ASP B 400 -14.71 -34.54 4.23
N SER B 401 -13.59 -33.90 3.90
CA SER B 401 -12.30 -34.26 4.48
C SER B 401 -12.36 -34.19 6.01
N PRO B 402 -12.08 -35.32 6.69
CA PRO B 402 -12.11 -35.41 8.16
C PRO B 402 -10.96 -34.75 8.91
N SER B 403 -10.57 -33.54 8.49
CA SER B 403 -9.46 -32.84 9.12
C SER B 403 -9.91 -31.94 10.28
N ILE B 404 -11.22 -31.72 10.37
CA ILE B 404 -11.80 -30.91 11.43
C ILE B 404 -12.93 -31.70 12.08
N ASN B 405 -13.44 -31.22 13.21
CA ASN B 405 -14.51 -31.90 13.92
C ASN B 405 -15.80 -31.99 13.11
N LEU B 406 -16.42 -33.16 13.16
CA LEU B 406 -17.66 -33.46 12.45
C LEU B 406 -18.70 -32.35 12.47
N ASP B 407 -18.92 -31.73 13.63
CA ASP B 407 -19.90 -30.67 13.73
C ASP B 407 -19.54 -29.45 12.85
N VAL B 408 -18.29 -29.01 12.92
CA VAL B 408 -17.84 -27.86 12.13
C VAL B 408 -17.83 -28.24 10.66
N ARG B 409 -17.41 -29.47 10.38
CA ARG B 409 -17.35 -29.96 9.02
C ARG B 409 -18.73 -29.89 8.37
N LYS B 410 -19.76 -30.29 9.12
CA LYS B 410 -21.13 -30.28 8.62
C LYS B 410 -21.66 -28.87 8.42
N GLN B 411 -21.30 -27.95 9.29
CA GLN B 411 -21.79 -26.59 9.11
C GLN B 411 -21.14 -25.95 7.89
N TYR B 412 -19.85 -26.21 7.66
CA TYR B 412 -19.15 -25.68 6.49
C TYR B 412 -19.83 -26.21 5.24
N LYS B 413 -20.10 -27.51 5.22
CA LYS B 413 -20.75 -28.15 4.08
C LYS B 413 -22.11 -27.52 3.78
N ARG B 414 -22.89 -27.26 4.84
CA ARG B 414 -24.21 -26.67 4.68
C ARG B 414 -24.13 -25.30 4.01
N ASP B 415 -23.27 -24.41 4.53
CA ASP B 415 -23.12 -23.07 3.98
C ASP B 415 -22.63 -23.10 2.53
N ILE B 416 -21.66 -23.98 2.26
CA ILE B 416 -21.10 -24.10 0.92
C ILE B 416 -22.21 -24.43 -0.07
N GLN B 417 -22.94 -25.50 0.19
CA GLN B 417 -24.00 -25.89 -0.72
C GLN B 417 -25.06 -24.81 -0.85
N ASN B 418 -25.32 -24.07 0.23
CA ASN B 418 -26.30 -22.99 0.17
C ASN B 418 -25.76 -21.80 -0.64
N ILE B 419 -24.45 -21.55 -0.55
CA ILE B 419 -23.86 -20.45 -1.31
C ILE B 419 -23.87 -20.80 -2.79
N ASP B 420 -23.55 -22.05 -3.10
CA ASP B 420 -23.57 -22.53 -4.48
C ASP B 420 -24.94 -22.31 -5.13
N ALA B 421 -26.00 -22.65 -4.41
CA ALA B 421 -27.36 -22.48 -4.96
C ALA B 421 -27.70 -21.01 -5.12
N LEU B 422 -27.10 -20.19 -4.27
CA LEU B 422 -27.32 -18.75 -4.30
C LEU B 422 -26.67 -18.13 -5.54
N LEU B 423 -25.50 -18.64 -5.92
CA LEU B 423 -24.80 -18.11 -7.08
C LEU B 423 -25.15 -18.89 -8.34
N HIS B 424 -26.34 -18.62 -8.88
CA HIS B 424 -26.81 -19.32 -10.08
C HIS B 424 -26.88 -18.43 -11.32
N GLN B 425 -26.76 -17.12 -11.13
CA GLN B 425 -26.83 -16.16 -12.24
C GLN B 425 -25.49 -15.97 -12.97
N SER B 426 -25.42 -16.46 -14.21
CA SER B 426 -24.20 -16.31 -15.01
C SER B 426 -23.98 -14.85 -15.38
N ILE B 427 -22.72 -14.49 -15.62
CA ILE B 427 -22.38 -13.11 -15.95
C ILE B 427 -22.88 -12.66 -17.31
N GLY B 428 -23.03 -13.62 -18.24
CA GLY B 428 -23.50 -13.29 -19.57
C GLY B 428 -24.52 -12.17 -19.55
N SER B 429 -24.44 -11.27 -20.52
CA SER B 429 -25.36 -10.15 -20.59
C SER B 429 -25.38 -9.50 -21.96
N THR B 430 -26.36 -8.64 -22.19
CA THR B 430 -26.49 -7.92 -23.44
C THR B 430 -26.00 -6.49 -23.20
N LEU B 431 -24.97 -6.36 -22.37
CA LEU B 431 -24.41 -5.06 -22.05
C LEU B 431 -22.90 -5.00 -22.21
N TYR B 432 -22.25 -6.16 -22.38
CA TYR B 432 -20.80 -6.18 -22.54
C TYR B 432 -20.24 -7.29 -23.45
N ASN B 433 -19.34 -6.89 -24.34
CA ASN B 433 -18.70 -7.82 -25.28
C ASN B 433 -17.83 -8.84 -24.53
N LYS B 434 -16.90 -8.32 -23.73
CA LYS B 434 -16.00 -9.15 -22.92
C LYS B 434 -15.93 -8.52 -21.53
N ILE B 435 -15.90 -9.36 -20.51
CA ILE B 435 -15.85 -8.88 -19.14
C ILE B 435 -14.54 -9.20 -18.46
N TYR B 436 -13.88 -8.18 -17.95
CA TYR B 436 -12.64 -8.39 -17.22
C TYR B 436 -12.87 -7.94 -15.78
N LEU B 437 -12.38 -8.73 -14.83
CA LEU B 437 -12.52 -8.42 -13.41
C LEU B 437 -11.11 -8.50 -12.84
N TYR B 438 -10.87 -7.83 -11.71
CA TYR B 438 -9.51 -7.78 -11.15
C TYR B 438 -9.30 -8.37 -9.77
N GLU B 439 -8.04 -8.74 -9.48
CA GLU B 439 -7.71 -9.29 -8.17
C GLU B 439 -6.28 -9.04 -7.73
N ASN B 440 -6.12 -8.26 -6.66
CA ASN B 440 -4.81 -7.99 -6.08
C ASN B 440 -4.51 -9.22 -5.23
N MET B 441 -3.32 -9.79 -5.35
CA MET B 441 -2.97 -10.99 -4.59
C MET B 441 -1.56 -11.02 -4.01
N ASN B 442 -1.43 -11.60 -2.82
CA ASN B 442 -0.15 -11.76 -2.12
C ASN B 442 0.54 -12.95 -2.78
N ILE B 443 1.76 -12.75 -3.29
CA ILE B 443 2.47 -13.86 -3.92
C ILE B 443 2.68 -15.05 -2.98
N ASN B 444 2.69 -14.79 -1.67
CA ASN B 444 2.89 -15.85 -0.70
C ASN B 444 1.80 -16.95 -0.76
N ASN B 445 0.60 -16.61 -1.22
CA ASN B 445 -0.47 -17.59 -1.35
C ASN B 445 -0.06 -18.67 -2.37
N LEU B 446 0.73 -18.25 -3.36
CA LEU B 446 1.21 -19.10 -4.44
C LEU B 446 2.55 -19.76 -4.13
N THR B 447 3.52 -18.96 -3.69
CA THR B 447 4.84 -19.48 -3.38
C THR B 447 5.53 -18.54 -2.39
N ALA B 448 5.49 -18.91 -1.13
CA ALA B 448 6.12 -18.09 -0.09
C ALA B 448 7.63 -18.15 -0.27
N THR B 449 8.11 -19.17 -0.96
CA THR B 449 9.55 -19.33 -1.20
C THR B 449 10.10 -18.26 -2.12
N LEU B 450 9.33 -17.87 -3.12
CA LEU B 450 9.78 -16.83 -4.03
C LEU B 450 9.32 -15.49 -3.47
N GLY B 451 8.26 -15.52 -2.68
CA GLY B 451 7.74 -14.31 -2.10
C GLY B 451 8.74 -13.60 -1.19
N ALA B 452 9.66 -14.36 -0.61
CA ALA B 452 10.66 -13.80 0.29
C ALA B 452 11.70 -12.93 -0.42
N ASP B 453 11.95 -13.21 -1.69
CA ASP B 453 12.93 -12.45 -2.44
C ASP B 453 12.38 -11.70 -3.65
N LEU B 454 11.07 -11.48 -3.69
CA LEU B 454 10.46 -10.80 -4.83
C LEU B 454 10.70 -9.29 -4.87
N VAL B 455 10.62 -8.64 -3.71
CA VAL B 455 10.80 -7.20 -3.65
C VAL B 455 12.30 -6.88 -3.57
N ASP B 456 12.73 -5.93 -4.38
CA ASP B 456 14.14 -5.54 -4.44
C ASP B 456 14.89 -5.57 -3.10
N SER B 457 14.48 -4.71 -2.16
CA SER B 457 15.07 -4.58 -0.83
C SER B 457 15.79 -3.23 -0.73
N THR B 458 16.42 -2.83 -1.83
CA THR B 458 17.11 -1.53 -1.88
C THR B 458 16.09 -0.48 -2.24
N ASP B 459 15.09 -0.89 -3.02
CA ASP B 459 14.05 0.02 -3.47
C ASP B 459 12.72 -0.75 -3.55
N ASN B 460 11.89 -0.58 -2.53
CA ASN B 460 10.61 -1.27 -2.47
C ASN B 460 9.72 -1.11 -3.69
N THR B 461 9.92 -0.07 -4.48
CA THR B 461 9.08 0.16 -5.65
C THR B 461 9.41 -0.81 -6.79
N LYS B 462 10.47 -1.60 -6.61
CA LYS B 462 10.91 -2.53 -7.65
C LYS B 462 10.84 -4.01 -7.30
N ILE B 463 10.74 -4.81 -8.36
CA ILE B 463 10.68 -6.27 -8.28
C ILE B 463 11.98 -6.82 -8.83
N ASN B 464 12.54 -7.85 -8.19
CA ASN B 464 13.76 -8.48 -8.67
C ASN B 464 13.46 -9.34 -9.88
N ARG B 465 14.13 -9.08 -10.99
CA ARG B 465 13.92 -9.82 -12.24
C ARG B 465 14.20 -11.34 -12.17
N GLY B 466 15.21 -11.73 -11.40
CA GLY B 466 15.52 -13.14 -11.30
C GLY B 466 14.42 -13.98 -10.65
N ILE B 467 13.82 -13.45 -9.58
CA ILE B 467 12.73 -14.15 -8.90
C ILE B 467 11.49 -14.13 -9.77
N PHE B 468 11.31 -13.00 -10.44
CA PHE B 468 10.18 -12.83 -11.33
C PHE B 468 10.21 -13.87 -12.45
N ASN B 469 11.35 -14.01 -13.11
CA ASN B 469 11.45 -14.98 -14.20
C ASN B 469 11.19 -16.40 -13.72
N GLU B 470 11.64 -16.71 -12.50
CA GLU B 470 11.43 -18.05 -11.94
C GLU B 470 9.94 -18.25 -11.63
N PHE B 471 9.29 -17.22 -11.13
CA PHE B 471 7.86 -17.28 -10.80
C PHE B 471 7.00 -17.57 -12.03
N LYS B 472 7.32 -16.89 -13.12
CA LYS B 472 6.61 -17.00 -14.39
C LYS B 472 6.89 -18.27 -15.17
N LYS B 473 8.12 -18.77 -15.05
CA LYS B 473 8.60 -19.95 -15.75
C LYS B 473 7.61 -21.09 -16.09
N ASN B 474 6.93 -21.62 -15.09
CA ASN B 474 5.99 -22.71 -15.36
C ASN B 474 4.58 -22.40 -14.88
N PHE B 475 4.12 -21.19 -15.19
CA PHE B 475 2.81 -20.76 -14.78
C PHE B 475 1.88 -20.68 -16.00
N LYS B 476 1.18 -21.80 -16.30
CA LYS B 476 0.33 -21.91 -17.47
C LYS B 476 -1.13 -22.03 -17.06
N TYR B 477 -1.49 -22.60 -15.92
CA TYR B 477 -2.89 -22.71 -15.53
C TYR B 477 -3.09 -22.61 -14.03
N SER B 478 -4.29 -22.20 -13.64
CA SER B 478 -4.61 -21.97 -12.24
C SER B 478 -6.02 -22.44 -11.89
N ILE B 479 -6.23 -22.83 -10.63
CA ILE B 479 -7.54 -23.30 -10.18
C ILE B 479 -8.00 -22.59 -8.92
N SER B 480 -9.27 -22.22 -8.87
CA SER B 480 -9.81 -21.60 -7.68
C SER B 480 -10.82 -22.59 -7.07
N SER B 481 -10.44 -23.20 -5.96
CA SER B 481 -11.34 -24.13 -5.27
C SER B 481 -12.34 -23.37 -4.41
N ASN B 482 -11.98 -22.16 -4.00
CA ASN B 482 -12.91 -21.37 -3.20
C ASN B 482 -13.56 -20.28 -4.03
N TYR B 483 -14.35 -19.42 -3.40
CA TYR B 483 -15.04 -18.36 -4.12
C TYR B 483 -14.19 -17.09 -4.26
N MET B 484 -13.77 -16.81 -5.49
CA MET B 484 -12.97 -15.62 -5.76
C MET B 484 -13.79 -14.35 -5.56
N ILE B 485 -13.23 -13.41 -4.82
CA ILE B 485 -13.89 -12.11 -4.61
C ILE B 485 -13.07 -11.18 -5.51
N VAL B 486 -13.72 -10.52 -6.46
CA VAL B 486 -13.03 -9.68 -7.42
C VAL B 486 -13.61 -8.29 -7.59
N ASP B 487 -12.77 -7.37 -8.06
CA ASP B 487 -13.15 -5.99 -8.29
C ASP B 487 -13.68 -5.73 -9.70
N ILE B 488 -14.74 -4.92 -9.82
CA ILE B 488 -15.32 -4.58 -11.12
C ILE B 488 -14.29 -3.73 -11.90
N ASN B 489 -13.70 -2.75 -11.20
CA ASN B 489 -12.68 -1.86 -11.76
C ASN B 489 -11.41 -2.03 -10.92
N GLU B 490 -10.24 -2.07 -11.55
CA GLU B 490 -9.02 -2.30 -10.77
C GLU B 490 -8.80 -1.25 -9.72
N ARG B 491 -8.33 -1.72 -8.56
CA ARG B 491 -8.11 -0.87 -7.42
C ARG B 491 -6.71 -1.04 -6.85
N PRO B 492 -6.28 -0.08 -6.02
CA PRO B 492 -4.95 -0.11 -5.40
C PRO B 492 -4.78 -1.28 -4.42
N ALA B 493 -3.57 -1.85 -4.41
CA ALA B 493 -3.22 -3.00 -3.56
C ALA B 493 -2.59 -2.63 -2.21
N LEU B 494 -2.51 -3.61 -1.32
CA LEU B 494 -1.89 -3.45 0.00
C LEU B 494 -0.41 -3.81 -0.20
N ASP B 495 0.44 -3.36 0.72
CA ASP B 495 1.89 -3.62 0.65
C ASP B 495 2.24 -5.05 0.23
N ASN B 496 1.62 -6.04 0.87
CA ASN B 496 1.94 -7.44 0.55
C ASN B 496 1.28 -8.03 -0.69
N GLU B 497 0.60 -7.20 -1.47
CA GLU B 497 -0.05 -7.68 -2.69
C GLU B 497 0.68 -7.13 -3.92
N ARG B 498 1.59 -7.91 -4.48
CA ARG B 498 2.33 -7.47 -5.65
C ARG B 498 1.86 -8.17 -6.92
N LEU B 499 0.75 -8.88 -6.83
CA LEU B 499 0.19 -9.57 -7.99
C LEU B 499 -1.08 -8.87 -8.42
N LYS B 500 -1.17 -8.54 -9.69
CA LYS B 500 -2.37 -7.89 -10.19
C LYS B 500 -2.98 -8.71 -11.35
N TRP B 501 -4.03 -9.44 -11.00
CA TRP B 501 -4.74 -10.30 -11.94
C TRP B 501 -5.79 -9.53 -12.71
N ARG B 502 -5.82 -9.75 -14.03
CA ARG B 502 -6.85 -9.18 -14.91
C ARG B 502 -7.47 -10.47 -15.44
N ILE B 503 -8.72 -10.75 -15.08
CA ILE B 503 -9.37 -12.01 -15.47
C ILE B 503 -10.48 -11.88 -16.49
N GLN B 504 -10.37 -12.59 -17.61
CA GLN B 504 -11.44 -12.53 -18.61
C GLN B 504 -12.49 -13.59 -18.27
N LEU B 505 -13.68 -13.17 -17.85
CA LEU B 505 -14.75 -14.09 -17.50
C LEU B 505 -15.41 -14.75 -18.70
N SER B 506 -15.97 -15.94 -18.45
CA SER B 506 -16.70 -16.65 -19.47
C SER B 506 -18.13 -16.14 -19.27
N PRO B 507 -18.92 -16.05 -20.33
CA PRO B 507 -20.29 -15.56 -20.19
C PRO B 507 -21.14 -16.51 -19.35
N ASP B 508 -20.66 -17.75 -19.22
CA ASP B 508 -21.34 -18.79 -18.47
C ASP B 508 -20.90 -18.84 -17.00
N THR B 509 -19.86 -18.07 -16.67
CA THR B 509 -19.39 -18.04 -15.29
C THR B 509 -20.46 -17.47 -14.40
N ARG B 510 -20.78 -18.19 -13.33
CA ARG B 510 -21.80 -17.76 -12.39
C ARG B 510 -21.19 -16.86 -11.32
N ALA B 511 -21.94 -15.87 -10.87
CA ALA B 511 -21.40 -14.95 -9.88
C ALA B 511 -22.48 -14.16 -9.17
N GLY B 512 -22.09 -13.55 -8.05
CA GLY B 512 -23.01 -12.73 -7.27
C GLY B 512 -22.42 -11.33 -7.10
N TYR B 513 -23.29 -10.34 -6.96
CA TYR B 513 -22.85 -8.96 -6.79
C TYR B 513 -22.73 -8.50 -5.34
N LEU B 514 -21.76 -7.63 -5.09
CA LEU B 514 -21.54 -7.04 -3.76
C LEU B 514 -21.62 -5.53 -3.97
N GLU B 515 -22.25 -4.83 -3.02
CA GLU B 515 -22.45 -3.39 -3.13
C GLU B 515 -21.21 -2.51 -3.28
N ASN B 516 -20.07 -2.95 -2.77
CA ASN B 516 -18.86 -2.15 -2.88
C ASN B 516 -18.18 -2.32 -4.25
N GLY B 517 -18.98 -2.63 -5.27
CA GLY B 517 -18.46 -2.79 -6.62
C GLY B 517 -17.56 -4.00 -6.82
N LYS B 518 -17.93 -5.11 -6.18
CA LYS B 518 -17.19 -6.35 -6.28
C LYS B 518 -18.15 -7.47 -6.68
N LEU B 519 -17.60 -8.58 -7.14
CA LEU B 519 -18.40 -9.72 -7.51
C LEU B 519 -17.78 -10.91 -6.83
N ILE B 520 -18.63 -11.85 -6.42
CA ILE B 520 -18.16 -13.08 -5.82
C ILE B 520 -18.42 -14.08 -6.91
N LEU B 521 -17.39 -14.85 -7.27
CA LEU B 521 -17.54 -15.83 -8.33
C LEU B 521 -17.80 -17.23 -7.76
N GLN B 522 -18.40 -18.08 -8.59
CA GLN B 522 -18.68 -19.47 -8.22
C GLN B 522 -17.35 -20.17 -7.94
N ARG B 523 -17.39 -21.20 -7.09
CA ARG B 523 -16.20 -21.98 -6.75
C ARG B 523 -15.91 -22.92 -7.93
N ASN B 524 -14.80 -23.64 -7.88
CA ASN B 524 -14.41 -24.56 -8.95
C ASN B 524 -14.27 -23.88 -10.32
N ILE B 525 -13.40 -22.86 -10.38
CA ILE B 525 -13.14 -22.13 -11.63
C ILE B 525 -11.78 -22.50 -12.19
N GLY B 526 -11.73 -22.65 -13.51
CA GLY B 526 -10.48 -22.97 -14.18
C GLY B 526 -9.93 -21.70 -14.80
N LEU B 527 -8.61 -21.53 -14.76
CA LEU B 527 -7.99 -20.33 -15.32
C LEU B 527 -6.78 -20.67 -16.18
N GLU B 528 -6.77 -20.14 -17.40
CA GLU B 528 -5.65 -20.34 -18.32
C GLU B 528 -4.79 -19.06 -18.22
N ILE B 529 -3.50 -19.18 -17.96
CA ILE B 529 -2.68 -17.97 -17.88
C ILE B 529 -2.20 -17.53 -19.27
N LYS B 530 -2.69 -16.39 -19.72
CA LYS B 530 -2.33 -15.89 -21.06
C LYS B 530 -1.02 -15.13 -21.13
N ASP B 531 -0.72 -14.34 -20.11
CA ASP B 531 0.48 -13.52 -20.10
C ASP B 531 0.88 -13.10 -18.67
N VAL B 532 2.19 -13.08 -18.39
CA VAL B 532 2.70 -12.66 -17.09
C VAL B 532 3.81 -11.63 -17.31
N GLN B 533 3.59 -10.41 -16.86
CA GLN B 533 4.60 -9.36 -17.06
C GLN B 533 4.72 -8.35 -15.92
N ILE B 534 5.85 -7.67 -15.90
CA ILE B 534 6.09 -6.65 -14.90
C ILE B 534 5.54 -5.35 -15.45
N ILE B 535 4.68 -4.69 -14.68
CA ILE B 535 4.08 -3.43 -15.09
C ILE B 535 4.33 -2.39 -14.01
N LYS B 536 3.86 -1.17 -14.26
CA LYS B 536 4.01 -0.09 -13.31
C LYS B 536 2.68 0.59 -13.08
N GLN B 537 2.29 0.75 -11.81
CA GLN B 537 1.05 1.43 -11.50
C GLN B 537 1.35 2.35 -10.31
N SER B 538 0.97 3.62 -10.41
CA SER B 538 1.23 4.60 -9.36
C SER B 538 2.71 4.59 -8.94
N GLU B 539 3.59 4.54 -9.94
CA GLU B 539 5.04 4.52 -9.74
C GLU B 539 5.58 3.34 -8.94
N LYS B 540 4.84 2.24 -8.94
CA LYS B 540 5.28 1.06 -8.24
C LYS B 540 5.15 -0.15 -9.17
N GLU B 541 6.15 -1.01 -9.16
CA GLU B 541 6.13 -2.20 -10.00
C GLU B 541 5.27 -3.33 -9.44
N TYR B 542 4.59 -4.03 -10.35
CA TYR B 542 3.73 -5.16 -9.98
C TYR B 542 3.81 -6.25 -11.04
N ILE B 543 3.37 -7.45 -10.69
CA ILE B 543 3.34 -8.54 -11.65
C ILE B 543 1.90 -8.62 -12.15
N ARG B 544 1.72 -8.31 -13.42
CA ARG B 544 0.40 -8.38 -14.05
C ARG B 544 0.17 -9.81 -14.46
N ILE B 545 -0.99 -10.35 -14.16
CA ILE B 545 -1.27 -11.72 -14.58
C ILE B 545 -2.55 -11.72 -15.37
N ASP B 546 -2.44 -11.96 -16.67
CA ASP B 546 -3.62 -11.99 -17.53
C ASP B 546 -4.12 -13.42 -17.58
N ALA B 547 -5.36 -13.62 -17.18
CA ALA B 547 -5.91 -14.96 -17.18
C ALA B 547 -7.29 -15.01 -17.82
N LYS B 548 -7.60 -16.17 -18.40
CA LYS B 548 -8.88 -16.40 -19.05
C LYS B 548 -9.64 -17.54 -18.35
N VAL B 549 -10.88 -17.29 -17.96
CA VAL B 549 -11.66 -18.34 -17.31
C VAL B 549 -12.00 -19.43 -18.33
N VAL B 550 -11.76 -20.68 -17.95
CA VAL B 550 -12.06 -21.86 -18.78
C VAL B 550 -12.72 -22.92 -17.87
N PRO B 551 -13.27 -24.00 -18.46
CA PRO B 551 -13.90 -25.01 -17.61
C PRO B 551 -12.82 -25.66 -16.74
N LYS B 552 -13.10 -25.83 -15.46
CA LYS B 552 -12.12 -26.45 -14.58
C LYS B 552 -11.76 -27.87 -15.06
N SER B 553 -12.73 -28.56 -15.66
CA SER B 553 -12.49 -29.91 -16.16
C SER B 553 -11.30 -29.94 -17.10
N LYS B 554 -11.19 -28.92 -17.95
CA LYS B 554 -10.08 -28.81 -18.91
C LYS B 554 -8.73 -28.81 -18.21
N ILE B 555 -8.66 -28.17 -17.05
CA ILE B 555 -7.43 -28.10 -16.29
C ILE B 555 -7.19 -29.41 -15.51
N ASP B 556 -8.25 -30.03 -14.99
CA ASP B 556 -8.08 -31.30 -14.27
C ASP B 556 -7.51 -32.39 -15.19
N THR B 557 -7.95 -32.42 -16.43
CA THR B 557 -7.44 -33.45 -17.34
C THR B 557 -5.97 -33.21 -17.64
N LYS B 558 -5.56 -31.94 -17.69
CA LYS B 558 -4.14 -31.63 -17.92
C LYS B 558 -3.33 -32.17 -16.74
N ILE B 559 -3.84 -32.02 -15.52
CA ILE B 559 -3.16 -32.51 -14.30
C ILE B 559 -3.06 -34.04 -14.35
N GLN B 560 -4.17 -34.68 -14.70
CA GLN B 560 -4.25 -36.13 -14.82
C GLN B 560 -3.23 -36.63 -15.81
N GLU B 561 -3.16 -35.99 -16.98
CA GLU B 561 -2.20 -36.40 -18.01
C GLU B 561 -0.75 -36.29 -17.50
N ALA B 562 -0.46 -35.22 -16.77
CA ALA B 562 0.89 -35.03 -16.23
C ALA B 562 1.21 -36.13 -15.20
N GLN B 563 0.23 -36.45 -14.35
CA GLN B 563 0.46 -37.49 -13.36
C GLN B 563 0.87 -38.77 -14.05
N LEU B 564 0.16 -39.16 -15.10
CA LEU B 564 0.51 -40.38 -15.84
C LEU B 564 1.88 -40.23 -16.48
N ASN B 565 2.13 -39.07 -17.06
CA ASN B 565 3.41 -38.83 -17.72
C ASN B 565 4.59 -38.87 -16.77
N ILE B 566 4.48 -38.25 -15.59
CA ILE B 566 5.63 -38.26 -14.68
C ILE B 566 5.93 -39.65 -14.11
N ASN B 567 4.91 -40.49 -13.97
CA ASN B 567 5.10 -41.84 -13.46
C ASN B 567 5.78 -42.73 -14.49
N GLN B 568 5.40 -42.58 -15.75
CA GLN B 568 6.02 -43.37 -16.78
C GLN B 568 7.50 -43.01 -16.83
N GLU B 569 7.84 -41.73 -16.69
CA GLU B 569 9.24 -41.33 -16.74
C GLU B 569 10.06 -41.90 -15.59
N TRP B 570 9.54 -41.79 -14.37
CA TRP B 570 10.27 -42.31 -13.22
C TRP B 570 10.24 -43.82 -12.98
N ASN B 571 9.20 -44.50 -13.46
CA ASN B 571 9.17 -45.95 -13.29
C ASN B 571 10.35 -46.47 -14.10
N LYS B 572 10.55 -45.86 -15.27
CA LYS B 572 11.64 -46.24 -16.14
C LYS B 572 13.01 -45.91 -15.53
N ALA B 573 13.19 -44.65 -15.13
CA ALA B 573 14.46 -44.21 -14.56
C ALA B 573 14.82 -44.94 -13.27
N LEU B 574 13.81 -45.32 -12.49
CA LEU B 574 14.06 -46.03 -11.22
C LEU B 574 14.00 -47.55 -11.39
N GLY B 575 13.70 -48.01 -12.60
CA GLY B 575 13.62 -49.44 -12.83
C GLY B 575 12.46 -50.11 -12.09
N LEU B 576 11.38 -49.37 -11.88
CA LEU B 576 10.20 -49.91 -11.21
C LEU B 576 9.30 -50.57 -12.23
N PRO B 577 8.50 -51.55 -11.81
CA PRO B 577 7.60 -52.23 -12.73
C PRO B 577 6.73 -51.23 -13.50
N LYS B 578 6.41 -51.60 -14.73
CA LYS B 578 5.57 -50.78 -15.58
C LYS B 578 4.22 -50.72 -14.86
N TYR B 579 3.54 -49.57 -14.95
CA TYR B 579 2.24 -49.38 -14.31
C TYR B 579 2.30 -49.08 -12.82
N THR B 580 3.50 -49.02 -12.27
CA THR B 580 3.66 -48.71 -10.85
C THR B 580 3.12 -47.30 -10.59
N LYS B 581 2.35 -47.15 -9.52
CA LYS B 581 1.81 -45.85 -9.15
C LYS B 581 2.61 -45.33 -7.96
N LEU B 582 3.51 -44.39 -8.22
CA LEU B 582 4.37 -43.84 -7.18
C LEU B 582 4.10 -42.38 -6.89
N ILE B 583 3.90 -41.60 -7.95
CA ILE B 583 3.69 -40.17 -7.83
C ILE B 583 2.26 -39.70 -7.93
N THR B 584 1.83 -38.86 -7.00
CA THR B 584 0.48 -38.36 -7.01
C THR B 584 0.43 -36.84 -7.00
N PHE B 585 -0.41 -36.27 -7.86
CA PHE B 585 -0.58 -34.82 -7.92
C PHE B 585 -1.94 -34.52 -7.28
N ASN B 586 -1.92 -33.91 -6.11
CA ASN B 586 -3.15 -33.53 -5.43
C ASN B 586 -3.18 -32.00 -5.58
N VAL B 587 -3.58 -31.54 -6.77
CA VAL B 587 -3.57 -30.11 -7.10
C VAL B 587 -4.92 -29.44 -7.30
N HIS B 588 -5.17 -28.39 -6.52
CA HIS B 588 -6.47 -27.72 -6.57
C HIS B 588 -6.47 -26.20 -6.46
N ASN B 589 -5.32 -25.56 -6.28
CA ASN B 589 -5.34 -24.11 -6.11
C ASN B 589 -4.72 -23.22 -7.19
N ARG B 590 -4.57 -21.93 -6.89
CA ARG B 590 -4.12 -20.92 -7.84
C ARG B 590 -2.76 -20.97 -8.53
N TYR B 591 -1.83 -21.79 -8.04
CA TYR B 591 -0.51 -21.91 -8.67
C TYR B 591 -0.37 -23.33 -9.21
N ALA B 592 -1.51 -23.93 -9.53
CA ALA B 592 -1.58 -25.32 -10.03
C ALA B 592 -0.50 -25.85 -10.95
N SER B 593 -0.34 -25.24 -12.13
CA SER B 593 0.68 -25.74 -13.05
C SER B 593 2.10 -25.75 -12.49
N ASN B 594 2.42 -24.84 -11.57
CA ASN B 594 3.78 -24.86 -11.03
C ASN B 594 3.99 -26.04 -10.07
N ILE B 595 2.96 -26.39 -9.30
CA ILE B 595 3.10 -27.53 -8.40
C ILE B 595 3.47 -28.73 -9.27
N VAL B 596 2.76 -28.89 -10.38
CA VAL B 596 3.01 -30.00 -11.30
C VAL B 596 4.39 -29.99 -11.96
N GLU B 597 4.76 -28.87 -12.56
CA GLU B 597 6.05 -28.77 -13.22
C GLU B 597 7.25 -28.85 -12.26
N SER B 598 7.13 -28.27 -11.07
CA SER B 598 8.29 -28.34 -10.17
C SER B 598 8.61 -29.75 -9.67
N ALA B 599 7.62 -30.64 -9.67
CA ALA B 599 7.85 -32.02 -9.23
C ALA B 599 8.89 -32.69 -10.10
N TYR B 600 8.86 -32.41 -11.40
CA TYR B 600 9.85 -33.01 -12.29
C TYR B 600 11.23 -32.50 -11.85
N LEU B 601 11.31 -31.19 -11.60
CA LEU B 601 12.55 -30.53 -11.19
C LEU B 601 13.05 -31.05 -9.85
N ILE B 602 12.13 -31.18 -8.89
CA ILE B 602 12.46 -31.70 -7.58
C ILE B 602 13.05 -33.10 -7.65
N LEU B 603 12.42 -34.00 -8.40
CA LEU B 603 12.93 -35.36 -8.51
C LEU B 603 14.24 -35.43 -9.31
N ASN B 604 14.44 -34.48 -10.23
CA ASN B 604 15.67 -34.45 -11.02
C ASN B 604 16.83 -34.16 -10.07
N GLU B 605 16.66 -33.17 -9.20
CA GLU B 605 17.71 -32.83 -8.23
C GLU B 605 17.94 -34.01 -7.29
N TRP B 606 16.85 -34.61 -6.84
CA TRP B 606 16.91 -35.76 -5.94
C TRP B 606 17.80 -36.86 -6.51
N LYS B 607 17.56 -37.22 -7.77
CA LYS B 607 18.33 -38.28 -8.43
C LYS B 607 19.78 -37.86 -8.70
N ASN B 608 19.99 -36.57 -8.97
CA ASN B 608 21.31 -36.04 -9.25
C ASN B 608 22.23 -35.97 -8.03
N ASN B 609 21.65 -35.67 -6.86
CA ASN B 609 22.45 -35.54 -5.65
C ASN B 609 22.56 -36.79 -4.78
N ILE B 610 21.88 -37.86 -5.15
CA ILE B 610 21.92 -39.07 -4.33
C ILE B 610 22.26 -40.32 -5.12
N GLN B 611 22.97 -41.24 -4.47
CA GLN B 611 23.41 -42.48 -5.10
C GLN B 611 22.25 -43.37 -5.59
N SER B 612 22.30 -43.73 -6.87
CA SER B 612 21.27 -44.56 -7.51
C SER B 612 20.74 -45.71 -6.67
N ASP B 613 21.63 -46.57 -6.18
CA ASP B 613 21.22 -47.72 -5.37
C ASP B 613 20.50 -47.36 -4.07
N LEU B 614 20.84 -46.22 -3.48
CA LEU B 614 20.19 -45.78 -2.25
C LEU B 614 18.77 -45.37 -2.59
N ILE B 615 18.64 -44.67 -3.72
CA ILE B 615 17.35 -44.21 -4.21
C ILE B 615 16.47 -45.39 -4.62
N LYS B 616 17.04 -46.39 -5.27
CA LYS B 616 16.24 -47.56 -5.68
C LYS B 616 15.72 -48.37 -4.51
N LYS B 617 16.61 -48.74 -3.59
CA LYS B 617 16.24 -49.54 -2.43
C LYS B 617 15.22 -48.86 -1.53
N VAL B 618 15.45 -47.60 -1.20
CA VAL B 618 14.51 -46.90 -0.34
C VAL B 618 13.17 -46.77 -1.04
N THR B 619 13.19 -46.38 -2.30
CA THR B 619 11.95 -46.21 -3.05
C THR B 619 11.20 -47.55 -3.19
N ASN B 620 11.93 -48.62 -3.51
CA ASN B 620 11.29 -49.93 -3.65
C ASN B 620 10.62 -50.34 -2.35
N TYR B 621 11.19 -49.89 -1.23
CA TYR B 621 10.63 -50.20 0.09
C TYR B 621 9.31 -49.45 0.26
N LEU B 622 9.29 -48.21 -0.20
CA LEU B 622 8.08 -47.39 -0.12
C LEU B 622 6.98 -47.99 -1.00
N VAL B 623 7.36 -48.37 -2.21
CA VAL B 623 6.41 -48.96 -3.15
C VAL B 623 5.84 -50.28 -2.62
N ASP B 624 6.67 -51.06 -1.94
CA ASP B 624 6.22 -52.34 -1.39
C ASP B 624 5.10 -52.13 -0.36
N GLY B 625 4.97 -50.90 0.13
CA GLY B 625 3.94 -50.59 1.10
C GLY B 625 2.90 -49.66 0.49
N ASN B 626 2.81 -49.71 -0.83
CA ASN B 626 1.89 -48.88 -1.60
C ASN B 626 2.01 -47.40 -1.22
N GLY B 627 3.25 -46.95 -1.03
CA GLY B 627 3.50 -45.57 -0.67
C GLY B 627 3.44 -44.66 -1.88
N ARG B 628 3.53 -43.34 -1.63
CA ARG B 628 3.47 -42.35 -2.69
C ARG B 628 4.35 -41.12 -2.41
N PHE B 629 4.78 -40.45 -3.47
CA PHE B 629 5.49 -39.17 -3.34
C PHE B 629 4.28 -38.29 -3.70
N VAL B 630 3.83 -37.47 -2.75
CA VAL B 630 2.67 -36.62 -2.97
C VAL B 630 3.01 -35.13 -3.06
N PHE B 631 2.73 -34.54 -4.22
CA PHE B 631 2.96 -33.12 -4.47
C PHE B 631 1.60 -32.45 -4.47
N THR B 632 1.42 -31.45 -3.61
CA THR B 632 0.10 -30.85 -3.49
C THR B 632 0.12 -29.40 -3.12
N ASP B 633 -1.03 -28.75 -3.25
CA ASP B 633 -1.16 -27.36 -2.85
C ASP B 633 -2.35 -27.20 -1.90
N ILE B 634 -2.73 -28.29 -1.23
CA ILE B 634 -3.80 -28.21 -0.20
C ILE B 634 -3.10 -28.60 1.09
N THR B 635 -3.60 -28.20 2.26
CA THR B 635 -2.87 -28.54 3.48
C THR B 635 -2.76 -30.05 3.74
N LEU B 636 -1.63 -30.45 4.31
CA LEU B 636 -1.35 -31.85 4.61
C LEU B 636 -2.38 -32.62 5.45
N PRO B 637 -3.08 -31.96 6.38
CA PRO B 637 -4.06 -32.71 7.18
C PRO B 637 -5.17 -33.24 6.27
N ASN B 638 -5.24 -32.72 5.04
CA ASN B 638 -6.28 -33.15 4.12
C ASN B 638 -5.85 -34.16 3.07
N ILE B 639 -4.65 -34.72 3.26
CA ILE B 639 -4.14 -35.73 2.35
C ILE B 639 -4.37 -37.10 3.03
N ALA B 640 -5.05 -38.00 2.34
CA ALA B 640 -5.35 -39.33 2.88
C ALA B 640 -4.13 -40.08 3.39
N GLU B 641 -3.02 -39.99 2.66
CA GLU B 641 -1.81 -40.69 3.10
C GLU B 641 -1.46 -40.32 4.55
N GLN B 642 -2.03 -39.21 5.04
CA GLN B 642 -1.81 -38.82 6.44
C GLN B 642 -3.05 -39.09 7.30
N TYR B 643 -4.19 -38.52 6.90
CA TYR B 643 -5.38 -38.68 7.73
C TYR B 643 -5.99 -40.06 7.91
N THR B 644 -5.76 -41.00 6.99
CA THR B 644 -6.35 -42.32 7.18
C THR B 644 -5.57 -43.12 8.22
N HIS B 645 -4.42 -42.60 8.64
CA HIS B 645 -3.60 -43.29 9.63
C HIS B 645 -3.51 -42.54 10.95
N GLN B 646 -4.35 -41.54 11.16
CA GLN B 646 -4.34 -40.77 12.40
C GLN B 646 -5.30 -41.43 13.39
N ASP B 647 -4.95 -41.40 14.67
CA ASP B 647 -5.81 -41.98 15.70
C ASP B 647 -6.91 -40.96 15.98
N GLU B 648 -6.48 -39.74 16.31
CA GLU B 648 -7.41 -38.65 16.59
C GLU B 648 -7.25 -37.58 15.52
N ILE B 649 -8.28 -36.77 15.33
CA ILE B 649 -8.26 -35.71 14.32
C ILE B 649 -7.16 -34.70 14.61
N TYR B 650 -7.03 -34.30 15.87
CA TYR B 650 -6.05 -33.30 16.27
C TYR B 650 -4.59 -33.72 16.17
N GLU B 651 -4.35 -35.01 15.94
CA GLU B 651 -3.00 -35.50 15.80
C GLU B 651 -2.51 -35.26 14.37
N GLN B 652 -2.92 -34.14 13.79
CA GLN B 652 -2.55 -33.78 12.43
C GLN B 652 -1.39 -32.81 12.35
N VAL B 653 -0.63 -32.89 11.26
CA VAL B 653 0.52 -32.03 11.05
C VAL B 653 0.46 -31.33 9.71
N HIS B 654 0.76 -30.04 9.69
CA HIS B 654 0.83 -29.30 8.44
C HIS B 654 2.15 -28.57 8.41
N SER B 655 2.93 -28.81 7.37
CA SER B 655 4.22 -28.16 7.22
C SER B 655 4.67 -28.27 5.78
N LYS B 656 5.90 -27.86 5.51
CA LYS B 656 6.44 -27.92 4.16
C LYS B 656 6.47 -29.35 3.66
N GLY B 657 6.88 -30.27 4.52
CA GLY B 657 6.96 -31.66 4.14
C GLY B 657 6.56 -32.57 5.27
N LEU B 658 6.55 -33.88 5.03
CA LEU B 658 6.17 -34.84 6.03
C LEU B 658 6.32 -36.26 5.50
N TYR B 659 6.83 -37.15 6.34
CA TYR B 659 6.99 -38.56 5.98
C TYR B 659 6.09 -39.33 6.93
N VAL B 660 5.17 -40.11 6.37
CA VAL B 660 4.24 -40.90 7.17
C VAL B 660 4.66 -42.37 7.07
N PRO B 661 5.26 -42.92 8.15
CA PRO B 661 5.72 -44.31 8.22
C PRO B 661 4.64 -45.32 7.88
N GLU B 662 3.48 -45.17 8.50
CA GLU B 662 2.35 -46.09 8.28
C GLU B 662 1.98 -46.25 6.81
N SER B 663 2.12 -45.19 6.03
CA SER B 663 1.78 -45.25 4.60
C SER B 663 3.00 -45.15 3.69
N ARG B 664 4.20 -45.12 4.28
CA ARG B 664 5.44 -45.01 3.53
C ARG B 664 5.34 -43.97 2.42
N SER B 665 4.88 -42.78 2.76
CA SER B 665 4.71 -41.72 1.78
C SER B 665 5.36 -40.40 2.15
N ILE B 666 5.80 -39.67 1.13
CA ILE B 666 6.40 -38.36 1.32
C ILE B 666 5.37 -37.36 0.81
N LEU B 667 5.02 -36.37 1.63
CA LEU B 667 4.06 -35.35 1.21
C LEU B 667 4.85 -34.03 1.15
N LEU B 668 4.68 -33.29 0.06
CA LEU B 668 5.38 -32.02 -0.10
C LEU B 668 4.40 -30.93 -0.47
N HIS B 669 4.25 -29.96 0.43
CA HIS B 669 3.34 -28.84 0.25
C HIS B 669 4.08 -27.73 -0.52
N GLY B 670 3.52 -27.32 -1.65
CA GLY B 670 4.15 -26.32 -2.48
C GLY B 670 4.19 -24.87 -2.05
N PRO B 671 3.04 -24.22 -1.86
CA PRO B 671 2.94 -22.81 -1.47
C PRO B 671 3.67 -22.36 -0.19
N SER B 672 3.86 -23.25 0.76
CA SER B 672 4.51 -22.85 2.00
C SER B 672 6.04 -22.73 1.86
N LYS B 673 6.65 -22.10 2.86
CA LYS B 673 8.10 -21.93 2.87
C LYS B 673 8.68 -22.75 4.03
N GLY B 674 9.59 -23.66 3.71
CA GLY B 674 10.18 -24.48 4.75
C GLY B 674 11.24 -23.74 5.54
N VAL B 675 11.44 -24.17 6.79
CA VAL B 675 12.42 -23.54 7.67
C VAL B 675 13.86 -23.96 7.32
N GLU B 676 14.73 -22.97 7.12
CA GLU B 676 16.13 -23.20 6.78
C GLU B 676 16.29 -23.71 5.35
N LEU B 677 15.21 -23.66 4.58
CA LEU B 677 15.25 -24.14 3.20
C LEU B 677 15.16 -23.00 2.20
N ARG B 678 15.69 -23.22 1.01
CA ARG B 678 15.64 -22.20 -0.03
C ARG B 678 15.02 -22.84 -1.27
N ASN B 679 14.73 -24.13 -1.16
CA ASN B 679 14.17 -24.89 -2.26
C ASN B 679 13.19 -25.97 -1.83
N ASP B 680 12.30 -26.34 -2.74
CA ASP B 680 11.36 -27.40 -2.45
C ASP B 680 12.16 -28.70 -2.53
N SER B 681 13.20 -28.70 -3.36
CA SER B 681 14.05 -29.88 -3.52
C SER B 681 14.70 -30.22 -2.20
N GLU B 682 15.16 -29.20 -1.50
CA GLU B 682 15.79 -29.38 -0.20
C GLU B 682 14.75 -29.92 0.78
N GLY B 683 13.53 -29.43 0.68
CA GLY B 683 12.46 -29.91 1.55
C GLY B 683 12.18 -31.38 1.31
N PHE B 684 12.15 -31.78 0.04
CA PHE B 684 11.88 -33.18 -0.35
C PHE B 684 13.01 -34.08 0.10
N ILE B 685 14.25 -33.66 -0.17
CA ILE B 685 15.41 -34.46 0.21
C ILE B 685 15.43 -34.65 1.72
N HIS B 686 14.99 -33.62 2.44
CA HIS B 686 14.93 -33.67 3.89
C HIS B 686 14.01 -34.83 4.30
N GLU B 687 12.83 -34.90 3.68
CA GLU B 687 11.87 -35.95 3.98
C GLU B 687 12.36 -37.33 3.55
N PHE B 688 13.13 -37.38 2.47
CA PHE B 688 13.66 -38.66 2.02
C PHE B 688 14.64 -39.12 3.09
N GLY B 689 15.19 -38.16 3.81
CA GLY B 689 16.12 -38.48 4.88
C GLY B 689 15.37 -39.36 5.87
N HIS B 690 14.15 -38.95 6.22
CA HIS B 690 13.33 -39.71 7.15
C HIS B 690 13.04 -41.13 6.64
N ALA B 691 12.77 -41.26 5.34
CA ALA B 691 12.50 -42.56 4.75
C ALA B 691 13.74 -43.46 4.84
N VAL B 692 14.91 -42.87 4.58
CA VAL B 692 16.17 -43.61 4.66
C VAL B 692 16.32 -44.08 6.11
N ASP B 693 15.98 -43.19 7.04
CA ASP B 693 16.04 -43.46 8.47
C ASP B 693 15.19 -44.71 8.75
N ASP B 694 13.97 -44.68 8.24
CA ASP B 694 13.01 -45.77 8.38
C ASP B 694 13.50 -47.10 7.80
N TYR B 695 13.92 -47.09 6.55
CA TYR B 695 14.40 -48.31 5.89
C TYR B 695 15.63 -48.90 6.56
N ALA B 696 16.55 -48.05 7.03
CA ALA B 696 17.75 -48.55 7.70
C ALA B 696 17.30 -49.24 8.99
N GLY B 697 16.38 -48.60 9.70
CA GLY B 697 15.89 -49.18 10.94
C GLY B 697 15.23 -50.50 10.64
N TYR B 698 14.35 -50.52 9.63
CA TYR B 698 13.65 -51.73 9.25
C TYR B 698 14.57 -52.90 8.93
N LEU B 699 15.65 -52.64 8.23
CA LEU B 699 16.60 -53.68 7.86
C LEU B 699 17.30 -54.31 9.07
N LEU B 700 17.28 -53.62 10.19
CA LEU B 700 17.92 -54.12 11.41
C LEU B 700 17.35 -55.45 11.86
N ASP B 701 16.03 -55.62 11.70
CA ASP B 701 15.37 -56.88 12.06
C ASP B 701 13.86 -56.81 11.85
N LYS B 702 13.20 -57.94 12.06
CA LYS B 702 11.75 -58.05 11.88
C LYS B 702 10.87 -57.27 12.84
N ASN B 703 11.47 -56.38 13.60
CA ASN B 703 10.70 -55.54 14.51
C ASN B 703 11.62 -54.46 15.04
N GLN B 704 11.03 -53.38 15.53
CA GLN B 704 11.81 -52.25 16.06
C GLN B 704 10.94 -51.01 16.01
N SER B 705 10.03 -51.01 15.03
CA SER B 705 9.09 -49.91 14.79
C SER B 705 9.62 -48.56 15.25
N ASP B 706 10.83 -48.23 14.81
CA ASP B 706 11.47 -46.97 15.15
C ASP B 706 12.31 -46.46 14.00
N LEU B 707 13.48 -45.95 14.33
CA LEU B 707 14.38 -45.39 13.37
C LEU B 707 15.80 -45.73 13.78
N VAL B 708 16.71 -45.76 12.82
CA VAL B 708 18.10 -46.06 13.12
C VAL B 708 18.61 -44.94 14.03
N THR B 709 17.89 -43.81 14.02
CA THR B 709 18.27 -42.66 14.84
C THR B 709 17.82 -42.90 16.27
N ASN B 710 17.04 -43.96 16.47
CA ASN B 710 16.57 -44.30 17.80
C ASN B 710 17.60 -45.19 18.46
N SER B 711 18.63 -45.55 17.71
CA SER B 711 19.70 -46.39 18.23
C SER B 711 20.46 -45.64 19.32
N LYS B 712 20.97 -46.39 20.28
CA LYS B 712 21.72 -45.82 21.38
C LYS B 712 22.96 -45.15 20.79
N LYS B 713 23.47 -45.71 19.69
CA LYS B 713 24.64 -45.17 19.02
C LYS B 713 24.40 -43.75 18.51
N PHE B 714 23.32 -43.56 17.76
CA PHE B 714 23.02 -42.24 17.21
C PHE B 714 22.64 -41.25 18.31
N ILE B 715 21.87 -41.69 19.29
CA ILE B 715 21.46 -40.81 20.38
C ILE B 715 22.69 -40.14 20.99
N ASP B 716 23.71 -40.93 21.28
CA ASP B 716 24.94 -40.40 21.85
C ASP B 716 25.58 -39.43 20.87
N ILE B 717 25.56 -39.77 19.58
CA ILE B 717 26.13 -38.90 18.55
C ILE B 717 25.36 -37.58 18.54
N PHE B 718 24.05 -37.67 18.70
CA PHE B 718 23.19 -36.48 18.71
C PHE B 718 23.51 -35.58 19.89
N LYS B 719 23.68 -36.18 21.06
CA LYS B 719 23.99 -35.41 22.25
C LYS B 719 25.30 -34.64 22.10
N GLU B 720 26.16 -35.12 21.20
CA GLU B 720 27.45 -34.47 20.98
C GLU B 720 27.51 -33.44 19.86
N GLU B 721 26.98 -33.79 18.68
CA GLU B 721 27.02 -32.88 17.55
C GLU B 721 25.65 -32.27 17.24
N GLY B 722 24.66 -32.69 18.02
CA GLY B 722 23.29 -32.23 17.84
C GLY B 722 23.05 -30.78 17.44
N SER B 723 23.87 -29.85 17.94
CA SER B 723 23.65 -28.45 17.60
C SER B 723 24.71 -27.82 16.70
N ASN B 724 25.46 -28.64 15.97
CA ASN B 724 26.51 -28.13 15.09
C ASN B 724 26.01 -27.84 13.68
N LEU B 725 24.78 -28.20 13.38
CA LEU B 725 24.23 -27.96 12.05
C LEU B 725 23.14 -26.88 12.14
N THR B 726 21.98 -27.13 11.56
CA THR B 726 20.90 -26.13 11.61
C THR B 726 20.19 -26.17 12.95
N SER B 727 19.54 -25.06 13.30
CA SER B 727 18.81 -25.00 14.56
C SER B 727 17.67 -26.01 14.51
N TYR B 728 17.01 -26.09 13.36
CA TYR B 728 15.90 -27.02 13.19
C TYR B 728 16.39 -28.44 13.42
N GLY B 729 17.66 -28.68 13.13
CA GLY B 729 18.23 -30.00 13.31
C GLY B 729 18.44 -30.35 14.77
N ARG B 730 18.44 -29.34 15.63
CA ARG B 730 18.63 -29.57 17.06
C ARG B 730 17.36 -30.03 17.77
N THR B 731 16.24 -30.04 17.05
CA THR B 731 14.95 -30.45 17.61
C THR B 731 15.02 -31.85 18.25
N ASN B 732 15.43 -32.84 17.46
CA ASN B 732 15.54 -34.22 17.94
C ASN B 732 16.47 -35.03 17.02
N GLU B 733 16.74 -36.27 17.40
CA GLU B 733 17.61 -37.11 16.60
C GLU B 733 17.08 -37.29 15.18
N ALA B 734 15.77 -37.51 15.06
CA ALA B 734 15.15 -37.68 13.76
C ALA B 734 15.43 -36.48 12.87
N GLU B 735 15.07 -35.29 13.37
CA GLU B 735 15.28 -34.06 12.62
C GLU B 735 16.76 -33.76 12.35
N PHE B 736 17.63 -34.06 13.31
CA PHE B 736 19.05 -33.82 13.13
C PHE B 736 19.56 -34.72 12.00
N PHE B 737 19.16 -35.99 12.03
CA PHE B 737 19.56 -36.95 11.02
C PHE B 737 19.09 -36.49 9.64
N ALA B 738 17.81 -36.13 9.53
CA ALA B 738 17.26 -35.68 8.27
C ALA B 738 17.99 -34.47 7.73
N GLU B 739 18.23 -33.50 8.61
CA GLU B 739 18.94 -32.27 8.22
C GLU B 739 20.35 -32.58 7.74
N ALA B 740 21.02 -33.47 8.47
CA ALA B 740 22.39 -33.85 8.11
C ALA B 740 22.37 -34.46 6.71
N PHE B 741 21.42 -35.36 6.50
CA PHE B 741 21.26 -36.05 5.23
C PHE B 741 21.04 -35.02 4.12
N ARG B 742 20.12 -34.10 4.36
CA ARG B 742 19.81 -33.06 3.39
C ARG B 742 21.06 -32.27 2.99
N LEU B 743 21.78 -31.75 3.98
CA LEU B 743 22.98 -30.97 3.74
C LEU B 743 24.07 -31.77 3.01
N MET B 744 24.19 -33.05 3.36
CA MET B 744 25.20 -33.90 2.73
C MET B 744 24.91 -34.17 1.27
N HIS B 745 23.68 -33.90 0.85
CA HIS B 745 23.28 -34.14 -0.53
C HIS B 745 22.78 -32.85 -1.18
N SER B 746 23.37 -31.74 -0.76
CA SER B 746 23.04 -30.41 -1.26
C SER B 746 23.70 -30.17 -2.62
N THR B 747 23.02 -29.43 -3.48
CA THR B 747 23.56 -29.12 -4.79
C THR B 747 24.86 -28.35 -4.60
N ASP B 748 24.94 -27.65 -3.47
CA ASP B 748 26.14 -26.89 -3.14
C ASP B 748 27.08 -27.80 -2.36
N HIS B 749 28.20 -28.18 -3.00
CA HIS B 749 29.17 -29.05 -2.36
C HIS B 749 29.78 -28.44 -1.09
N ALA B 750 29.76 -27.11 -1.00
CA ALA B 750 30.32 -26.43 0.17
C ALA B 750 29.51 -26.79 1.42
N GLU B 751 28.20 -26.85 1.26
CA GLU B 751 27.28 -27.19 2.35
C GLU B 751 27.58 -28.59 2.87
N ARG B 752 28.00 -29.47 1.97
CA ARG B 752 28.31 -30.85 2.31
C ARG B 752 29.59 -30.96 3.12
N LEU B 753 30.57 -30.13 2.79
CA LEU B 753 31.84 -30.12 3.51
C LEU B 753 31.59 -29.72 4.96
N LYS B 754 30.71 -28.73 5.14
CA LYS B 754 30.36 -28.24 6.47
C LYS B 754 30.00 -29.34 7.46
N VAL B 755 29.28 -30.35 6.97
CA VAL B 755 28.87 -31.45 7.84
C VAL B 755 30.06 -32.29 8.28
N GLN B 756 31.06 -32.40 7.42
CA GLN B 756 32.23 -33.20 7.74
C GLN B 756 33.16 -32.47 8.72
N LYS B 757 33.19 -31.15 8.65
CA LYS B 757 34.05 -30.38 9.54
C LYS B 757 33.34 -29.86 10.80
N ASN B 758 32.04 -30.12 10.92
CA ASN B 758 31.28 -29.68 12.08
C ASN B 758 30.60 -30.84 12.81
N ALA B 759 30.31 -31.90 12.08
CA ALA B 759 29.65 -33.08 12.66
C ALA B 759 30.25 -34.36 12.08
N PRO B 760 31.55 -34.58 12.31
CA PRO B 760 32.30 -35.75 11.83
C PRO B 760 31.67 -37.10 12.17
N LYS B 761 31.15 -37.24 13.38
CA LYS B 761 30.53 -38.49 13.80
C LYS B 761 29.28 -38.74 12.98
N THR B 762 28.51 -37.67 12.75
CA THR B 762 27.27 -37.73 11.99
C THR B 762 27.54 -38.01 10.52
N PHE B 763 28.50 -37.29 9.94
CA PHE B 763 28.85 -37.46 8.53
C PHE B 763 29.15 -38.94 8.27
N GLN B 764 29.88 -39.56 9.18
CA GLN B 764 30.25 -40.95 9.06
C GLN B 764 29.06 -41.88 9.37
N PHE B 765 28.23 -41.51 10.33
CA PHE B 765 27.08 -42.33 10.68
C PHE B 765 26.15 -42.46 9.47
N ILE B 766 25.84 -41.33 8.83
CA ILE B 766 24.95 -41.33 7.66
C ILE B 766 25.53 -42.20 6.53
N ASN B 767 26.78 -41.94 6.16
CA ASN B 767 27.39 -42.72 5.09
C ASN B 767 27.47 -44.20 5.45
N ASP B 768 27.49 -44.52 6.74
CA ASP B 768 27.52 -45.91 7.17
C ASP B 768 26.20 -46.59 6.84
N GLN B 769 25.10 -45.85 7.01
CA GLN B 769 23.76 -46.37 6.74
C GLN B 769 23.56 -46.55 5.24
N ILE B 770 23.90 -45.52 4.48
CA ILE B 770 23.77 -45.57 3.04
C ILE B 770 24.44 -46.83 2.53
N LYS B 771 25.68 -47.06 2.93
CA LYS B 771 26.40 -48.26 2.50
C LYS B 771 25.67 -49.51 2.98
N PHE B 772 25.18 -49.47 4.21
CA PHE B 772 24.45 -50.60 4.78
C PHE B 772 23.26 -50.95 3.89
N ILE B 773 22.55 -49.92 3.40
CA ILE B 773 21.41 -50.13 2.53
C ILE B 773 21.85 -50.61 1.16
N ILE B 774 22.84 -49.94 0.59
CA ILE B 774 23.36 -50.28 -0.74
C ILE B 774 23.95 -51.70 -0.81
N ASN B 775 24.64 -52.10 0.26
CA ASN B 775 25.27 -53.43 0.29
C ASN B 775 24.29 -54.55 0.62
N SER B 776 23.13 -54.18 1.16
CA SER B 776 22.11 -55.18 1.51
C SER B 776 21.47 -55.72 0.23
S SO4 C . -0.29 7.96 -12.26
O1 SO4 C . 0.98 8.13 -12.99
O2 SO4 C . -1.37 7.67 -13.21
O3 SO4 C . -0.62 9.18 -11.50
O4 SO4 C . -0.13 6.84 -11.32
ZN ZN D . 17.03 8.99 32.70
S SO4 E . -13.37 3.19 -6.34
O1 SO4 E . -12.96 2.28 -7.43
O2 SO4 E . -14.82 3.02 -6.08
O3 SO4 E . -13.12 4.58 -6.75
O4 SO4 E . -12.61 2.87 -5.13
ZN ZN F . 11.79 -33.73 9.37
#